data_2PKU
#
_entry.id   2PKU
#
_cell.length_a   1.000
_cell.length_b   1.000
_cell.length_c   1.000
_cell.angle_alpha   90.00
_cell.angle_beta   90.00
_cell.angle_gamma   90.00
#
_symmetry.space_group_name_H-M   'P 1'
#
loop_
_entity.id
_entity.type
_entity.pdbx_description
1 polymer 'PRKCA-binding protein'
2 polymer 'peptide (GLU)(SER)(VAL)(LYS)(ILE)'
#
loop_
_entity_poly.entity_id
_entity_poly.type
_entity_poly.pdbx_seq_one_letter_code
_entity_poly.pdbx_strand_id
1 'polypeptide(L)'
;TVPGKVTLQKDAQNLIGISIGGGAQYCPCLYIVQVFDNTPAALDGTVAAGDEITGVNGRSIKGKTKVEVAKMIQEVKGEV
TIHYNKL
;
A
2 'polypeptide(L)' ESVKI B
#
# COMPACT_ATOMS: atom_id res chain seq x y z
N THR A 1 7.82 -15.77 0.88
CA THR A 1 6.71 -14.89 1.19
C THR A 1 5.39 -15.51 0.73
N VAL A 2 4.28 -14.89 1.14
CA VAL A 2 2.96 -15.38 0.78
C VAL A 2 2.17 -14.32 0.00
N PRO A 3 1.88 -14.58 -1.29
CA PRO A 3 1.14 -13.63 -2.13
C PRO A 3 -0.32 -13.48 -1.69
N GLY A 4 -0.70 -12.26 -1.34
CA GLY A 4 -2.07 -12.01 -0.90
C GLY A 4 -2.55 -10.63 -1.29
N LYS A 5 -3.83 -10.52 -1.62
CA LYS A 5 -4.42 -9.25 -2.02
C LYS A 5 -5.74 -9.01 -1.29
N VAL A 6 -5.91 -7.81 -0.76
CA VAL A 6 -7.12 -7.45 -0.04
C VAL A 6 -7.79 -6.22 -0.65
N THR A 7 -9.12 -6.25 -0.72
CA THR A 7 -9.87 -5.14 -1.30
C THR A 7 -10.36 -4.19 -0.21
N LEU A 8 -9.53 -3.20 0.11
CA LEU A 8 -9.88 -2.21 1.13
C LEU A 8 -10.46 -0.95 0.51
N GLN A 9 -11.56 -0.47 1.08
CA GLN A 9 -12.22 0.74 0.58
C GLN A 9 -11.56 1.99 1.14
N LYS A 10 -11.52 3.04 0.34
CA LYS A 10 -10.92 4.30 0.76
C LYS A 10 -11.71 4.94 1.91
N ASP A 11 -11.04 5.79 2.67
CA ASP A 11 -11.68 6.46 3.79
C ASP A 11 -12.33 7.77 3.35
N ALA A 12 -12.76 8.58 4.32
CA ALA A 12 -13.40 9.85 4.02
C ALA A 12 -12.41 10.85 3.42
N GLN A 13 -11.15 10.71 3.80
CA GLN A 13 -10.10 11.59 3.31
C GLN A 13 -9.32 10.94 2.16
N ASN A 14 -10.01 10.08 1.40
CA ASN A 14 -9.40 9.38 0.27
C ASN A 14 -8.00 8.85 0.64
N LEU A 15 -7.90 8.22 1.80
CA LEU A 15 -6.62 7.67 2.26
C LEU A 15 -6.86 6.43 3.11
N ILE A 16 -6.55 5.26 2.54
CA ILE A 16 -6.72 4.00 3.24
C ILE A 16 -5.95 3.99 4.56
N GLY A 17 -4.85 4.75 4.60
CA GLY A 17 -4.05 4.82 5.81
C GLY A 17 -3.02 3.71 5.89
N ILE A 18 -1.90 3.90 5.18
CA ILE A 18 -0.83 2.92 5.18
C ILE A 18 0.47 3.53 4.64
N SER A 19 1.56 3.33 5.37
CA SER A 19 2.86 3.86 4.97
C SER A 19 3.64 2.84 4.16
N ILE A 20 4.57 3.32 3.34
CA ILE A 20 5.39 2.46 2.50
C ILE A 20 6.84 2.91 2.52
N GLY A 21 7.68 2.18 1.78
CA GLY A 21 9.09 2.53 1.71
C GLY A 21 9.79 1.89 0.54
N GLY A 22 10.40 2.70 -0.31
CA GLY A 22 11.10 2.19 -1.47
C GLY A 22 11.91 3.25 -2.18
N GLY A 23 12.75 2.82 -3.12
CA GLY A 23 13.57 3.76 -3.86
C GLY A 23 13.43 3.60 -5.37
N ALA A 24 14.55 3.69 -6.07
CA ALA A 24 14.55 3.55 -7.53
C ALA A 24 15.97 3.38 -8.07
N GLN A 25 16.08 2.66 -9.18
CA GLN A 25 17.39 2.42 -9.80
C GLN A 25 18.32 1.69 -8.83
N TYR A 26 17.74 0.97 -7.88
CA TYR A 26 18.52 0.24 -6.89
C TYR A 26 17.61 -0.48 -5.90
N CYS A 27 16.61 0.23 -5.41
CA CYS A 27 15.66 -0.35 -4.45
C CYS A 27 14.22 -0.12 -4.92
N PRO A 28 13.87 -0.66 -6.10
CA PRO A 28 12.51 -0.52 -6.67
C PRO A 28 11.47 -1.35 -5.92
N CYS A 29 11.94 -2.18 -4.99
CA CYS A 29 11.04 -3.04 -4.21
C CYS A 29 10.32 -2.23 -3.14
N LEU A 30 9.06 -1.87 -3.41
CA LEU A 30 8.27 -1.09 -2.46
C LEU A 30 7.63 -2.01 -1.42
N TYR A 31 7.69 -1.60 -0.17
CA TYR A 31 7.12 -2.39 0.92
C TYR A 31 6.36 -1.49 1.91
N ILE A 32 5.61 -2.11 2.81
CA ILE A 32 4.85 -1.36 3.81
C ILE A 32 5.65 -1.16 5.08
N VAL A 33 5.48 -0.01 5.71
CA VAL A 33 6.20 0.31 6.94
C VAL A 33 5.31 0.08 8.16
N GLN A 34 4.17 0.75 8.20
CA GLN A 34 3.24 0.61 9.32
C GLN A 34 1.86 1.15 8.95
N VAL A 35 0.93 1.07 9.89
CA VAL A 35 -0.44 1.55 9.67
C VAL A 35 -0.80 2.63 10.69
N PHE A 36 -1.86 3.37 10.40
CA PHE A 36 -2.33 4.42 11.28
C PHE A 36 -3.66 4.04 11.93
N ASP A 37 -3.93 4.61 13.10
CA ASP A 37 -5.16 4.31 13.83
C ASP A 37 -6.36 4.97 13.15
N ASN A 38 -7.53 4.37 13.34
CA ASN A 38 -8.76 4.88 12.76
C ASN A 38 -8.73 4.83 11.23
N THR A 39 -7.92 3.92 10.69
CA THR A 39 -7.82 3.77 9.24
C THR A 39 -8.45 2.45 8.78
N PRO A 40 -9.03 2.43 7.58
CA PRO A 40 -9.67 1.24 7.04
C PRO A 40 -8.69 0.06 6.95
N ALA A 41 -7.42 0.37 6.74
CA ALA A 41 -6.38 -0.65 6.64
C ALA A 41 -6.10 -1.27 8.01
N ALA A 42 -6.24 -0.47 9.05
CA ALA A 42 -6.01 -0.94 10.41
C ALA A 42 -7.24 -1.61 10.99
N LEU A 43 -8.38 -0.93 10.90
CA LEU A 43 -9.64 -1.46 11.42
C LEU A 43 -9.97 -2.79 10.75
N ASP A 44 -9.65 -2.91 9.47
CA ASP A 44 -9.92 -4.13 8.72
C ASP A 44 -9.00 -5.26 9.18
N GLY A 45 -7.73 -4.93 9.40
CA GLY A 45 -6.77 -5.93 9.83
C GLY A 45 -6.33 -6.84 8.71
N THR A 46 -5.56 -6.31 7.78
CA THR A 46 -5.08 -7.09 6.64
C THR A 46 -3.70 -6.59 6.20
N VAL A 47 -3.64 -5.34 5.75
CA VAL A 47 -2.39 -4.75 5.28
C VAL A 47 -1.74 -3.94 6.39
N ALA A 48 -0.43 -4.15 6.59
CA ALA A 48 0.31 -3.43 7.61
C ALA A 48 1.80 -3.72 7.51
N ALA A 49 2.55 -3.35 8.55
CA ALA A 49 3.99 -3.57 8.59
C ALA A 49 4.32 -5.04 8.41
N GLY A 50 5.43 -5.32 7.74
CA GLY A 50 5.84 -6.69 7.52
C GLY A 50 5.41 -7.22 6.17
N ASP A 51 4.26 -6.75 5.69
CA ASP A 51 3.74 -7.17 4.40
C ASP A 51 4.29 -6.30 3.27
N GLU A 52 4.88 -6.94 2.27
CA GLU A 52 5.44 -6.22 1.13
C GLU A 52 4.41 -6.07 0.01
N ILE A 53 4.11 -4.82 -0.35
CA ILE A 53 3.15 -4.53 -1.40
C ILE A 53 3.76 -4.78 -2.77
N THR A 54 2.95 -5.32 -3.68
CA THR A 54 3.42 -5.61 -5.04
C THR A 54 2.27 -5.52 -6.03
N GLY A 55 1.27 -4.69 -5.73
CA GLY A 55 0.14 -4.53 -6.60
C GLY A 55 -0.93 -3.61 -6.04
N VAL A 56 -1.73 -3.01 -6.91
CA VAL A 56 -2.78 -2.11 -6.48
C VAL A 56 -3.92 -2.06 -7.51
N ASN A 57 -5.09 -2.53 -7.10
CA ASN A 57 -6.25 -2.54 -7.99
C ASN A 57 -5.97 -3.35 -9.25
N GLY A 58 -5.07 -4.31 -9.13
CA GLY A 58 -4.73 -5.15 -10.27
C GLY A 58 -3.44 -4.71 -10.95
N ARG A 59 -3.13 -3.42 -10.84
CA ARG A 59 -1.92 -2.88 -11.44
C ARG A 59 -0.68 -3.37 -10.72
N SER A 60 0.48 -3.20 -11.34
CA SER A 60 1.74 -3.62 -10.74
C SER A 60 2.53 -2.42 -10.22
N ILE A 61 3.11 -2.57 -9.03
CA ILE A 61 3.89 -1.49 -8.43
C ILE A 61 5.37 -1.86 -8.33
N LYS A 62 5.68 -3.15 -8.46
CA LYS A 62 7.05 -3.63 -8.38
C LYS A 62 7.90 -3.01 -9.49
N GLY A 63 8.39 -1.80 -9.23
CA GLY A 63 9.22 -1.11 -10.21
C GLY A 63 9.03 0.39 -10.17
N LYS A 64 7.84 0.82 -9.75
CA LYS A 64 7.53 2.25 -9.67
C LYS A 64 8.29 2.91 -8.53
N THR A 65 8.17 4.23 -8.41
CA THR A 65 8.84 4.98 -7.36
C THR A 65 7.91 5.21 -6.18
N LYS A 66 8.48 5.65 -5.06
CA LYS A 66 7.70 5.91 -3.86
C LYS A 66 6.59 6.92 -4.14
N VAL A 67 6.96 8.06 -4.72
CA VAL A 67 6.00 9.11 -5.03
C VAL A 67 4.97 8.61 -6.04
N GLU A 68 5.39 7.73 -6.94
CA GLU A 68 4.50 7.17 -7.95
C GLU A 68 3.43 6.29 -7.31
N VAL A 69 3.86 5.38 -6.45
CA VAL A 69 2.93 4.47 -5.78
C VAL A 69 1.98 5.25 -4.86
N ALA A 70 2.54 6.19 -4.11
CA ALA A 70 1.75 7.00 -3.19
C ALA A 70 0.60 7.71 -3.93
N LYS A 71 0.94 8.41 -5.01
CA LYS A 71 -0.05 9.13 -5.79
C LYS A 71 -1.04 8.17 -6.44
N MET A 72 -0.56 6.96 -6.75
CA MET A 72 -1.40 5.94 -7.38
C MET A 72 -2.59 5.60 -6.49
N ILE A 73 -2.31 5.31 -5.23
CA ILE A 73 -3.38 4.97 -4.27
C ILE A 73 -4.28 6.16 -4.01
N GLN A 74 -3.68 7.33 -3.77
CA GLN A 74 -4.44 8.53 -3.51
C GLN A 74 -5.37 8.86 -4.66
N GLU A 75 -4.96 8.48 -5.87
CA GLU A 75 -5.76 8.73 -7.06
C GLU A 75 -6.97 7.79 -7.11
N VAL A 76 -6.74 6.51 -6.84
CA VAL A 76 -7.81 5.53 -6.84
C VAL A 76 -8.89 5.89 -5.84
N LYS A 77 -10.14 5.63 -6.20
CA LYS A 77 -11.28 5.93 -5.33
C LYS A 77 -12.21 4.73 -5.22
N GLY A 78 -12.72 4.50 -4.01
CA GLY A 78 -13.63 3.38 -3.79
C GLY A 78 -12.90 2.16 -3.26
N GLU A 79 -13.35 0.98 -3.69
CA GLU A 79 -12.73 -0.27 -3.25
C GLU A 79 -11.32 -0.42 -3.81
N VAL A 80 -10.33 -0.04 -3.01
CA VAL A 80 -8.94 -0.13 -3.43
C VAL A 80 -8.31 -1.45 -2.98
N THR A 81 -7.76 -2.20 -3.94
CA THR A 81 -7.13 -3.47 -3.66
C THR A 81 -5.63 -3.33 -3.55
N ILE A 82 -5.03 -4.08 -2.64
CA ILE A 82 -3.58 -4.03 -2.43
C ILE A 82 -2.99 -5.43 -2.31
N HIS A 83 -2.12 -5.77 -3.26
CA HIS A 83 -1.47 -7.09 -3.26
C HIS A 83 -0.23 -7.09 -2.37
N TYR A 84 -0.42 -7.44 -1.11
CA TYR A 84 0.68 -7.48 -0.16
C TYR A 84 1.22 -8.90 0.00
N ASN A 85 2.47 -9.01 0.45
CA ASN A 85 3.11 -10.30 0.65
C ASN A 85 3.52 -10.48 2.10
N LYS A 86 2.94 -11.50 2.75
CA LYS A 86 3.25 -11.78 4.14
C LYS A 86 4.66 -12.32 4.29
N LEU A 87 5.47 -11.67 5.13
CA LEU A 87 6.83 -12.09 5.35
C LEU A 87 7.09 -12.33 6.85
N GLU B 1 12.14 8.05 5.94
CA GLU B 1 11.08 8.59 5.10
C GLU B 1 10.06 7.52 4.74
N SER B 2 8.78 7.83 4.90
CA SER B 2 7.72 6.88 4.60
C SER B 2 6.45 7.62 4.15
N VAL B 3 6.17 7.57 2.86
CA VAL B 3 5.00 8.23 2.30
C VAL B 3 3.71 7.52 2.73
N LYS B 4 2.84 8.26 3.41
CA LYS B 4 1.58 7.70 3.89
C LYS B 4 0.44 8.07 2.94
N ILE B 5 -0.34 7.06 2.55
CA ILE B 5 -1.46 7.28 1.64
C ILE B 5 -2.67 6.45 2.05
N THR A 1 6.29 -17.46 0.86
CA THR A 1 5.52 -16.22 0.87
C THR A 1 4.04 -16.50 0.67
N VAL A 2 3.21 -15.54 1.03
CA VAL A 2 1.77 -15.68 0.89
C VAL A 2 1.18 -14.51 0.08
N PRO A 3 1.08 -14.67 -1.25
CA PRO A 3 0.54 -13.61 -2.12
C PRO A 3 -0.96 -13.40 -1.90
N GLY A 4 -1.29 -12.52 -0.96
CA GLY A 4 -2.68 -12.23 -0.67
C GLY A 4 -3.07 -10.81 -1.02
N LYS A 5 -4.21 -10.65 -1.68
CA LYS A 5 -4.69 -9.33 -2.07
C LYS A 5 -5.99 -8.99 -1.35
N VAL A 6 -6.00 -7.86 -0.66
CA VAL A 6 -7.19 -7.42 0.06
C VAL A 6 -7.83 -6.21 -0.61
N THR A 7 -9.15 -6.14 -0.55
CA THR A 7 -9.89 -5.04 -1.16
C THR A 7 -10.39 -4.06 -0.10
N LEU A 8 -9.57 -3.07 0.22
CA LEU A 8 -9.91 -2.07 1.22
C LEU A 8 -10.48 -0.82 0.55
N GLN A 9 -11.54 -0.28 1.12
CA GLN A 9 -12.17 0.93 0.59
C GLN A 9 -11.43 2.18 1.03
N LYS A 10 -11.82 3.32 0.48
CA LYS A 10 -11.18 4.59 0.80
C LYS A 10 -11.85 5.22 2.02
N ASP A 11 -11.08 6.01 2.77
CA ASP A 11 -11.59 6.68 3.96
C ASP A 11 -12.18 8.04 3.60
N ALA A 12 -12.48 8.83 4.63
CA ALA A 12 -13.04 10.17 4.42
C ALA A 12 -12.08 11.06 3.65
N GLN A 13 -10.78 10.87 3.90
CA GLN A 13 -9.76 11.66 3.23
C GLN A 13 -9.22 10.93 1.99
N ASN A 14 -9.99 9.97 1.50
CA ASN A 14 -9.58 9.20 0.32
C ASN A 14 -8.24 8.52 0.56
N LEU A 15 -7.96 8.17 1.82
CA LEU A 15 -6.71 7.53 2.18
C LEU A 15 -6.97 6.31 3.07
N ILE A 16 -6.67 5.13 2.54
CA ILE A 16 -6.86 3.88 3.28
C ILE A 16 -6.06 3.90 4.59
N GLY A 17 -5.03 4.74 4.64
CA GLY A 17 -4.21 4.82 5.83
C GLY A 17 -3.15 3.74 5.90
N ILE A 18 -2.01 3.98 5.26
CA ILE A 18 -0.90 3.03 5.25
C ILE A 18 0.37 3.70 4.74
N SER A 19 1.40 3.70 5.58
CA SER A 19 2.68 4.31 5.21
C SER A 19 3.56 3.31 4.46
N ILE A 20 4.40 3.82 3.58
CA ILE A 20 5.30 2.97 2.79
C ILE A 20 6.68 3.59 2.67
N GLY A 21 7.57 2.89 1.98
CA GLY A 21 8.93 3.39 1.80
C GLY A 21 9.72 2.58 0.79
N GLY A 22 10.12 3.23 -0.30
CA GLY A 22 10.88 2.55 -1.32
C GLY A 22 11.53 3.52 -2.30
N GLY A 23 12.40 3.00 -3.15
CA GLY A 23 13.07 3.83 -4.13
C GLY A 23 13.31 3.12 -5.45
N ALA A 24 14.48 3.30 -6.02
CA ALA A 24 14.82 2.68 -7.29
C ALA A 24 16.32 2.36 -7.36
N GLN A 25 16.67 1.36 -8.16
CA GLN A 25 18.07 0.97 -8.33
C GLN A 25 18.63 0.39 -7.03
N TYR A 26 18.93 1.28 -6.08
CA TYR A 26 19.47 0.87 -4.79
C TYR A 26 18.42 0.13 -3.97
N CYS A 27 17.16 0.56 -4.10
CA CYS A 27 16.07 -0.08 -3.37
C CYS A 27 14.79 -0.06 -4.20
N PRO A 28 14.78 -0.78 -5.34
CA PRO A 28 13.61 -0.85 -6.22
C PRO A 28 12.38 -1.41 -5.52
N CYS A 29 12.60 -2.44 -4.70
CA CYS A 29 11.51 -3.06 -3.96
C CYS A 29 10.84 -2.07 -3.01
N LEU A 30 9.51 -2.06 -3.02
CA LEU A 30 8.76 -1.16 -2.16
C LEU A 30 8.31 -1.88 -0.89
N TYR A 31 8.54 -1.25 0.25
CA TYR A 31 8.16 -1.83 1.54
C TYR A 31 7.01 -1.06 2.17
N ILE A 32 6.31 -1.71 3.10
CA ILE A 32 5.18 -1.08 3.78
C ILE A 32 5.53 -0.77 5.23
N VAL A 33 5.30 0.47 5.64
CA VAL A 33 5.57 0.90 7.01
C VAL A 33 4.34 0.72 7.89
N GLN A 34 4.54 0.80 9.21
CA GLN A 34 3.44 0.65 10.16
C GLN A 34 2.21 1.44 9.74
N VAL A 35 1.04 0.91 10.06
CA VAL A 35 -0.22 1.57 9.71
C VAL A 35 -0.65 2.53 10.82
N PHE A 36 -1.60 3.40 10.48
CA PHE A 36 -2.11 4.37 11.45
C PHE A 36 -3.42 3.88 12.06
N ASP A 37 -3.68 4.30 13.29
CA ASP A 37 -4.89 3.89 13.99
C ASP A 37 -6.12 4.62 13.44
N ASN A 38 -7.29 4.01 13.59
CA ASN A 38 -8.54 4.59 13.12
C ASN A 38 -8.61 4.61 11.59
N THR A 39 -7.81 3.78 10.94
CA THR A 39 -7.81 3.71 9.48
C THR A 39 -8.47 2.42 9.01
N PRO A 40 -9.04 2.43 7.79
CA PRO A 40 -9.70 1.25 7.22
C PRO A 40 -8.74 0.07 7.08
N ALA A 41 -7.46 0.38 6.94
CA ALA A 41 -6.44 -0.64 6.80
C ALA A 41 -6.08 -1.26 8.15
N ALA A 42 -6.17 -0.46 9.20
CA ALA A 42 -5.86 -0.91 10.55
C ALA A 42 -7.09 -1.50 11.23
N LEU A 43 -8.27 -1.02 10.83
CA LEU A 43 -9.52 -1.50 11.39
C LEU A 43 -9.92 -2.83 10.77
N ASP A 44 -9.68 -2.97 9.47
CA ASP A 44 -10.02 -4.19 8.75
C ASP A 44 -9.13 -5.35 9.20
N GLY A 45 -7.82 -5.12 9.17
CA GLY A 45 -6.89 -6.15 9.57
C GLY A 45 -6.49 -7.06 8.43
N THR A 46 -5.56 -6.58 7.60
CA THR A 46 -5.09 -7.35 6.46
C THR A 46 -3.71 -6.88 6.01
N VAL A 47 -3.60 -5.58 5.71
CA VAL A 47 -2.33 -5.01 5.27
C VAL A 47 -1.66 -4.23 6.40
N ALA A 48 -0.34 -4.32 6.46
CA ALA A 48 0.42 -3.62 7.50
C ALA A 48 1.92 -3.76 7.26
N ALA A 49 2.71 -3.21 8.17
CA ALA A 49 4.17 -3.27 8.06
C ALA A 49 4.65 -4.71 8.05
N GLY A 50 5.75 -4.96 7.34
CA GLY A 50 6.29 -6.30 7.26
C GLY A 50 5.96 -7.00 5.96
N ASP A 51 4.80 -6.69 5.42
CA ASP A 51 4.35 -7.28 4.16
C ASP A 51 5.08 -6.65 2.98
N GLU A 52 5.15 -7.39 1.86
CA GLU A 52 5.82 -6.90 0.67
C GLU A 52 4.80 -6.57 -0.43
N ILE A 53 4.53 -5.28 -0.61
CA ILE A 53 3.58 -4.83 -1.62
C ILE A 53 4.13 -5.05 -3.02
N THR A 54 3.24 -5.33 -3.97
CA THR A 54 3.65 -5.57 -5.35
C THR A 54 2.45 -5.52 -6.29
N GLY A 55 1.51 -4.63 -6.00
CA GLY A 55 0.32 -4.50 -6.83
C GLY A 55 -0.79 -3.70 -6.16
N VAL A 56 -1.60 -3.04 -6.96
CA VAL A 56 -2.71 -2.25 -6.45
C VAL A 56 -3.84 -2.14 -7.48
N ASN A 57 -4.97 -2.74 -7.16
CA ASN A 57 -6.13 -2.71 -8.05
C ASN A 57 -5.80 -3.39 -9.37
N GLY A 58 -4.86 -4.33 -9.35
CA GLY A 58 -4.48 -5.03 -10.56
C GLY A 58 -3.20 -4.49 -11.16
N ARG A 59 -2.94 -3.20 -10.95
CA ARG A 59 -1.74 -2.56 -11.48
C ARG A 59 -0.50 -2.98 -10.70
N SER A 60 0.61 -3.11 -11.40
CA SER A 60 1.87 -3.51 -10.77
C SER A 60 2.59 -2.31 -10.18
N ILE A 61 3.34 -2.54 -9.11
CA ILE A 61 4.09 -1.47 -8.45
C ILE A 61 5.54 -1.87 -8.17
N LYS A 62 5.97 -2.98 -8.77
CA LYS A 62 7.33 -3.46 -8.58
C LYS A 62 8.34 -2.52 -9.24
N GLY A 63 7.91 -1.88 -10.33
CA GLY A 63 8.80 -0.97 -11.03
C GLY A 63 8.43 0.49 -10.80
N LYS A 64 7.88 0.77 -9.62
CA LYS A 64 7.48 2.13 -9.27
C LYS A 64 8.16 2.58 -7.98
N THR A 65 8.20 3.89 -7.77
CA THR A 65 8.82 4.45 -6.57
C THR A 65 7.77 4.79 -5.52
N LYS A 66 8.23 5.23 -4.35
CA LYS A 66 7.33 5.59 -3.27
C LYS A 66 6.39 6.72 -3.68
N VAL A 67 6.88 7.61 -4.54
CA VAL A 67 6.09 8.73 -5.02
C VAL A 67 5.03 8.27 -6.02
N GLU A 68 5.40 7.29 -6.85
CA GLU A 68 4.49 6.76 -7.86
C GLU A 68 3.38 5.96 -7.20
N VAL A 69 3.75 5.02 -6.32
CA VAL A 69 2.78 4.20 -5.62
C VAL A 69 1.86 5.05 -4.75
N ALA A 70 2.43 6.09 -4.15
CA ALA A 70 1.65 6.98 -3.29
C ALA A 70 0.55 7.68 -4.06
N LYS A 71 0.91 8.26 -5.20
CA LYS A 71 -0.05 8.97 -6.04
C LYS A 71 -1.09 7.99 -6.60
N MET A 72 -0.67 6.75 -6.83
CA MET A 72 -1.56 5.73 -7.36
C MET A 72 -2.73 5.49 -6.41
N ILE A 73 -2.42 5.17 -5.16
CA ILE A 73 -3.45 4.92 -4.17
C ILE A 73 -4.34 6.14 -3.98
N GLN A 74 -3.72 7.31 -3.81
CA GLN A 74 -4.47 8.55 -3.63
C GLN A 74 -5.37 8.82 -4.83
N GLU A 75 -4.97 8.31 -6.00
CA GLU A 75 -5.74 8.51 -7.22
C GLU A 75 -6.94 7.57 -7.27
N VAL A 76 -6.72 6.32 -6.84
CA VAL A 76 -7.78 5.32 -6.84
C VAL A 76 -8.96 5.78 -5.97
N LYS A 77 -10.17 5.42 -6.40
CA LYS A 77 -11.37 5.79 -5.66
C LYS A 77 -12.25 4.57 -5.42
N GLY A 78 -13.04 4.60 -4.35
CA GLY A 78 -13.92 3.50 -4.03
C GLY A 78 -13.16 2.32 -3.45
N GLU A 79 -13.56 1.11 -3.84
CA GLU A 79 -12.91 -0.10 -3.35
C GLU A 79 -11.53 -0.26 -3.97
N VAL A 80 -10.50 -0.20 -3.13
CA VAL A 80 -9.13 -0.34 -3.58
C VAL A 80 -8.54 -1.68 -3.18
N THR A 81 -7.82 -2.32 -4.09
CA THR A 81 -7.21 -3.60 -3.82
C THR A 81 -5.68 -3.48 -3.70
N ILE A 82 -5.11 -4.18 -2.73
CA ILE A 82 -3.67 -4.15 -2.51
C ILE A 82 -3.09 -5.55 -2.50
N HIS A 83 -2.12 -5.79 -3.38
CA HIS A 83 -1.47 -7.09 -3.47
C HIS A 83 -0.18 -7.12 -2.64
N TYR A 84 -0.25 -7.73 -1.47
CA TYR A 84 0.90 -7.82 -0.58
C TYR A 84 1.34 -9.27 -0.40
N ASN A 85 2.61 -9.47 -0.08
CA ASN A 85 3.15 -10.81 0.13
C ASN A 85 3.58 -11.00 1.58
N LYS A 86 3.00 -12.00 2.23
CA LYS A 86 3.33 -12.29 3.62
C LYS A 86 4.67 -13.03 3.73
N LEU A 87 5.50 -12.61 4.68
CA LEU A 87 6.80 -13.22 4.88
C LEU A 87 7.16 -13.28 6.36
N GLU B 1 12.61 9.09 4.00
CA GLU B 1 11.44 9.91 3.70
C GLU B 1 10.30 9.06 3.15
N SER B 2 9.52 8.46 4.04
CA SER B 2 8.40 7.61 3.64
C SER B 2 7.18 8.45 3.29
N VAL B 3 6.18 7.82 2.70
CA VAL B 3 4.96 8.51 2.31
C VAL B 3 3.73 7.84 2.92
N LYS B 4 2.84 8.65 3.49
CA LYS B 4 1.63 8.13 4.11
C LYS B 4 0.42 8.31 3.18
N ILE B 5 -0.22 7.19 2.86
CA ILE B 5 -1.39 7.22 1.98
C ILE B 5 -2.49 6.29 2.49
N THR A 1 7.72 -17.09 0.27
CA THR A 1 6.74 -16.06 0.60
C THR A 1 5.36 -16.44 0.08
N VAL A 2 4.33 -15.81 0.65
CA VAL A 2 2.95 -16.09 0.24
C VAL A 2 2.27 -14.82 -0.26
N PRO A 3 2.03 -14.69 -1.57
CA PRO A 3 1.38 -13.51 -2.16
C PRO A 3 -0.09 -13.42 -1.77
N GLY A 4 -0.61 -12.19 -1.72
CA GLY A 4 -2.00 -11.99 -1.36
C GLY A 4 -2.47 -10.58 -1.68
N LYS A 5 -3.77 -10.43 -1.90
CA LYS A 5 -4.34 -9.12 -2.21
C LYS A 5 -5.62 -8.90 -1.42
N VAL A 6 -5.71 -7.75 -0.75
CA VAL A 6 -6.89 -7.41 0.04
C VAL A 6 -7.60 -6.18 -0.53
N THR A 7 -8.91 -6.29 -0.66
CA THR A 7 -9.72 -5.18 -1.19
C THR A 7 -10.22 -4.29 -0.07
N LEU A 8 -9.47 -3.23 0.22
CA LEU A 8 -9.84 -2.30 1.28
C LEU A 8 -10.66 -1.13 0.72
N GLN A 9 -11.27 -0.36 1.61
CA GLN A 9 -12.08 0.78 1.21
C GLN A 9 -11.48 2.08 1.71
N LYS A 10 -11.21 3.01 0.79
CA LYS A 10 -10.63 4.30 1.14
C LYS A 10 -11.55 5.07 2.08
N ASP A 11 -10.97 5.98 2.85
CA ASP A 11 -11.75 6.79 3.79
C ASP A 11 -12.23 8.08 3.13
N ALA A 12 -12.82 8.97 3.93
CA ALA A 12 -13.33 10.23 3.42
C ALA A 12 -12.22 11.05 2.76
N GLN A 13 -10.99 10.87 3.22
CA GLN A 13 -9.85 11.59 2.68
C GLN A 13 -9.11 10.74 1.64
N ASN A 14 -9.83 9.81 1.01
CA ASN A 14 -9.24 8.93 0.00
C ASN A 14 -7.87 8.41 0.44
N LEU A 15 -7.71 8.24 1.75
CA LEU A 15 -6.46 7.74 2.31
C LEU A 15 -6.69 6.57 3.25
N ILE A 16 -6.44 5.36 2.75
CA ILE A 16 -6.64 4.16 3.54
C ILE A 16 -5.86 4.23 4.86
N GLY A 17 -4.77 4.98 4.86
CA GLY A 17 -3.96 5.13 6.06
C GLY A 17 -2.90 4.06 6.19
N ILE A 18 -1.84 4.19 5.40
CA ILE A 18 -0.74 3.22 5.44
C ILE A 18 0.53 3.82 4.86
N SER A 19 1.63 3.71 5.60
CA SER A 19 2.92 4.23 5.16
C SER A 19 3.72 3.15 4.43
N ILE A 20 4.37 3.54 3.33
CA ILE A 20 5.16 2.61 2.55
C ILE A 20 6.53 3.20 2.21
N GLY A 21 7.54 2.35 2.13
CA GLY A 21 8.88 2.80 1.81
C GLY A 21 9.17 2.71 0.33
N GLY A 22 10.02 3.61 -0.17
CA GLY A 22 10.37 3.59 -1.57
C GLY A 22 11.23 2.41 -1.96
N GLY A 23 11.34 2.15 -3.26
CA GLY A 23 12.14 1.04 -3.73
C GLY A 23 12.62 1.23 -5.15
N ALA A 24 13.82 1.77 -5.30
CA ALA A 24 14.40 1.99 -6.62
C ALA A 24 15.92 1.99 -6.57
N GLN A 25 16.49 2.81 -5.68
CA GLN A 25 17.93 2.89 -5.53
C GLN A 25 18.40 2.03 -4.37
N TYR A 26 17.83 2.27 -3.18
CA TYR A 26 18.19 1.52 -1.99
C TYR A 26 17.17 0.42 -1.71
N CYS A 27 16.54 -0.08 -2.78
CA CYS A 27 15.54 -1.12 -2.65
C CYS A 27 15.00 -1.51 -4.03
N PRO A 28 15.02 -2.82 -4.36
CA PRO A 28 14.52 -3.30 -5.66
C PRO A 28 13.00 -3.26 -5.77
N CYS A 29 12.33 -3.04 -4.64
CA CYS A 29 10.87 -2.97 -4.63
C CYS A 29 10.36 -2.15 -3.45
N LEU A 30 9.10 -1.77 -3.51
CA LEU A 30 8.48 -0.97 -2.46
C LEU A 30 8.30 -1.81 -1.19
N TYR A 31 7.94 -1.15 -0.10
CA TYR A 31 7.74 -1.83 1.17
C TYR A 31 6.73 -1.09 2.04
N ILE A 32 6.29 -1.73 3.12
CA ILE A 32 5.33 -1.13 4.04
C ILE A 32 5.99 -0.78 5.37
N VAL A 33 5.36 0.14 6.10
CA VAL A 33 5.88 0.56 7.40
C VAL A 33 4.94 0.20 8.53
N GLN A 34 3.74 0.79 8.51
CA GLN A 34 2.75 0.52 9.54
C GLN A 34 1.39 1.10 9.15
N VAL A 35 0.40 0.94 10.03
CA VAL A 35 -0.94 1.44 9.78
C VAL A 35 -1.33 2.50 10.79
N PHE A 36 -2.38 3.25 10.49
CA PHE A 36 -2.85 4.31 11.39
C PHE A 36 -4.12 3.87 12.11
N ASP A 37 -4.34 4.43 13.29
CA ASP A 37 -5.51 4.09 14.08
C ASP A 37 -6.78 4.73 13.51
N ASN A 38 -7.91 4.07 13.72
CA ASN A 38 -9.19 4.57 13.24
C ASN A 38 -9.20 4.68 11.71
N THR A 39 -8.40 3.87 11.05
CA THR A 39 -8.32 3.87 9.59
C THR A 39 -8.90 2.59 9.02
N PRO A 40 -9.43 2.64 7.79
CA PRO A 40 -10.02 1.46 7.12
C PRO A 40 -9.03 0.33 6.98
N ALA A 41 -7.75 0.68 6.81
CA ALA A 41 -6.70 -0.32 6.67
C ALA A 41 -6.47 -1.06 7.98
N ALA A 42 -6.50 -0.33 9.08
CA ALA A 42 -6.30 -0.92 10.41
C ALA A 42 -7.55 -1.65 10.89
N LEU A 43 -8.68 -0.96 10.80
CA LEU A 43 -9.95 -1.53 11.23
C LEU A 43 -10.24 -2.83 10.50
N ASP A 44 -9.84 -2.90 9.23
CA ASP A 44 -10.06 -4.09 8.42
C ASP A 44 -9.23 -5.25 8.94
N GLY A 45 -7.92 -5.05 9.04
CA GLY A 45 -7.03 -6.09 9.52
C GLY A 45 -6.47 -6.94 8.41
N THR A 46 -5.48 -6.42 7.70
CA THR A 46 -4.86 -7.14 6.60
C THR A 46 -3.46 -6.60 6.32
N VAL A 47 -3.40 -5.35 5.85
CA VAL A 47 -2.12 -4.72 5.54
C VAL A 47 -1.53 -4.05 6.77
N ALA A 48 -0.21 -4.17 6.93
CA ALA A 48 0.48 -3.57 8.07
C ALA A 48 1.99 -3.73 7.95
N ALA A 49 2.70 -3.43 9.02
CA ALA A 49 4.16 -3.55 9.04
C ALA A 49 4.59 -4.98 8.75
N GLY A 50 5.63 -5.13 7.94
CA GLY A 50 6.12 -6.45 7.59
C GLY A 50 5.69 -6.89 6.20
N ASP A 51 4.45 -6.62 5.85
CA ASP A 51 3.92 -6.99 4.55
C ASP A 51 4.71 -6.33 3.43
N GLU A 52 4.70 -6.94 2.25
CA GLU A 52 5.42 -6.42 1.10
C GLU A 52 4.46 -6.06 -0.03
N ILE A 53 4.25 -4.76 -0.22
CA ILE A 53 3.35 -4.28 -1.26
C ILE A 53 3.95 -4.50 -2.65
N THR A 54 3.09 -4.77 -3.63
CA THR A 54 3.54 -5.01 -5.00
C THR A 54 2.36 -4.99 -5.96
N GLY A 55 1.37 -4.17 -5.67
CA GLY A 55 0.20 -4.07 -6.52
C GLY A 55 -0.90 -3.22 -5.91
N VAL A 56 -1.76 -2.67 -6.77
CA VAL A 56 -2.86 -1.83 -6.31
C VAL A 56 -3.98 -1.79 -7.34
N ASN A 57 -5.17 -2.23 -6.93
CA ASN A 57 -6.32 -2.24 -7.83
C ASN A 57 -6.05 -3.08 -9.08
N GLY A 58 -5.22 -4.10 -8.92
CA GLY A 58 -4.88 -4.97 -10.03
C GLY A 58 -3.59 -4.57 -10.71
N ARG A 59 -3.28 -3.27 -10.70
CA ARG A 59 -2.06 -2.77 -11.32
C ARG A 59 -0.83 -3.31 -10.60
N SER A 60 0.29 -3.32 -11.31
CA SER A 60 1.55 -3.82 -10.75
C SER A 60 2.51 -2.67 -10.46
N ILE A 61 2.95 -2.57 -9.21
CA ILE A 61 3.87 -1.52 -8.82
C ILE A 61 5.30 -2.06 -8.65
N LYS A 62 5.56 -3.24 -9.20
CA LYS A 62 6.88 -3.85 -9.10
C LYS A 62 7.93 -3.00 -9.81
N GLY A 63 8.42 -1.98 -9.11
CA GLY A 63 9.43 -1.10 -9.69
C GLY A 63 9.12 0.36 -9.47
N LYS A 64 7.84 0.68 -9.34
CA LYS A 64 7.41 2.06 -9.12
C LYS A 64 8.02 2.63 -7.84
N THR A 65 8.27 3.93 -7.84
CA THR A 65 8.85 4.59 -6.68
C THR A 65 7.77 4.94 -5.66
N LYS A 66 8.20 5.36 -4.47
CA LYS A 66 7.27 5.72 -3.41
C LYS A 66 6.32 6.82 -3.86
N VAL A 67 6.86 7.79 -4.58
CA VAL A 67 6.06 8.91 -5.08
C VAL A 67 5.08 8.45 -6.15
N GLU A 68 5.54 7.56 -7.03
CA GLU A 68 4.70 7.05 -8.10
C GLU A 68 3.55 6.21 -7.55
N VAL A 69 3.90 5.13 -6.85
CA VAL A 69 2.89 4.25 -6.26
C VAL A 69 1.96 5.01 -5.34
N ALA A 70 2.52 5.82 -4.44
CA ALA A 70 1.74 6.61 -3.51
C ALA A 70 0.68 7.43 -4.24
N LYS A 71 1.08 8.06 -5.33
CA LYS A 71 0.15 8.87 -6.11
C LYS A 71 -0.97 8.01 -6.69
N MET A 72 -0.62 6.79 -7.09
CA MET A 72 -1.60 5.86 -7.65
C MET A 72 -2.69 5.54 -6.64
N ILE A 73 -2.30 5.41 -5.38
CA ILE A 73 -3.25 5.10 -4.31
C ILE A 73 -4.20 6.27 -4.07
N GLN A 74 -3.63 7.44 -3.79
CA GLN A 74 -4.41 8.63 -3.52
C GLN A 74 -5.33 8.94 -4.70
N GLU A 75 -4.91 8.55 -5.89
CA GLU A 75 -5.70 8.78 -7.10
C GLU A 75 -6.89 7.83 -7.18
N VAL A 76 -6.61 6.54 -7.06
CA VAL A 76 -7.66 5.52 -7.12
C VAL A 76 -8.66 5.71 -5.98
N LYS A 77 -9.94 5.56 -6.29
CA LYS A 77 -11.00 5.70 -5.29
C LYS A 77 -11.85 4.44 -5.21
N GLY A 78 -12.58 4.30 -4.11
CA GLY A 78 -13.43 3.13 -3.93
C GLY A 78 -12.67 1.95 -3.35
N GLU A 79 -13.26 0.76 -3.47
CA GLU A 79 -12.63 -0.46 -2.96
C GLU A 79 -11.34 -0.75 -3.71
N VAL A 80 -10.21 -0.45 -3.08
CA VAL A 80 -8.92 -0.69 -3.68
C VAL A 80 -8.35 -2.03 -3.23
N THR A 81 -7.66 -2.72 -4.16
CA THR A 81 -7.08 -4.02 -3.86
C THR A 81 -5.55 -3.95 -3.88
N ILE A 82 -4.96 -3.89 -2.70
CA ILE A 82 -3.50 -3.82 -2.58
C ILE A 82 -2.89 -5.21 -2.48
N HIS A 83 -1.97 -5.51 -3.39
CA HIS A 83 -1.30 -6.80 -3.41
C HIS A 83 -0.09 -6.81 -2.48
N TYR A 84 -0.22 -7.51 -1.36
CA TYR A 84 0.87 -7.61 -0.39
C TYR A 84 1.36 -9.04 -0.26
N ASN A 85 2.66 -9.19 0.02
CA ASN A 85 3.25 -10.51 0.18
C ASN A 85 3.76 -10.71 1.60
N LYS A 86 3.25 -11.75 2.27
CA LYS A 86 3.66 -12.04 3.64
C LYS A 86 4.99 -12.80 3.66
N LEU A 87 5.95 -12.27 4.40
CA LEU A 87 7.26 -12.89 4.52
C LEU A 87 7.41 -13.61 5.86
N GLU B 1 12.68 7.41 4.02
CA GLU B 1 11.75 8.28 3.32
C GLU B 1 10.51 7.50 2.90
N SER B 2 9.55 7.39 3.82
CA SER B 2 8.30 6.68 3.54
C SER B 2 7.17 7.65 3.25
N VAL B 3 6.18 7.18 2.49
CA VAL B 3 5.04 8.01 2.14
C VAL B 3 3.75 7.47 2.75
N LYS B 4 3.01 8.33 3.44
CA LYS B 4 1.76 7.94 4.08
C LYS B 4 0.58 8.20 3.14
N ILE B 5 -0.22 7.16 2.91
CA ILE B 5 -1.38 7.27 2.04
C ILE B 5 -2.55 6.45 2.57
N THR A 1 7.35 -16.19 0.77
CA THR A 1 6.35 -15.21 1.19
C THR A 1 4.93 -15.74 0.92
N VAL A 2 3.94 -14.98 1.37
CA VAL A 2 2.54 -15.36 1.18
C VAL A 2 1.81 -14.35 0.32
N PRO A 3 1.67 -14.61 -0.99
CA PRO A 3 0.98 -13.70 -1.92
C PRO A 3 -0.52 -13.62 -1.64
N GLY A 4 -0.98 -12.43 -1.26
CA GLY A 4 -2.39 -12.24 -0.97
C GLY A 4 -2.87 -10.85 -1.33
N LYS A 5 -4.03 -10.77 -1.97
CA LYS A 5 -4.60 -9.50 -2.38
C LYS A 5 -5.86 -9.18 -1.56
N VAL A 6 -5.86 -8.02 -0.91
CA VAL A 6 -7.00 -7.61 -0.10
C VAL A 6 -7.66 -6.36 -0.69
N THR A 7 -8.99 -6.36 -0.71
CA THR A 7 -9.74 -5.24 -1.24
C THR A 7 -10.25 -4.34 -0.13
N LEU A 8 -9.45 -3.34 0.22
CA LEU A 8 -9.82 -2.41 1.28
C LEU A 8 -10.69 -1.28 0.73
N GLN A 9 -11.40 -0.59 1.63
CA GLN A 9 -12.27 0.52 1.23
C GLN A 9 -11.70 1.85 1.69
N LYS A 10 -11.50 2.76 0.74
CA LYS A 10 -10.95 4.08 1.04
C LYS A 10 -11.86 4.84 1.99
N ASP A 11 -11.27 5.60 2.90
CA ASP A 11 -12.03 6.37 3.87
C ASP A 11 -12.68 7.58 3.19
N ALA A 12 -13.28 8.45 4.01
CA ALA A 12 -13.95 9.65 3.50
C ALA A 12 -12.94 10.60 2.86
N GLN A 13 -11.71 10.57 3.36
CA GLN A 13 -10.65 11.43 2.83
C GLN A 13 -9.77 10.68 1.85
N ASN A 14 -10.35 9.71 1.15
CA ASN A 14 -9.63 8.90 0.16
C ASN A 14 -8.27 8.48 0.70
N LEU A 15 -8.20 8.18 1.98
CA LEU A 15 -6.95 7.76 2.61
C LEU A 15 -7.15 6.48 3.42
N ILE A 16 -6.76 5.35 2.83
CA ILE A 16 -6.90 4.06 3.51
C ILE A 16 -6.08 4.02 4.79
N GLY A 17 -4.91 4.66 4.77
CA GLY A 17 -4.06 4.69 5.95
C GLY A 17 -2.98 3.63 5.91
N ILE A 18 -1.91 3.91 5.16
CA ILE A 18 -0.79 2.98 5.04
C ILE A 18 0.47 3.71 4.58
N SER A 19 1.60 3.37 5.20
CA SER A 19 2.87 3.99 4.85
C SER A 19 3.73 3.02 4.04
N ILE A 20 4.37 3.53 3.00
CA ILE A 20 5.22 2.71 2.16
C ILE A 20 6.58 3.37 1.92
N GLY A 21 7.53 2.58 1.43
CA GLY A 21 8.86 3.11 1.17
C GLY A 21 9.50 2.46 -0.04
N GLY A 22 10.15 3.28 -0.87
CA GLY A 22 10.81 2.76 -2.06
C GLY A 22 11.83 3.72 -2.62
N GLY A 23 12.79 3.18 -3.37
CA GLY A 23 13.81 4.02 -3.98
C GLY A 23 14.67 3.26 -4.98
N ALA A 24 14.22 3.26 -6.24
CA ALA A 24 14.93 2.57 -7.31
C ALA A 24 16.43 2.83 -7.26
N GLN A 25 16.82 4.00 -6.75
CA GLN A 25 18.24 4.36 -6.64
C GLN A 25 19.04 3.25 -5.98
N TYR A 26 18.39 2.53 -5.06
CA TYR A 26 19.04 1.44 -4.35
C TYR A 26 18.00 0.52 -3.71
N CYS A 27 16.82 0.45 -4.33
CA CYS A 27 15.73 -0.38 -3.83
C CYS A 27 14.45 -0.12 -4.64
N PRO A 28 14.38 -0.64 -5.87
CA PRO A 28 13.22 -0.47 -6.74
C PRO A 28 11.96 -1.15 -6.19
N CYS A 29 12.15 -2.03 -5.21
CA CYS A 29 11.04 -2.75 -4.60
C CYS A 29 10.36 -1.90 -3.53
N LEU A 30 9.04 -1.89 -3.55
CA LEU A 30 8.25 -1.13 -2.58
C LEU A 30 7.94 -1.98 -1.36
N TYR A 31 7.79 -1.33 -0.20
CA TYR A 31 7.49 -2.02 1.04
C TYR A 31 6.67 -1.15 1.98
N ILE A 32 5.88 -1.80 2.84
CA ILE A 32 5.05 -1.07 3.80
C ILE A 32 5.84 -0.71 5.05
N VAL A 33 5.33 0.25 5.82
CA VAL A 33 6.01 0.69 7.03
C VAL A 33 5.16 0.45 8.27
N GLN A 34 4.05 1.20 8.39
CA GLN A 34 3.17 1.06 9.53
C GLN A 34 1.80 1.68 9.25
N VAL A 35 0.77 1.12 9.90
CA VAL A 35 -0.59 1.62 9.72
C VAL A 35 -1.00 2.49 10.90
N PHE A 36 -1.99 3.34 10.68
CA PHE A 36 -2.48 4.23 11.72
C PHE A 36 -3.83 3.75 12.26
N ASP A 37 -4.06 3.95 13.55
CA ASP A 37 -5.31 3.53 14.17
C ASP A 37 -6.51 4.24 13.57
N ASN A 38 -7.68 3.62 13.72
CA ASN A 38 -8.92 4.19 13.20
C ASN A 38 -8.92 4.27 11.68
N THR A 39 -8.06 3.48 11.04
CA THR A 39 -7.99 3.48 9.57
C THR A 39 -8.65 2.22 9.02
N PRO A 40 -9.26 2.32 7.83
CA PRO A 40 -9.94 1.18 7.20
C PRO A 40 -8.99 0.00 7.00
N ALA A 41 -7.71 0.31 6.80
CA ALA A 41 -6.70 -0.72 6.61
C ALA A 41 -6.38 -1.45 7.92
N ALA A 42 -6.48 -0.71 9.02
CA ALA A 42 -6.21 -1.29 10.34
C ALA A 42 -7.47 -1.88 10.96
N LEU A 43 -8.63 -1.34 10.57
CA LEU A 43 -9.90 -1.82 11.09
C LEU A 43 -10.27 -3.16 10.45
N ASP A 44 -9.94 -3.31 9.17
CA ASP A 44 -10.23 -4.53 8.43
C ASP A 44 -9.25 -5.64 8.82
N GLY A 45 -8.01 -5.25 9.09
CA GLY A 45 -6.99 -6.21 9.47
C GLY A 45 -6.53 -7.05 8.30
N THR A 46 -5.49 -6.59 7.61
CA THR A 46 -4.94 -7.30 6.46
C THR A 46 -3.54 -6.81 6.12
N VAL A 47 -3.46 -5.56 5.67
CA VAL A 47 -2.17 -4.96 5.31
C VAL A 47 -1.58 -4.17 6.47
N ALA A 48 -0.28 -4.31 6.69
CA ALA A 48 0.40 -3.60 7.77
C ALA A 48 1.91 -3.75 7.65
N ALA A 49 2.62 -3.29 8.68
CA ALA A 49 4.08 -3.36 8.71
C ALA A 49 4.56 -4.80 8.50
N GLY A 50 5.66 -4.95 7.77
CA GLY A 50 6.20 -6.28 7.51
C GLY A 50 5.73 -6.85 6.19
N ASP A 51 4.54 -6.44 5.77
CA ASP A 51 3.96 -6.93 4.52
C ASP A 51 4.67 -6.29 3.32
N GLU A 52 4.83 -7.07 2.26
CA GLU A 52 5.50 -6.59 1.06
C GLU A 52 4.48 -6.29 -0.04
N ILE A 53 4.22 -5.01 -0.27
CA ILE A 53 3.26 -4.59 -1.28
C ILE A 53 3.83 -4.82 -2.69
N THR A 54 2.96 -5.19 -3.62
CA THR A 54 3.37 -5.44 -4.99
C THR A 54 2.18 -5.44 -5.94
N GLY A 55 1.23 -4.54 -5.69
CA GLY A 55 0.05 -4.46 -6.53
C GLY A 55 -0.98 -3.49 -5.99
N VAL A 56 -1.84 -2.99 -6.87
CA VAL A 56 -2.88 -2.05 -6.48
C VAL A 56 -3.94 -1.91 -7.58
N ASN A 57 -5.16 -2.32 -7.26
CA ASN A 57 -6.27 -2.24 -8.22
C ASN A 57 -5.96 -3.08 -9.46
N GLY A 58 -5.15 -4.11 -9.29
CA GLY A 58 -4.80 -4.97 -10.40
C GLY A 58 -3.48 -4.59 -11.05
N ARG A 59 -3.14 -3.31 -10.95
CA ARG A 59 -1.89 -2.81 -11.53
C ARG A 59 -0.68 -3.27 -10.72
N SER A 60 0.50 -3.18 -11.31
CA SER A 60 1.73 -3.58 -10.64
C SER A 60 2.47 -2.36 -10.10
N ILE A 61 2.96 -2.46 -8.87
CA ILE A 61 3.69 -1.38 -8.24
C ILE A 61 5.16 -1.75 -7.98
N LYS A 62 5.47 -3.04 -8.11
CA LYS A 62 6.83 -3.52 -7.88
C LYS A 62 7.84 -2.74 -8.70
N GLY A 63 7.39 -2.23 -9.85
CA GLY A 63 8.27 -1.47 -10.72
C GLY A 63 8.03 0.02 -10.61
N LYS A 64 7.67 0.47 -9.42
CA LYS A 64 7.41 1.90 -9.18
C LYS A 64 8.11 2.37 -7.92
N THR A 65 8.15 3.69 -7.73
CA THR A 65 8.80 4.28 -6.56
C THR A 65 7.76 4.67 -5.51
N LYS A 66 8.25 5.11 -4.35
CA LYS A 66 7.36 5.54 -3.26
C LYS A 66 6.44 6.66 -3.72
N VAL A 67 6.98 7.59 -4.49
CA VAL A 67 6.21 8.72 -4.99
C VAL A 67 5.16 8.26 -6.02
N GLU A 68 5.54 7.27 -6.82
CA GLU A 68 4.64 6.74 -7.83
C GLU A 68 3.48 5.98 -7.21
N VAL A 69 3.80 5.00 -6.37
CA VAL A 69 2.78 4.21 -5.70
C VAL A 69 1.88 5.08 -4.83
N ALA A 70 2.49 6.01 -4.09
CA ALA A 70 1.74 6.91 -3.22
C ALA A 70 0.70 7.69 -4.01
N LYS A 71 1.14 8.28 -5.12
CA LYS A 71 0.23 9.07 -5.96
C LYS A 71 -0.86 8.19 -6.57
N MET A 72 -0.52 6.92 -6.81
CA MET A 72 -1.47 5.98 -7.40
C MET A 72 -2.65 5.76 -6.47
N ILE A 73 -2.37 5.53 -5.19
CA ILE A 73 -3.42 5.30 -4.20
C ILE A 73 -4.22 6.56 -3.96
N GLN A 74 -3.55 7.71 -4.01
CA GLN A 74 -4.20 8.99 -3.79
C GLN A 74 -5.14 9.32 -4.95
N GLU A 75 -4.83 8.79 -6.14
CA GLU A 75 -5.65 9.02 -7.32
C GLU A 75 -6.88 8.12 -7.32
N VAL A 76 -6.64 6.82 -7.12
CA VAL A 76 -7.73 5.84 -7.11
C VAL A 76 -8.76 6.18 -6.03
N LYS A 77 -9.99 5.74 -6.25
CA LYS A 77 -11.07 6.00 -5.30
C LYS A 77 -11.89 4.73 -5.06
N GLY A 78 -12.75 4.77 -4.04
CA GLY A 78 -13.58 3.62 -3.73
C GLY A 78 -12.79 2.48 -3.12
N GLU A 79 -13.24 1.26 -3.38
CA GLU A 79 -12.56 0.07 -2.85
C GLU A 79 -11.29 -0.23 -3.65
N VAL A 80 -10.16 -0.27 -2.96
CA VAL A 80 -8.89 -0.55 -3.60
C VAL A 80 -8.38 -1.94 -3.22
N THR A 81 -7.68 -2.58 -4.16
CA THR A 81 -7.14 -3.91 -3.93
C THR A 81 -5.61 -3.90 -3.98
N ILE A 82 -4.98 -3.98 -2.82
CA ILE A 82 -3.54 -3.98 -2.72
C ILE A 82 -3.00 -5.40 -2.56
N HIS A 83 -2.02 -5.76 -3.39
CA HIS A 83 -1.41 -7.09 -3.33
C HIS A 83 -0.17 -7.07 -2.45
N TYR A 84 -0.30 -7.61 -1.25
CA TYR A 84 0.82 -7.66 -0.31
C TYR A 84 1.34 -9.08 -0.15
N ASN A 85 2.48 -9.22 0.50
CA ASN A 85 3.10 -10.52 0.73
C ASN A 85 3.57 -10.66 2.17
N LYS A 86 2.97 -11.60 2.89
CA LYS A 86 3.33 -11.82 4.30
C LYS A 86 4.73 -12.44 4.40
N LEU A 87 5.54 -11.88 5.28
CA LEU A 87 6.91 -12.37 5.48
C LEU A 87 7.11 -12.82 6.93
N GLU B 1 13.25 7.63 3.87
CA GLU B 1 12.01 8.40 3.81
C GLU B 1 10.87 7.55 3.30
N SER B 2 9.72 7.62 3.99
CA SER B 2 8.55 6.86 3.61
C SER B 2 7.36 7.77 3.36
N VAL B 3 6.47 7.36 2.46
CA VAL B 3 5.28 8.14 2.14
C VAL B 3 4.02 7.49 2.70
N LYS B 4 3.16 8.30 3.30
CA LYS B 4 1.92 7.80 3.88
C LYS B 4 0.72 8.17 2.99
N ILE B 5 -0.18 7.21 2.81
CA ILE B 5 -1.36 7.44 2.00
C ILE B 5 -2.56 6.65 2.52
N THR A 1 6.42 -17.32 0.00
CA THR A 1 5.79 -16.19 0.67
C THR A 1 4.28 -16.42 0.79
N VAL A 2 3.59 -15.43 1.35
CA VAL A 2 2.14 -15.52 1.53
C VAL A 2 1.41 -14.43 0.73
N PRO A 3 1.22 -14.65 -0.57
CA PRO A 3 0.52 -13.68 -1.44
C PRO A 3 -0.91 -13.44 -1.00
N GLY A 4 -1.27 -12.17 -0.82
CA GLY A 4 -2.63 -11.84 -0.40
C GLY A 4 -3.08 -10.50 -0.94
N LYS A 5 -4.21 -10.50 -1.63
CA LYS A 5 -4.78 -9.27 -2.19
C LYS A 5 -6.03 -8.86 -1.44
N VAL A 6 -5.96 -7.73 -0.73
CA VAL A 6 -7.08 -7.23 0.03
C VAL A 6 -7.74 -6.04 -0.66
N THR A 7 -9.06 -5.99 -0.61
CA THR A 7 -9.81 -4.90 -1.24
C THR A 7 -10.40 -3.97 -0.18
N LEU A 8 -9.62 -2.97 0.22
CA LEU A 8 -10.06 -2.01 1.23
C LEU A 8 -10.60 -0.74 0.56
N GLN A 9 -11.69 -0.22 1.10
CA GLN A 9 -12.31 0.99 0.56
C GLN A 9 -11.60 2.23 1.08
N LYS A 10 -11.84 3.36 0.41
CA LYS A 10 -11.22 4.62 0.81
C LYS A 10 -11.93 5.22 2.01
N ASP A 11 -11.15 5.60 3.02
CA ASP A 11 -11.70 6.18 4.24
C ASP A 11 -12.36 7.53 3.95
N ALA A 12 -12.76 8.23 5.00
CA ALA A 12 -13.40 9.53 4.87
C ALA A 12 -12.45 10.54 4.24
N GLN A 13 -11.16 10.36 4.48
CA GLN A 13 -10.15 11.26 3.93
C GLN A 13 -9.50 10.67 2.69
N ASN A 14 -10.28 9.86 1.95
CA ASN A 14 -9.80 9.22 0.74
C ASN A 14 -8.41 8.61 0.94
N LEU A 15 -8.18 8.04 2.12
CA LEU A 15 -6.90 7.43 2.44
C LEU A 15 -7.09 6.19 3.30
N ILE A 16 -6.84 5.02 2.72
CA ILE A 16 -6.98 3.75 3.45
C ILE A 16 -6.17 3.78 4.74
N GLY A 17 -5.10 4.57 4.76
CA GLY A 17 -4.28 4.66 5.94
C GLY A 17 -3.18 3.62 5.99
N ILE A 18 -2.20 3.74 5.10
CA ILE A 18 -1.09 2.80 5.04
C ILE A 18 0.18 3.49 4.57
N SER A 19 1.22 3.43 5.40
CA SER A 19 2.50 4.06 5.06
C SER A 19 3.38 3.08 4.27
N ILE A 20 4.32 3.63 3.51
CA ILE A 20 5.23 2.80 2.72
C ILE A 20 6.60 3.45 2.60
N GLY A 21 7.53 2.74 1.96
CA GLY A 21 8.87 3.26 1.78
C GLY A 21 9.69 2.45 0.81
N GLY A 22 10.31 3.12 -0.15
CA GLY A 22 11.13 2.44 -1.13
C GLY A 22 11.94 3.40 -1.98
N GLY A 23 12.89 2.85 -2.74
CA GLY A 23 13.73 3.67 -3.58
C GLY A 23 13.55 3.35 -5.06
N ALA A 24 14.66 3.16 -5.76
CA ALA A 24 14.62 2.84 -7.18
C ALA A 24 16.03 2.58 -7.73
N GLN A 25 16.91 3.57 -7.58
CA GLN A 25 18.28 3.43 -8.06
C GLN A 25 19.09 2.54 -7.14
N TYR A 26 18.74 2.55 -5.85
CA TYR A 26 19.45 1.73 -4.86
C TYR A 26 18.52 0.67 -4.27
N CYS A 27 17.26 1.05 -4.04
CA CYS A 27 16.29 0.11 -3.48
C CYS A 27 14.99 0.14 -4.29
N PRO A 28 14.90 -0.69 -5.34
CA PRO A 28 13.71 -0.75 -6.20
C PRO A 28 12.53 -1.42 -5.49
N CYS A 29 12.84 -2.30 -4.54
CA CYS A 29 11.81 -3.00 -3.78
C CYS A 29 11.05 -2.04 -2.87
N LEU A 30 9.72 -2.15 -2.88
CA LEU A 30 8.88 -1.29 -2.06
C LEU A 30 8.35 -2.06 -0.84
N TYR A 31 8.41 -1.43 0.33
CA TYR A 31 7.94 -2.05 1.56
C TYR A 31 6.83 -1.23 2.20
N ILE A 32 6.06 -1.86 3.08
CA ILE A 32 4.97 -1.19 3.76
C ILE A 32 5.35 -0.85 5.20
N VAL A 33 5.07 0.38 5.60
CA VAL A 33 5.38 0.83 6.96
C VAL A 33 4.14 0.78 7.84
N GLN A 34 4.36 0.79 9.16
CA GLN A 34 3.26 0.73 10.12
C GLN A 34 2.14 1.71 9.75
N VAL A 35 0.91 1.22 9.79
CA VAL A 35 -0.25 2.05 9.44
C VAL A 35 -0.64 2.94 10.62
N PHE A 36 -1.72 3.69 10.44
CA PHE A 36 -2.20 4.59 11.48
C PHE A 36 -3.53 4.09 12.04
N ASP A 37 -3.74 4.32 13.33
CA ASP A 37 -4.98 3.89 13.98
C ASP A 37 -6.19 4.57 13.36
N ASN A 38 -7.37 4.00 13.61
CA ASN A 38 -8.62 4.54 13.10
C ASN A 38 -8.67 4.49 11.57
N THR A 39 -7.82 3.65 10.97
CA THR A 39 -7.80 3.52 9.52
C THR A 39 -8.39 2.17 9.09
N PRO A 40 -9.01 2.11 7.90
CA PRO A 40 -9.61 0.88 7.38
C PRO A 40 -8.60 -0.24 7.23
N ALA A 41 -7.34 0.15 7.00
CA ALA A 41 -6.27 -0.84 6.83
C ALA A 41 -5.75 -1.32 8.18
N ALA A 42 -5.77 -0.44 9.17
CA ALA A 42 -5.30 -0.78 10.50
C ALA A 42 -6.40 -1.45 11.32
N LEU A 43 -7.65 -1.12 11.02
CA LEU A 43 -8.79 -1.70 11.71
C LEU A 43 -9.14 -3.08 11.15
N ASP A 44 -9.12 -3.19 9.83
CA ASP A 44 -9.43 -4.45 9.17
C ASP A 44 -8.36 -5.49 9.44
N GLY A 45 -7.12 -5.02 9.63
CA GLY A 45 -6.02 -5.92 9.91
C GLY A 45 -5.66 -6.78 8.72
N THR A 46 -5.17 -6.14 7.66
CA THR A 46 -4.79 -6.85 6.44
C THR A 46 -3.40 -6.43 5.98
N VAL A 47 -3.16 -5.12 5.96
CA VAL A 47 -1.87 -4.58 5.54
C VAL A 47 -1.23 -3.74 6.64
N ALA A 48 0.08 -3.87 6.78
CA ALA A 48 0.82 -3.12 7.80
C ALA A 48 2.32 -3.34 7.66
N ALA A 49 3.07 -2.86 8.64
CA ALA A 49 4.53 -3.02 8.63
C ALA A 49 4.93 -4.48 8.72
N GLY A 50 5.40 -5.03 7.60
CA GLY A 50 5.81 -6.41 7.56
C GLY A 50 5.53 -7.07 6.23
N ASP A 51 4.49 -6.59 5.55
CA ASP A 51 4.11 -7.14 4.24
C ASP A 51 4.86 -6.43 3.12
N GLU A 52 4.88 -7.04 1.94
CA GLU A 52 5.56 -6.47 0.79
C GLU A 52 4.57 -6.23 -0.35
N ILE A 53 4.24 -4.96 -0.58
CA ILE A 53 3.32 -4.60 -1.65
C ILE A 53 3.94 -4.82 -3.02
N THR A 54 3.12 -5.23 -3.98
CA THR A 54 3.60 -5.47 -5.34
C THR A 54 2.45 -5.42 -6.33
N GLY A 55 1.46 -4.58 -6.05
CA GLY A 55 0.32 -4.44 -6.94
C GLY A 55 -0.78 -3.58 -6.35
N VAL A 56 -1.49 -2.87 -7.21
CA VAL A 56 -2.57 -2.00 -6.77
C VAL A 56 -3.68 -1.92 -7.83
N ASN A 57 -4.82 -2.52 -7.52
CA ASN A 57 -5.95 -2.52 -8.46
C ASN A 57 -5.59 -3.23 -9.75
N GLY A 58 -4.67 -4.18 -9.67
CA GLY A 58 -4.26 -4.92 -10.85
C GLY A 58 -2.97 -4.38 -11.45
N ARG A 59 -2.70 -3.09 -11.23
CA ARG A 59 -1.50 -2.46 -11.76
C ARG A 59 -0.25 -3.01 -11.08
N SER A 60 0.90 -2.87 -11.74
CA SER A 60 2.15 -3.35 -11.20
C SER A 60 2.96 -2.20 -10.58
N ILE A 61 3.25 -2.31 -9.30
CA ILE A 61 4.02 -1.28 -8.60
C ILE A 61 5.49 -1.66 -8.47
N LYS A 62 5.81 -2.93 -8.77
CA LYS A 62 7.19 -3.41 -8.68
C LYS A 62 8.14 -2.51 -9.49
N GLY A 63 7.60 -1.90 -10.53
CA GLY A 63 8.42 -1.02 -11.37
C GLY A 63 8.10 0.45 -11.16
N LYS A 64 7.79 0.82 -9.92
CA LYS A 64 7.45 2.20 -9.60
C LYS A 64 8.07 2.61 -8.26
N THR A 65 8.29 3.91 -8.10
CA THR A 65 8.88 4.44 -6.87
C THR A 65 7.81 4.65 -5.79
N LYS A 66 8.24 4.98 -4.59
CA LYS A 66 7.32 5.20 -3.48
C LYS A 66 6.42 6.40 -3.77
N VAL A 67 6.95 7.37 -4.51
CA VAL A 67 6.19 8.56 -4.86
C VAL A 67 5.10 8.25 -5.88
N GLU A 68 5.45 7.45 -6.88
CA GLU A 68 4.51 7.06 -7.92
C GLU A 68 3.39 6.20 -7.36
N VAL A 69 3.77 5.16 -6.61
CA VAL A 69 2.79 4.26 -6.01
C VAL A 69 1.86 5.02 -5.07
N ALA A 70 2.43 5.90 -4.26
CA ALA A 70 1.63 6.69 -3.31
C ALA A 70 0.55 7.48 -4.03
N LYS A 71 0.93 8.20 -5.08
CA LYS A 71 -0.02 8.99 -5.86
C LYS A 71 -1.09 8.11 -6.49
N MET A 72 -0.70 6.87 -6.82
CA MET A 72 -1.63 5.92 -7.43
C MET A 72 -2.77 5.59 -6.48
N ILE A 73 -2.42 5.34 -5.22
CA ILE A 73 -3.42 5.00 -4.20
C ILE A 73 -4.37 6.18 -3.95
N GLN A 74 -3.78 7.36 -3.75
CA GLN A 74 -4.57 8.55 -3.50
C GLN A 74 -5.51 8.85 -4.67
N GLU A 75 -5.10 8.43 -5.86
CA GLU A 75 -5.90 8.65 -7.06
C GLU A 75 -7.09 7.70 -7.09
N VAL A 76 -6.84 6.43 -6.77
CA VAL A 76 -7.89 5.43 -6.76
C VAL A 76 -9.00 5.80 -5.78
N LYS A 77 -10.24 5.51 -6.16
CA LYS A 77 -11.39 5.81 -5.31
C LYS A 77 -12.29 4.59 -5.14
N GLY A 78 -12.99 4.52 -4.02
CA GLY A 78 -13.87 3.40 -3.76
C GLY A 78 -13.12 2.19 -3.22
N GLU A 79 -13.55 1.00 -3.64
CA GLU A 79 -12.90 -0.22 -3.19
C GLU A 79 -11.52 -0.38 -3.82
N VAL A 80 -10.50 -0.12 -3.03
CA VAL A 80 -9.11 -0.23 -3.49
C VAL A 80 -8.54 -1.60 -3.18
N THR A 81 -7.90 -2.22 -4.18
CA THR A 81 -7.31 -3.53 -4.00
C THR A 81 -5.78 -3.47 -4.08
N ILE A 82 -5.13 -4.09 -3.11
CA ILE A 82 -3.67 -4.12 -3.08
C ILE A 82 -3.14 -5.53 -2.87
N HIS A 83 -2.19 -5.92 -3.71
CA HIS A 83 -1.60 -7.26 -3.63
C HIS A 83 -0.33 -7.24 -2.78
N TYR A 84 -0.46 -7.68 -1.53
CA TYR A 84 0.67 -7.72 -0.61
C TYR A 84 1.07 -9.15 -0.29
N ASN A 85 2.36 -9.36 -0.03
CA ASN A 85 2.87 -10.69 0.30
C ASN A 85 3.47 -10.71 1.71
N LYS A 86 2.80 -11.40 2.62
CA LYS A 86 3.28 -11.49 3.99
C LYS A 86 4.52 -12.37 4.08
N LEU A 87 5.42 -12.02 5.01
CA LEU A 87 6.66 -12.77 5.19
C LEU A 87 6.87 -13.11 6.67
N GLU B 1 12.34 8.00 4.75
CA GLU B 1 11.61 8.40 3.54
C GLU B 1 10.42 7.48 3.29
N SER B 2 9.31 7.77 3.95
CA SER B 2 8.10 6.96 3.79
C SER B 2 6.89 7.85 3.46
N VAL B 3 6.11 7.41 2.48
CA VAL B 3 4.93 8.16 2.06
C VAL B 3 3.66 7.50 2.58
N LYS B 4 2.81 8.31 3.23
CA LYS B 4 1.55 7.80 3.78
C LYS B 4 0.39 8.08 2.83
N ILE B 5 -0.35 7.03 2.50
CA ILE B 5 -1.49 7.16 1.60
C ILE B 5 -2.61 6.18 1.99
N THR A 1 6.43 -16.86 1.08
CA THR A 1 5.65 -15.64 0.95
C THR A 1 4.21 -15.96 0.56
N VAL A 2 3.26 -15.31 1.24
CA VAL A 2 1.84 -15.52 0.96
C VAL A 2 1.27 -14.39 0.11
N PRO A 3 1.22 -14.55 -1.22
CA PRO A 3 0.69 -13.52 -2.13
C PRO A 3 -0.80 -13.35 -1.98
N GLY A 4 -1.20 -12.32 -1.24
CA GLY A 4 -2.62 -12.06 -1.03
C GLY A 4 -3.02 -10.67 -1.47
N LYS A 5 -4.17 -10.55 -2.13
CA LYS A 5 -4.67 -9.27 -2.61
C LYS A 5 -5.90 -8.84 -1.82
N VAL A 6 -5.72 -7.91 -0.90
CA VAL A 6 -6.82 -7.41 -0.09
C VAL A 6 -7.52 -6.24 -0.76
N THR A 7 -8.80 -6.06 -0.47
CA THR A 7 -9.58 -4.98 -1.04
C THR A 7 -10.10 -4.04 0.05
N LEU A 8 -9.44 -2.89 0.20
CA LEU A 8 -9.85 -1.91 1.20
C LEU A 8 -10.46 -0.68 0.55
N GLN A 9 -11.54 -0.17 1.14
CA GLN A 9 -12.22 1.00 0.61
C GLN A 9 -11.57 2.29 1.14
N LYS A 10 -11.55 3.33 0.31
CA LYS A 10 -10.98 4.61 0.70
C LYS A 10 -11.69 5.18 1.91
N ASP A 11 -10.96 5.95 2.71
CA ASP A 11 -11.52 6.56 3.91
C ASP A 11 -12.23 7.87 3.57
N ALA A 12 -12.57 8.64 4.60
CA ALA A 12 -13.25 9.91 4.42
C ALA A 12 -12.35 10.91 3.70
N GLN A 13 -11.06 10.80 3.93
CA GLN A 13 -10.08 11.70 3.31
C GLN A 13 -9.29 10.97 2.23
N ASN A 14 -9.96 10.06 1.53
CA ASN A 14 -9.33 9.28 0.46
C ASN A 14 -7.95 8.78 0.87
N LEU A 15 -7.86 8.22 2.06
CA LEU A 15 -6.60 7.71 2.58
C LEU A 15 -6.81 6.45 3.41
N ILE A 16 -6.48 5.30 2.84
CA ILE A 16 -6.65 4.02 3.52
C ILE A 16 -5.88 4.00 4.84
N GLY A 17 -4.77 4.74 4.89
CA GLY A 17 -3.97 4.80 6.10
C GLY A 17 -2.87 3.75 6.13
N ILE A 18 -1.83 3.96 5.34
CA ILE A 18 -0.70 3.05 5.29
C ILE A 18 0.57 3.74 4.78
N SER A 19 1.70 3.35 5.35
CA SER A 19 2.98 3.95 4.96
C SER A 19 3.82 2.95 4.18
N ILE A 20 4.64 3.44 3.26
CA ILE A 20 5.50 2.59 2.45
C ILE A 20 6.87 3.24 2.23
N GLY A 21 7.78 2.49 1.63
CA GLY A 21 9.11 3.00 1.38
C GLY A 21 9.82 2.25 0.28
N GLY A 22 10.38 2.97 -0.68
CA GLY A 22 11.09 2.35 -1.77
C GLY A 22 11.85 3.35 -2.62
N GLY A 23 12.76 2.85 -3.46
CA GLY A 23 13.54 3.72 -4.31
C GLY A 23 13.04 3.74 -5.74
N ALA A 24 13.93 3.43 -6.68
CA ALA A 24 13.57 3.42 -8.09
C ALA A 24 14.57 2.60 -8.91
N GLN A 25 15.81 3.08 -8.96
CA GLN A 25 16.86 2.40 -9.71
C GLN A 25 17.61 1.42 -8.82
N TYR A 26 18.24 1.93 -7.77
CA TYR A 26 19.00 1.10 -6.84
C TYR A 26 18.06 0.21 -6.04
N CYS A 27 17.00 0.80 -5.49
CA CYS A 27 16.03 0.06 -4.69
C CYS A 27 14.64 0.17 -5.30
N PRO A 28 14.38 -0.57 -6.39
CA PRO A 28 13.08 -0.56 -7.07
C PRO A 28 12.00 -1.29 -6.28
N CYS A 29 12.41 -2.03 -5.24
CA CYS A 29 11.48 -2.77 -4.42
C CYS A 29 10.78 -1.85 -3.41
N LEU A 30 9.54 -2.17 -3.09
CA LEU A 30 8.76 -1.38 -2.14
C LEU A 30 8.44 -2.19 -0.89
N TYR A 31 8.23 -1.50 0.22
CA TYR A 31 7.91 -2.16 1.49
C TYR A 31 7.03 -1.28 2.36
N ILE A 32 6.13 -1.90 3.11
CA ILE A 32 5.23 -1.18 4.00
C ILE A 32 5.92 -0.83 5.31
N VAL A 33 5.46 0.24 5.95
CA VAL A 33 6.04 0.67 7.22
C VAL A 33 5.14 0.31 8.39
N GLN A 34 3.96 0.91 8.44
CA GLN A 34 3.01 0.64 9.51
C GLN A 34 1.62 1.15 9.16
N VAL A 35 0.68 0.96 10.07
CA VAL A 35 -0.70 1.40 9.86
C VAL A 35 -1.11 2.43 10.90
N PHE A 36 -2.21 3.13 10.64
CA PHE A 36 -2.71 4.15 11.55
C PHE A 36 -3.99 3.67 12.22
N ASP A 37 -4.28 4.23 13.39
CA ASP A 37 -5.48 3.87 14.14
C ASP A 37 -6.72 4.50 13.52
N ASN A 38 -7.86 3.82 13.69
CA ASN A 38 -9.13 4.30 13.16
C ASN A 38 -9.10 4.39 11.64
N THR A 39 -8.26 3.57 11.02
CA THR A 39 -8.16 3.56 9.56
C THR A 39 -8.74 2.28 8.99
N PRO A 40 -9.27 2.32 7.75
CA PRO A 40 -9.87 1.15 7.10
C PRO A 40 -8.87 0.00 6.97
N ALA A 41 -7.62 0.34 6.72
CA ALA A 41 -6.57 -0.67 6.57
C ALA A 41 -6.30 -1.38 7.89
N ALA A 42 -6.44 -0.66 8.99
CA ALA A 42 -6.22 -1.23 10.32
C ALA A 42 -7.46 -1.95 10.82
N LEU A 43 -8.61 -1.28 10.77
CA LEU A 43 -9.86 -1.86 11.23
C LEU A 43 -10.15 -3.18 10.51
N ASP A 44 -9.72 -3.27 9.25
CA ASP A 44 -9.93 -4.48 8.46
C ASP A 44 -8.85 -5.51 8.75
N GLY A 45 -7.66 -5.03 9.07
CA GLY A 45 -6.55 -5.92 9.36
C GLY A 45 -6.14 -6.75 8.17
N THR A 46 -5.15 -6.27 7.42
CA THR A 46 -4.67 -6.97 6.24
C THR A 46 -3.24 -6.55 5.90
N VAL A 47 -2.99 -5.25 5.92
CA VAL A 47 -1.67 -4.71 5.62
C VAL A 47 -1.12 -3.89 6.77
N ALA A 48 0.18 -4.02 7.03
CA ALA A 48 0.82 -3.29 8.11
C ALA A 48 2.34 -3.51 8.09
N ALA A 49 2.99 -3.12 9.18
CA ALA A 49 4.45 -3.27 9.29
C ALA A 49 4.86 -4.73 9.11
N GLY A 50 5.45 -5.03 7.96
CA GLY A 50 5.88 -6.39 7.68
C GLY A 50 5.46 -6.85 6.29
N ASP A 51 4.24 -6.51 5.89
CA ASP A 51 3.73 -6.89 4.59
C ASP A 51 4.49 -6.18 3.48
N GLU A 52 4.67 -6.88 2.35
CA GLU A 52 5.39 -6.31 1.22
C GLU A 52 4.43 -6.02 0.06
N ILE A 53 4.16 -4.73 -0.16
CA ILE A 53 3.27 -4.31 -1.22
C ILE A 53 3.94 -4.43 -2.58
N THR A 54 3.28 -5.12 -3.51
CA THR A 54 3.82 -5.30 -4.85
C THR A 54 2.72 -5.24 -5.90
N GLY A 55 1.70 -4.42 -5.63
CA GLY A 55 0.59 -4.28 -6.56
C GLY A 55 -0.48 -3.34 -6.04
N VAL A 56 -1.43 -3.00 -6.91
CA VAL A 56 -2.52 -2.11 -6.53
C VAL A 56 -3.54 -1.99 -7.66
N ASN A 57 -4.82 -2.13 -7.30
CA ASN A 57 -5.90 -2.01 -8.28
C ASN A 57 -5.69 -2.99 -9.44
N GLY A 58 -4.92 -4.04 -9.21
CA GLY A 58 -4.67 -5.03 -10.24
C GLY A 58 -3.30 -4.88 -10.89
N ARG A 59 -2.84 -3.65 -11.02
CA ARG A 59 -1.53 -3.38 -11.63
C ARG A 59 -0.42 -3.51 -10.60
N SER A 60 0.75 -3.94 -11.07
CA SER A 60 1.90 -4.10 -10.19
C SER A 60 2.53 -2.76 -9.86
N ILE A 61 3.40 -2.74 -8.84
CA ILE A 61 4.07 -1.52 -8.42
C ILE A 61 5.57 -1.74 -8.23
N LYS A 62 6.05 -2.91 -8.64
CA LYS A 62 7.47 -3.24 -8.49
C LYS A 62 8.33 -2.29 -9.33
N GLY A 63 7.78 -1.81 -10.43
CA GLY A 63 8.51 -0.89 -11.29
C GLY A 63 8.05 0.55 -11.14
N LYS A 64 7.76 0.94 -9.90
CA LYS A 64 7.31 2.29 -9.61
C LYS A 64 7.98 2.83 -8.35
N THR A 65 8.13 4.15 -8.28
CA THR A 65 8.75 4.80 -7.13
C THR A 65 7.76 4.94 -5.99
N LYS A 66 8.25 5.38 -4.83
CA LYS A 66 7.40 5.57 -3.66
C LYS A 66 6.35 6.64 -3.91
N VAL A 67 6.72 7.65 -4.69
CA VAL A 67 5.82 8.76 -5.00
C VAL A 67 4.72 8.30 -5.96
N GLU A 68 5.12 7.56 -6.98
CA GLU A 68 4.17 7.06 -7.98
C GLU A 68 3.14 6.14 -7.33
N VAL A 69 3.62 5.28 -6.43
CA VAL A 69 2.74 4.34 -5.74
C VAL A 69 1.78 5.07 -4.82
N ALA A 70 2.32 5.96 -3.98
CA ALA A 70 1.50 6.73 -3.05
C ALA A 70 0.41 7.50 -3.77
N LYS A 71 0.81 8.28 -4.78
CA LYS A 71 -0.14 9.07 -5.56
C LYS A 71 -1.16 8.16 -6.24
N MET A 72 -0.73 6.95 -6.60
CA MET A 72 -1.61 6.00 -7.25
C MET A 72 -2.79 5.63 -6.35
N ILE A 73 -2.50 5.34 -5.09
CA ILE A 73 -3.54 4.98 -4.13
C ILE A 73 -4.51 6.14 -3.92
N GLN A 74 -3.96 7.32 -3.61
CA GLN A 74 -4.77 8.51 -3.38
C GLN A 74 -5.64 8.81 -4.59
N GLU A 75 -5.18 8.43 -5.77
CA GLU A 75 -5.92 8.66 -7.00
C GLU A 75 -7.10 7.69 -7.12
N VAL A 76 -6.88 6.46 -6.70
CA VAL A 76 -7.92 5.43 -6.75
C VAL A 76 -9.12 5.84 -5.88
N LYS A 77 -10.30 5.34 -6.25
CA LYS A 77 -11.52 5.64 -5.51
C LYS A 77 -12.37 4.39 -5.33
N GLY A 78 -13.17 4.38 -4.26
CA GLY A 78 -14.02 3.24 -3.99
C GLY A 78 -13.28 2.12 -3.29
N GLU A 79 -13.58 0.88 -3.67
CA GLU A 79 -12.94 -0.28 -3.07
C GLU A 79 -11.58 -0.54 -3.70
N VAL A 80 -10.53 -0.05 -3.06
CA VAL A 80 -9.16 -0.23 -3.56
C VAL A 80 -8.64 -1.62 -3.23
N THR A 81 -7.69 -2.09 -4.03
CA THR A 81 -7.10 -3.42 -3.82
C THR A 81 -5.59 -3.35 -3.86
N ILE A 82 -4.94 -4.00 -2.90
CA ILE A 82 -3.48 -4.02 -2.84
C ILE A 82 -2.96 -5.45 -2.68
N HIS A 83 -1.94 -5.79 -3.47
CA HIS A 83 -1.35 -7.12 -3.42
C HIS A 83 -0.08 -7.11 -2.57
N TYR A 84 -0.20 -7.57 -1.32
CA TYR A 84 0.94 -7.61 -0.41
C TYR A 84 1.46 -9.04 -0.28
N ASN A 85 2.64 -9.18 0.32
CA ASN A 85 3.26 -10.48 0.51
C ASN A 85 3.62 -10.70 1.98
N LYS A 86 3.01 -11.70 2.59
CA LYS A 86 3.28 -12.01 3.99
C LYS A 86 4.59 -12.79 4.13
N LEU A 87 5.52 -12.22 4.89
CA LEU A 87 6.82 -12.84 5.11
C LEU A 87 6.93 -13.38 6.53
N GLU B 1 13.36 7.63 3.58
CA GLU B 1 12.23 8.36 3.02
C GLU B 1 11.04 7.44 2.81
N SER B 2 9.86 7.90 3.24
CA SER B 2 8.64 7.12 3.10
C SER B 2 7.46 8.01 2.74
N VAL B 3 6.36 7.40 2.30
CA VAL B 3 5.18 8.14 1.93
C VAL B 3 3.92 7.55 2.57
N LYS B 4 3.12 8.41 3.19
CA LYS B 4 1.90 7.97 3.84
C LYS B 4 0.68 8.25 2.98
N ILE B 5 -0.09 7.21 2.67
CA ILE B 5 -1.28 7.35 1.86
C ILE B 5 -2.44 6.53 2.42
N THR A 1 7.05 -16.74 0.12
CA THR A 1 5.98 -16.09 0.87
C THR A 1 4.61 -16.57 0.40
N VAL A 2 3.56 -15.95 0.92
CA VAL A 2 2.20 -16.29 0.55
C VAL A 2 1.46 -15.10 -0.05
N PRO A 3 1.45 -14.98 -1.38
CA PRO A 3 0.78 -13.87 -2.07
C PRO A 3 -0.66 -13.69 -1.62
N GLY A 4 -1.00 -12.47 -1.21
CA GLY A 4 -2.34 -12.19 -0.75
C GLY A 4 -2.82 -10.81 -1.16
N LYS A 5 -4.04 -10.73 -1.69
CA LYS A 5 -4.61 -9.46 -2.12
C LYS A 5 -5.86 -9.13 -1.32
N VAL A 6 -5.84 -7.99 -0.64
CA VAL A 6 -6.98 -7.56 0.16
C VAL A 6 -7.69 -6.37 -0.50
N THR A 7 -9.01 -6.43 -0.54
CA THR A 7 -9.82 -5.37 -1.13
C THR A 7 -10.32 -4.41 -0.07
N LEU A 8 -9.58 -3.31 0.13
CA LEU A 8 -9.94 -2.31 1.13
C LEU A 8 -10.50 -1.06 0.45
N GLN A 9 -11.43 -0.39 1.13
CA GLN A 9 -12.04 0.82 0.60
C GLN A 9 -11.33 2.06 1.11
N LYS A 10 -11.48 3.17 0.40
CA LYS A 10 -10.85 4.42 0.79
C LYS A 10 -11.60 5.08 1.95
N ASP A 11 -10.89 5.88 2.73
CA ASP A 11 -11.47 6.56 3.87
C ASP A 11 -12.19 7.84 3.44
N ALA A 12 -12.57 8.66 4.42
CA ALA A 12 -13.26 9.92 4.13
C ALA A 12 -12.37 10.87 3.36
N GLN A 13 -11.07 10.81 3.64
CA GLN A 13 -10.10 11.68 2.97
C GLN A 13 -9.40 10.94 1.83
N ASN A 14 -10.08 9.93 1.28
CA ASN A 14 -9.52 9.14 0.19
C ASN A 14 -8.15 8.59 0.57
N LEU A 15 -7.95 8.37 1.86
CA LEU A 15 -6.67 7.85 2.36
C LEU A 15 -6.88 6.57 3.15
N ILE A 16 -6.54 5.44 2.55
CA ILE A 16 -6.69 4.15 3.20
C ILE A 16 -5.89 4.09 4.51
N GLY A 17 -4.81 4.86 4.56
CA GLY A 17 -3.99 4.89 5.75
C GLY A 17 -2.95 3.77 5.79
N ILE A 18 -1.83 4.01 5.13
CA ILE A 18 -0.74 3.02 5.08
C ILE A 18 0.56 3.67 4.67
N SER A 19 1.59 3.53 5.50
CA SER A 19 2.90 4.10 5.21
C SER A 19 3.77 3.11 4.45
N ILE A 20 4.40 3.58 3.39
CA ILE A 20 5.26 2.73 2.58
C ILE A 20 6.68 3.31 2.49
N GLY A 21 7.57 2.57 1.85
CA GLY A 21 8.94 3.02 1.71
C GLY A 21 9.68 2.32 0.59
N GLY A 22 10.27 3.10 -0.32
CA GLY A 22 11.00 2.53 -1.43
C GLY A 22 11.79 3.57 -2.19
N GLY A 23 12.95 3.16 -2.71
CA GLY A 23 13.79 4.07 -3.47
C GLY A 23 13.19 4.45 -4.81
N ALA A 24 13.92 4.16 -5.88
CA ALA A 24 13.45 4.47 -7.23
C ALA A 24 14.34 3.81 -8.28
N GLN A 25 15.53 4.37 -8.48
CA GLN A 25 16.47 3.84 -9.46
C GLN A 25 17.31 2.72 -8.85
N TYR A 26 17.94 3.01 -7.72
CA TYR A 26 18.78 2.02 -7.04
C TYR A 26 18.00 1.29 -5.95
N CYS A 27 16.67 1.32 -6.04
CA CYS A 27 15.81 0.66 -5.06
C CYS A 27 14.34 0.92 -5.37
N PRO A 28 13.86 0.42 -6.52
CA PRO A 28 12.47 0.59 -6.94
C PRO A 28 11.50 -0.27 -6.13
N CYS A 29 12.05 -1.18 -5.32
CA CYS A 29 11.23 -2.05 -4.49
C CYS A 29 10.53 -1.27 -3.38
N LEU A 30 9.21 -1.44 -3.29
CA LEU A 30 8.42 -0.76 -2.27
C LEU A 30 7.91 -1.75 -1.24
N TYR A 31 7.84 -1.31 0.02
CA TYR A 31 7.36 -2.16 1.11
C TYR A 31 6.71 -1.34 2.21
N ILE A 32 5.68 -1.91 2.84
CA ILE A 32 4.98 -1.23 3.91
C ILE A 32 5.85 -1.13 5.15
N VAL A 33 5.68 -0.05 5.92
CA VAL A 33 6.48 0.15 7.12
C VAL A 33 5.62 0.13 8.39
N GLN A 34 4.51 0.86 8.36
CA GLN A 34 3.61 0.91 9.51
C GLN A 34 2.29 1.59 9.16
N VAL A 35 1.21 1.14 9.81
CA VAL A 35 -0.11 1.70 9.57
C VAL A 35 -0.51 2.65 10.70
N PHE A 36 -1.54 3.45 10.45
CA PHE A 36 -2.02 4.40 11.44
C PHE A 36 -3.42 4.01 11.91
N ASP A 37 -3.66 4.14 13.21
CA ASP A 37 -4.95 3.80 13.79
C ASP A 37 -6.07 4.63 13.16
N ASN A 38 -7.31 4.16 13.34
CA ASN A 38 -8.48 4.84 12.80
C ASN A 38 -8.52 4.80 11.28
N THR A 39 -7.68 3.98 10.67
CA THR A 39 -7.64 3.86 9.22
C THR A 39 -8.30 2.54 8.78
N PRO A 40 -8.88 2.53 7.56
CA PRO A 40 -9.53 1.32 7.03
C PRO A 40 -8.57 0.14 6.93
N ALA A 41 -7.31 0.45 6.61
CA ALA A 41 -6.28 -0.59 6.49
C ALA A 41 -5.96 -1.21 7.84
N ALA A 42 -6.02 -0.40 8.89
CA ALA A 42 -5.73 -0.87 10.24
C ALA A 42 -6.94 -1.53 10.86
N LEU A 43 -8.07 -0.82 10.85
CA LEU A 43 -9.31 -1.33 11.43
C LEU A 43 -9.65 -2.71 10.86
N ASP A 44 -9.45 -2.88 9.55
CA ASP A 44 -9.74 -4.15 8.90
C ASP A 44 -8.80 -5.24 9.41
N GLY A 45 -7.50 -5.02 9.24
CA GLY A 45 -6.52 -6.00 9.70
C GLY A 45 -6.07 -6.92 8.58
N THR A 46 -5.23 -6.40 7.69
CA THR A 46 -4.73 -7.19 6.57
C THR A 46 -3.38 -6.66 6.09
N VAL A 47 -3.36 -5.42 5.63
CA VAL A 47 -2.14 -4.81 5.14
C VAL A 47 -1.48 -3.96 6.22
N ALA A 48 -0.25 -4.30 6.59
CA ALA A 48 0.49 -3.56 7.61
C ALA A 48 1.97 -3.87 7.55
N ALA A 49 2.70 -3.42 8.57
CA ALA A 49 4.14 -3.65 8.64
C ALA A 49 4.48 -5.13 8.52
N GLY A 50 5.60 -5.42 7.85
CA GLY A 50 6.01 -6.81 7.68
C GLY A 50 5.56 -7.38 6.34
N ASP A 51 4.45 -6.86 5.82
CA ASP A 51 3.92 -7.33 4.54
C ASP A 51 4.73 -6.77 3.38
N GLU A 52 4.57 -7.36 2.21
CA GLU A 52 5.29 -6.93 1.01
C GLU A 52 4.32 -6.46 -0.06
N ILE A 53 4.17 -5.14 -0.18
CA ILE A 53 3.27 -4.57 -1.18
C ILE A 53 3.83 -4.77 -2.59
N THR A 54 2.95 -5.17 -3.51
CA THR A 54 3.36 -5.40 -4.90
C THR A 54 2.14 -5.43 -5.82
N GLY A 55 1.21 -4.50 -5.60
CA GLY A 55 0.02 -4.45 -6.43
C GLY A 55 -1.05 -3.54 -5.84
N VAL A 56 -1.69 -2.75 -6.70
CA VAL A 56 -2.73 -1.84 -6.26
C VAL A 56 -3.86 -1.76 -7.29
N ASN A 57 -5.05 -2.21 -6.90
CA ASN A 57 -6.20 -2.19 -7.79
C ASN A 57 -5.93 -3.01 -9.05
N GLY A 58 -5.09 -4.03 -8.92
CA GLY A 58 -4.77 -4.88 -10.05
C GLY A 58 -3.49 -4.47 -10.74
N ARG A 59 -3.17 -3.18 -10.69
CA ARG A 59 -1.96 -2.66 -11.31
C ARG A 59 -0.71 -3.14 -10.56
N SER A 60 0.34 -3.41 -11.31
CA SER A 60 1.60 -3.88 -10.72
C SER A 60 2.48 -2.70 -10.35
N ILE A 61 2.93 -2.67 -9.10
CA ILE A 61 3.79 -1.61 -8.61
C ILE A 61 5.26 -2.03 -8.57
N LYS A 62 5.54 -3.26 -8.99
CA LYS A 62 6.89 -3.78 -9.00
C LYS A 62 7.77 -2.98 -9.94
N GLY A 63 8.28 -1.85 -9.46
CA GLY A 63 9.13 -1.01 -10.28
C GLY A 63 8.65 0.43 -10.34
N LYS A 64 8.24 0.96 -9.19
CA LYS A 64 7.77 2.33 -9.11
C LYS A 64 8.34 3.04 -7.89
N THR A 65 8.44 4.36 -7.97
CA THR A 65 8.98 5.16 -6.87
C THR A 65 7.91 5.41 -5.81
N LYS A 66 8.34 5.81 -4.62
CA LYS A 66 7.42 6.09 -3.52
C LYS A 66 6.39 7.15 -3.92
N VAL A 67 6.83 8.14 -4.68
CA VAL A 67 5.95 9.21 -5.13
C VAL A 67 4.96 8.70 -6.17
N GLU A 68 5.42 7.79 -7.02
CA GLU A 68 4.58 7.23 -8.06
C GLU A 68 3.48 6.36 -7.46
N VAL A 69 3.87 5.42 -6.60
CA VAL A 69 2.91 4.54 -5.96
C VAL A 69 1.93 5.31 -5.09
N ALA A 70 2.46 6.15 -4.20
CA ALA A 70 1.63 6.95 -3.31
C ALA A 70 0.54 7.70 -4.09
N LYS A 71 0.94 8.40 -5.14
CA LYS A 71 0.00 9.14 -5.97
C LYS A 71 -1.00 8.20 -6.62
N MET A 72 -0.55 6.98 -6.93
CA MET A 72 -1.41 5.99 -7.57
C MET A 72 -2.57 5.61 -6.64
N ILE A 73 -2.31 5.55 -5.35
CA ILE A 73 -3.33 5.21 -4.37
C ILE A 73 -4.33 6.35 -4.19
N GLN A 74 -3.81 7.53 -3.85
CA GLN A 74 -4.65 8.71 -3.65
C GLN A 74 -5.53 8.97 -4.87
N GLU A 75 -5.04 8.57 -6.04
CA GLU A 75 -5.79 8.77 -7.28
C GLU A 75 -6.94 7.77 -7.39
N VAL A 76 -6.63 6.49 -7.29
CA VAL A 76 -7.63 5.44 -7.37
C VAL A 76 -8.67 5.59 -6.26
N LYS A 77 -9.93 5.33 -6.61
CA LYS A 77 -11.02 5.43 -5.63
C LYS A 77 -11.80 4.12 -5.55
N GLY A 78 -12.88 4.12 -4.78
CA GLY A 78 -13.69 2.93 -4.63
C GLY A 78 -12.96 1.83 -3.88
N GLU A 79 -13.53 0.62 -3.90
CA GLU A 79 -12.93 -0.51 -3.21
C GLU A 79 -11.58 -0.87 -3.82
N VAL A 80 -10.50 -0.39 -3.21
CA VAL A 80 -9.16 -0.66 -3.69
C VAL A 80 -8.70 -2.06 -3.29
N THR A 81 -7.73 -2.59 -4.03
CA THR A 81 -7.21 -3.92 -3.75
C THR A 81 -5.68 -3.93 -3.81
N ILE A 82 -5.05 -4.00 -2.65
CA ILE A 82 -3.60 -4.02 -2.57
C ILE A 82 -3.08 -5.45 -2.45
N HIS A 83 -2.23 -5.84 -3.40
CA HIS A 83 -1.66 -7.18 -3.40
C HIS A 83 -0.37 -7.23 -2.59
N TYR A 84 -0.49 -7.73 -1.37
CA TYR A 84 0.68 -7.84 -0.48
C TYR A 84 1.11 -9.29 -0.32
N ASN A 85 2.35 -9.48 0.12
CA ASN A 85 2.89 -10.82 0.31
C ASN A 85 3.34 -11.03 1.76
N LYS A 86 2.72 -12.00 2.43
CA LYS A 86 3.06 -12.29 3.82
C LYS A 86 4.35 -13.12 3.91
N LEU A 87 5.37 -12.54 4.54
CA LEU A 87 6.65 -13.22 4.70
C LEU A 87 6.84 -13.73 6.13
N GLU B 1 11.95 8.26 5.33
CA GLU B 1 10.85 9.12 4.88
C GLU B 1 9.79 8.30 4.16
N SER B 2 8.86 7.73 4.91
CA SER B 2 7.79 6.93 4.33
C SER B 2 6.59 7.80 3.97
N VAL B 3 6.02 7.54 2.79
CA VAL B 3 4.87 8.30 2.32
C VAL B 3 3.57 7.68 2.82
N LYS B 4 2.88 8.39 3.70
CA LYS B 4 1.61 7.92 4.26
C LYS B 4 0.45 8.27 3.34
N ILE B 5 -0.26 7.24 2.87
CA ILE B 5 -1.40 7.44 1.99
C ILE B 5 -2.60 6.63 2.45
N THR A 1 7.32 -16.66 -0.33
CA THR A 1 6.47 -15.63 0.27
C THR A 1 5.00 -16.03 0.17
N VAL A 2 4.13 -15.18 0.71
CA VAL A 2 2.70 -15.43 0.69
C VAL A 2 1.95 -14.30 -0.01
N PRO A 3 1.74 -14.41 -1.33
CA PRO A 3 1.04 -13.39 -2.11
C PRO A 3 -0.45 -13.32 -1.76
N GLY A 4 -0.88 -12.14 -1.32
CA GLY A 4 -2.27 -11.95 -0.95
C GLY A 4 -2.82 -10.62 -1.43
N LYS A 5 -4.11 -10.60 -1.78
CA LYS A 5 -4.76 -9.38 -2.25
C LYS A 5 -6.00 -9.08 -1.44
N VAL A 6 -5.98 -7.95 -0.74
CA VAL A 6 -7.11 -7.54 0.08
C VAL A 6 -7.80 -6.31 -0.51
N THR A 7 -9.11 -6.41 -0.70
CA THR A 7 -9.90 -5.32 -1.27
C THR A 7 -10.33 -4.35 -0.18
N LEU A 8 -9.45 -3.40 0.15
CA LEU A 8 -9.74 -2.41 1.17
C LEU A 8 -10.56 -1.25 0.58
N GLN A 9 -11.07 -0.39 1.45
CA GLN A 9 -11.86 0.75 1.02
C GLN A 9 -11.20 2.07 1.40
N LYS A 10 -11.42 3.10 0.59
CA LYS A 10 -10.83 4.41 0.85
C LYS A 10 -11.53 5.10 2.01
N ASP A 11 -10.85 6.06 2.61
CA ASP A 11 -11.40 6.80 3.74
C ASP A 11 -12.07 8.10 3.26
N ALA A 12 -12.48 8.92 4.21
CA ALA A 12 -13.13 10.19 3.89
C ALA A 12 -12.17 11.12 3.13
N GLN A 13 -10.88 10.96 3.38
CA GLN A 13 -9.88 11.78 2.71
C GLN A 13 -9.15 10.99 1.62
N ASN A 14 -9.87 10.09 0.97
CA ASN A 14 -9.31 9.26 -0.09
C ASN A 14 -7.94 8.70 0.30
N LEU A 15 -7.83 8.27 1.55
CA LEU A 15 -6.57 7.71 2.04
C LEU A 15 -6.82 6.52 2.97
N ILE A 16 -6.56 5.32 2.49
CA ILE A 16 -6.77 4.11 3.27
C ILE A 16 -5.94 4.15 4.56
N GLY A 17 -4.75 4.73 4.47
CA GLY A 17 -3.88 4.82 5.63
C GLY A 17 -2.87 3.70 5.70
N ILE A 18 -1.73 3.89 5.05
CA ILE A 18 -0.67 2.89 5.04
C ILE A 18 0.67 3.50 4.63
N SER A 19 1.66 3.38 5.50
CA SER A 19 2.99 3.93 5.23
C SER A 19 3.82 2.95 4.42
N ILE A 20 4.58 3.46 3.47
CA ILE A 20 5.43 2.63 2.62
C ILE A 20 6.81 3.24 2.46
N GLY A 21 7.72 2.49 1.84
CA GLY A 21 9.07 2.98 1.62
C GLY A 21 9.80 2.22 0.54
N GLY A 22 10.24 2.94 -0.49
CA GLY A 22 10.94 2.32 -1.59
C GLY A 22 11.57 3.33 -2.53
N GLY A 23 12.73 2.98 -3.07
CA GLY A 23 13.42 3.87 -3.99
C GLY A 23 12.96 3.70 -5.43
N ALA A 24 13.92 3.64 -6.35
CA ALA A 24 13.60 3.47 -7.77
C ALA A 24 14.74 2.78 -8.50
N GLN A 25 15.80 3.54 -8.79
CA GLN A 25 16.95 3.01 -9.50
C GLN A 25 17.81 2.15 -8.57
N TYR A 26 17.89 2.56 -7.30
CA TYR A 26 18.68 1.83 -6.32
C TYR A 26 17.82 0.80 -5.59
N CYS A 27 16.54 1.10 -5.44
CA CYS A 27 15.61 0.20 -4.77
C CYS A 27 14.19 0.39 -5.30
N PRO A 28 13.88 -0.21 -6.46
CA PRO A 28 12.56 -0.11 -7.08
C PRO A 28 11.48 -0.83 -6.26
N CYS A 29 11.90 -1.80 -5.46
CA CYS A 29 10.99 -2.57 -4.63
C CYS A 29 10.43 -1.71 -3.50
N LEU A 30 9.10 -1.71 -3.37
CA LEU A 30 8.44 -0.94 -2.33
C LEU A 30 8.02 -1.84 -1.17
N TYR A 31 8.01 -1.29 0.03
CA TYR A 31 7.63 -2.05 1.22
C TYR A 31 6.79 -1.20 2.18
N ILE A 32 5.96 -1.86 2.97
CA ILE A 32 5.10 -1.16 3.93
C ILE A 32 5.86 -0.87 5.22
N VAL A 33 5.33 0.05 6.01
CA VAL A 33 5.96 0.42 7.27
C VAL A 33 5.05 0.16 8.47
N GLN A 34 3.97 0.93 8.57
CA GLN A 34 3.02 0.78 9.68
C GLN A 34 1.71 1.47 9.37
N VAL A 35 0.62 0.92 9.88
CA VAL A 35 -0.72 1.48 9.67
C VAL A 35 -1.07 2.46 10.79
N PHE A 36 -2.10 3.26 10.56
CA PHE A 36 -2.55 4.23 11.55
C PHE A 36 -3.95 3.90 12.04
N ASP A 37 -4.18 4.06 13.34
CA ASP A 37 -5.48 3.77 13.93
C ASP A 37 -6.57 4.65 13.31
N ASN A 38 -7.82 4.19 13.43
CA ASN A 38 -8.96 4.92 12.90
C ASN A 38 -8.97 4.92 11.37
N THR A 39 -8.16 4.05 10.77
CA THR A 39 -8.10 3.96 9.31
C THR A 39 -8.72 2.66 8.83
N PRO A 40 -9.24 2.63 7.60
CA PRO A 40 -9.87 1.43 7.02
C PRO A 40 -8.91 0.25 6.98
N ALA A 41 -7.62 0.54 6.85
CA ALA A 41 -6.59 -0.50 6.79
C ALA A 41 -6.32 -1.05 8.19
N ALA A 42 -6.44 -0.20 9.21
CA ALA A 42 -6.21 -0.61 10.58
C ALA A 42 -7.48 -1.12 11.23
N LEU A 43 -8.63 -0.69 10.72
CA LEU A 43 -9.92 -1.11 11.26
C LEU A 43 -10.30 -2.48 10.73
N ASP A 44 -9.96 -2.75 9.47
CA ASP A 44 -10.26 -4.03 8.84
C ASP A 44 -9.29 -5.11 9.32
N GLY A 45 -8.00 -4.80 9.25
CA GLY A 45 -7.00 -5.76 9.67
C GLY A 45 -6.52 -6.65 8.54
N THR A 46 -5.52 -6.18 7.79
CA THR A 46 -4.98 -6.94 6.68
C THR A 46 -3.59 -6.45 6.31
N VAL A 47 -3.51 -5.22 5.82
CA VAL A 47 -2.23 -4.63 5.42
C VAL A 47 -1.58 -3.91 6.58
N ALA A 48 -0.28 -4.11 6.75
CA ALA A 48 0.46 -3.46 7.83
C ALA A 48 1.96 -3.78 7.74
N ALA A 49 2.69 -3.45 8.79
CA ALA A 49 4.13 -3.70 8.83
C ALA A 49 4.44 -5.18 8.61
N GLY A 50 5.55 -5.44 7.93
CA GLY A 50 5.94 -6.81 7.66
C GLY A 50 5.30 -7.37 6.40
N ASP A 51 4.97 -6.48 5.47
CA ASP A 51 4.35 -6.88 4.21
C ASP A 51 5.09 -6.30 3.02
N GLU A 52 4.98 -6.96 1.87
CA GLU A 52 5.65 -6.51 0.66
C GLU A 52 4.63 -6.13 -0.41
N ILE A 53 4.39 -4.83 -0.57
CA ILE A 53 3.44 -4.34 -1.56
C ILE A 53 3.99 -4.53 -2.97
N THR A 54 3.19 -5.17 -3.82
CA THR A 54 3.59 -5.43 -5.20
C THR A 54 2.38 -5.45 -6.13
N GLY A 55 1.40 -4.60 -5.83
CA GLY A 55 0.20 -4.54 -6.65
C GLY A 55 -0.89 -3.69 -6.03
N VAL A 56 -1.71 -3.09 -6.88
CA VAL A 56 -2.80 -2.24 -6.42
C VAL A 56 -3.94 -2.21 -7.44
N ASN A 57 -5.04 -2.90 -7.13
CA ASN A 57 -6.19 -2.94 -8.02
C ASN A 57 -5.82 -3.57 -9.36
N GLY A 58 -4.82 -4.46 -9.34
CA GLY A 58 -4.40 -5.13 -10.56
C GLY A 58 -3.14 -4.49 -11.15
N ARG A 59 -2.96 -3.20 -10.90
CA ARG A 59 -1.80 -2.48 -11.41
C ARG A 59 -0.51 -3.00 -10.77
N SER A 60 0.54 -3.07 -11.57
CA SER A 60 1.84 -3.55 -11.08
C SER A 60 2.69 -2.40 -10.57
N ILE A 61 3.12 -2.50 -9.32
CA ILE A 61 3.95 -1.47 -8.71
C ILE A 61 5.37 -1.95 -8.47
N LYS A 62 5.75 -3.05 -9.14
CA LYS A 62 7.09 -3.61 -9.00
C LYS A 62 8.14 -2.65 -9.55
N GLY A 63 7.76 -1.88 -10.56
CA GLY A 63 8.68 -0.93 -11.16
C GLY A 63 8.23 0.51 -10.98
N LYS A 64 7.90 0.87 -9.75
CA LYS A 64 7.47 2.22 -9.44
C LYS A 64 8.15 2.74 -8.18
N THR A 65 8.29 4.06 -8.10
CA THR A 65 8.91 4.69 -6.93
C THR A 65 7.91 4.90 -5.82
N LYS A 66 8.41 5.24 -4.63
CA LYS A 66 7.54 5.47 -3.48
C LYS A 66 6.51 6.56 -3.77
N VAL A 67 6.92 7.55 -4.56
CA VAL A 67 6.04 8.65 -4.92
C VAL A 67 4.99 8.21 -5.94
N GLU A 68 5.41 7.35 -6.87
CA GLU A 68 4.51 6.85 -7.90
C GLU A 68 3.40 6.01 -7.28
N VAL A 69 3.78 5.06 -6.44
CA VAL A 69 2.81 4.18 -5.78
C VAL A 69 1.88 4.99 -4.88
N ALA A 70 2.44 5.92 -4.13
CA ALA A 70 1.66 6.76 -3.23
C ALA A 70 0.59 7.53 -3.99
N LYS A 71 0.97 8.09 -5.14
CA LYS A 71 0.05 8.85 -5.96
C LYS A 71 -1.03 7.95 -6.56
N MET A 72 -0.65 6.72 -6.90
CA MET A 72 -1.57 5.75 -7.47
C MET A 72 -2.75 5.50 -6.53
N ILE A 73 -2.44 5.22 -5.26
CA ILE A 73 -3.45 4.96 -4.26
C ILE A 73 -4.34 6.19 -4.05
N GLN A 74 -3.71 7.34 -3.81
CA GLN A 74 -4.44 8.58 -3.59
C GLN A 74 -5.37 8.88 -4.75
N GLU A 75 -5.02 8.37 -5.94
CA GLU A 75 -5.82 8.60 -7.13
C GLU A 75 -7.05 7.69 -7.15
N VAL A 76 -6.84 6.42 -6.83
CA VAL A 76 -7.92 5.44 -6.81
C VAL A 76 -9.01 5.86 -5.82
N LYS A 77 -10.24 5.43 -6.10
CA LYS A 77 -11.37 5.75 -5.23
C LYS A 77 -12.27 4.54 -5.04
N GLY A 78 -12.92 4.47 -3.88
CA GLY A 78 -13.81 3.36 -3.58
C GLY A 78 -13.06 2.15 -3.04
N GLU A 79 -13.60 0.96 -3.30
CA GLU A 79 -12.98 -0.27 -2.83
C GLU A 79 -11.65 -0.51 -3.52
N VAL A 80 -10.58 0.00 -2.91
CA VAL A 80 -9.23 -0.16 -3.47
C VAL A 80 -8.63 -1.51 -3.08
N THR A 81 -7.94 -2.15 -4.02
CA THR A 81 -7.31 -3.43 -3.77
C THR A 81 -5.79 -3.29 -3.70
N ILE A 82 -5.19 -4.02 -2.76
CA ILE A 82 -3.74 -3.97 -2.58
C ILE A 82 -3.17 -5.38 -2.39
N HIS A 83 -2.23 -5.76 -3.24
CA HIS A 83 -1.61 -7.07 -3.17
C HIS A 83 -0.35 -7.03 -2.32
N TYR A 84 -0.42 -7.59 -1.11
CA TYR A 84 0.72 -7.61 -0.20
C TYR A 84 1.29 -9.02 -0.08
N ASN A 85 2.62 -9.10 0.04
CA ASN A 85 3.29 -10.39 0.16
C ASN A 85 3.80 -10.59 1.59
N LYS A 86 3.23 -11.56 2.29
CA LYS A 86 3.63 -11.86 3.65
C LYS A 86 5.01 -12.50 3.69
N LEU A 87 5.88 -11.96 4.53
CA LEU A 87 7.24 -12.47 4.66
C LEU A 87 7.54 -12.88 6.10
N GLU B 1 11.65 8.18 6.73
CA GLU B 1 11.19 8.56 5.40
C GLU B 1 10.25 7.51 4.83
N SER B 2 8.95 7.72 5.03
CA SER B 2 7.94 6.79 4.53
C SER B 2 6.67 7.53 4.13
N VAL B 3 6.30 7.41 2.86
CA VAL B 3 5.10 8.06 2.35
C VAL B 3 3.84 7.43 2.92
N LYS B 4 2.95 8.27 3.44
CA LYS B 4 1.70 7.80 4.03
C LYS B 4 0.54 8.05 3.08
N ILE B 5 -0.17 6.99 2.72
CA ILE B 5 -1.32 7.10 1.82
C ILE B 5 -2.48 6.25 2.31
N THR A 1 7.32 -16.64 1.53
CA THR A 1 6.23 -15.69 1.74
C THR A 1 4.94 -16.19 1.08
N VAL A 2 3.84 -15.49 1.35
CA VAL A 2 2.55 -15.86 0.80
C VAL A 2 1.80 -14.63 0.29
N PRO A 3 1.86 -14.34 -1.02
CA PRO A 3 1.19 -13.19 -1.62
C PRO A 3 -0.28 -13.10 -1.22
N GLY A 4 -0.87 -11.91 -1.38
CA GLY A 4 -2.26 -11.72 -1.04
C GLY A 4 -2.81 -10.42 -1.57
N LYS A 5 -3.99 -10.49 -2.19
CA LYS A 5 -4.62 -9.31 -2.75
C LYS A 5 -5.88 -8.93 -1.96
N VAL A 6 -5.75 -7.96 -1.07
CA VAL A 6 -6.88 -7.52 -0.26
C VAL A 6 -7.56 -6.30 -0.89
N THR A 7 -8.89 -6.29 -0.84
CA THR A 7 -9.67 -5.20 -1.42
C THR A 7 -10.17 -4.26 -0.32
N LEU A 8 -9.38 -3.22 -0.03
CA LEU A 8 -9.76 -2.25 0.99
C LEU A 8 -10.54 -1.10 0.36
N GLN A 9 -11.11 -0.25 1.23
CA GLN A 9 -11.89 0.89 0.75
C GLN A 9 -11.26 2.21 1.22
N LYS A 10 -11.65 3.29 0.59
CA LYS A 10 -11.14 4.61 0.94
C LYS A 10 -11.88 5.19 2.13
N ASP A 11 -11.14 5.78 3.06
CA ASP A 11 -11.73 6.37 4.27
C ASP A 11 -12.37 7.71 3.94
N ALA A 12 -12.86 8.39 4.97
CA ALA A 12 -13.50 9.69 4.80
C ALA A 12 -12.54 10.70 4.19
N GLN A 13 -11.25 10.50 4.44
CA GLN A 13 -10.23 11.40 3.91
C GLN A 13 -9.60 10.83 2.64
N ASN A 14 -10.33 9.93 1.97
CA ASN A 14 -9.83 9.31 0.74
C ASN A 14 -8.47 8.68 0.94
N LEU A 15 -8.26 8.10 2.13
CA LEU A 15 -6.99 7.47 2.45
C LEU A 15 -7.21 6.23 3.32
N ILE A 16 -6.87 5.07 2.78
CA ILE A 16 -7.03 3.82 3.51
C ILE A 16 -6.22 3.81 4.80
N GLY A 17 -5.15 4.62 4.82
CA GLY A 17 -4.31 4.70 6.00
C GLY A 17 -3.21 3.65 6.00
N ILE A 18 -2.24 3.83 5.11
CA ILE A 18 -1.11 2.89 5.01
C ILE A 18 0.16 3.61 4.60
N SER A 19 1.29 3.16 5.13
CA SER A 19 2.58 3.75 4.82
C SER A 19 3.45 2.79 4.02
N ILE A 20 4.33 3.34 3.20
CA ILE A 20 5.23 2.53 2.38
C ILE A 20 6.60 3.17 2.24
N GLY A 21 7.59 2.37 1.90
CA GLY A 21 8.94 2.88 1.75
C GLY A 21 9.76 2.07 0.75
N GLY A 22 10.20 2.73 -0.32
CA GLY A 22 10.98 2.06 -1.33
C GLY A 22 11.60 3.01 -2.33
N GLY A 23 12.50 2.51 -3.15
CA GLY A 23 13.15 3.34 -4.15
C GLY A 23 12.68 3.04 -5.56
N ALA A 24 13.62 2.84 -6.48
CA ALA A 24 13.30 2.54 -7.87
C ALA A 24 14.54 2.11 -8.64
N GLN A 25 15.65 2.81 -8.40
CA GLN A 25 16.90 2.50 -9.08
C GLN A 25 17.53 1.23 -8.52
N TYR A 26 17.56 1.12 -7.20
CA TYR A 26 18.13 -0.04 -6.54
C TYR A 26 17.06 -0.82 -5.78
N CYS A 27 16.13 -0.11 -5.17
CA CYS A 27 15.04 -0.72 -4.41
C CYS A 27 13.69 -0.45 -5.07
N PRO A 28 13.37 -1.20 -6.14
CA PRO A 28 12.09 -1.03 -6.85
C PRO A 28 10.91 -1.55 -6.05
N CYS A 29 11.09 -2.71 -5.42
CA CYS A 29 10.03 -3.32 -4.62
C CYS A 29 9.67 -2.44 -3.44
N LEU A 30 8.50 -1.81 -3.51
CA LEU A 30 8.03 -0.94 -2.45
C LEU A 30 7.60 -1.74 -1.23
N TYR A 31 7.97 -1.26 -0.04
CA TYR A 31 7.62 -1.95 1.20
C TYR A 31 6.52 -1.20 1.94
N ILE A 32 6.03 -1.80 3.02
CA ILE A 32 4.97 -1.19 3.82
C ILE A 32 5.46 -0.87 5.22
N VAL A 33 4.81 0.10 5.86
CA VAL A 33 5.18 0.51 7.21
C VAL A 33 3.95 0.58 8.12
N GLN A 34 4.18 0.69 9.41
CA GLN A 34 3.09 0.77 10.39
C GLN A 34 1.99 1.73 9.93
N VAL A 35 0.74 1.29 10.05
CA VAL A 35 -0.40 2.11 9.64
C VAL A 35 -0.83 3.04 10.77
N PHE A 36 -1.88 3.80 10.53
CA PHE A 36 -2.40 4.73 11.53
C PHE A 36 -3.73 4.23 12.09
N ASP A 37 -3.93 4.45 13.38
CA ASP A 37 -5.15 4.01 14.04
C ASP A 37 -6.38 4.68 13.44
N ASN A 38 -7.54 4.06 13.64
CA ASN A 38 -8.80 4.58 13.13
C ASN A 38 -8.85 4.55 11.60
N THR A 39 -7.98 3.75 10.99
CA THR A 39 -7.95 3.64 9.54
C THR A 39 -8.49 2.27 9.10
N PRO A 40 -9.10 2.20 7.91
CA PRO A 40 -9.66 0.95 7.38
C PRO A 40 -8.61 -0.14 7.26
N ALA A 41 -7.36 0.26 7.03
CA ALA A 41 -6.26 -0.68 6.90
C ALA A 41 -5.80 -1.18 8.26
N ALA A 42 -5.89 -0.31 9.26
CA ALA A 42 -5.47 -0.67 10.62
C ALA A 42 -6.58 -1.37 11.37
N LEU A 43 -7.83 -1.04 11.03
CA LEU A 43 -8.98 -1.65 11.67
C LEU A 43 -9.25 -3.04 11.10
N ASP A 44 -9.02 -3.19 9.80
CA ASP A 44 -9.24 -4.48 9.15
C ASP A 44 -8.20 -5.51 9.59
N GLY A 45 -6.93 -5.14 9.48
CA GLY A 45 -5.86 -6.03 9.87
C GLY A 45 -5.33 -6.85 8.71
N THR A 46 -5.13 -6.20 7.57
CA THR A 46 -4.63 -6.87 6.38
C THR A 46 -3.28 -6.29 5.96
N VAL A 47 -3.26 -4.97 5.75
CA VAL A 47 -2.04 -4.29 5.34
C VAL A 47 -1.44 -3.48 6.48
N ALA A 48 -0.15 -3.63 6.70
CA ALA A 48 0.54 -2.92 7.77
C ALA A 48 2.05 -3.19 7.75
N ALA A 49 2.74 -2.76 8.78
CA ALA A 49 4.18 -2.96 8.88
C ALA A 49 4.53 -4.44 8.87
N GLY A 50 5.49 -4.80 8.02
CA GLY A 50 5.89 -6.19 7.92
C GLY A 50 5.52 -6.81 6.58
N ASP A 51 4.43 -6.34 5.99
CA ASP A 51 3.96 -6.85 4.72
C ASP A 51 4.78 -6.25 3.57
N GLU A 52 4.64 -6.84 2.38
CA GLU A 52 5.36 -6.36 1.21
C GLU A 52 4.39 -6.10 0.05
N ILE A 53 4.07 -4.83 -0.17
CA ILE A 53 3.17 -4.45 -1.25
C ILE A 53 3.83 -4.64 -2.61
N THR A 54 3.02 -5.02 -3.60
CA THR A 54 3.52 -5.24 -4.96
C THR A 54 2.38 -5.31 -5.96
N GLY A 55 1.42 -4.41 -5.81
CA GLY A 55 0.28 -4.39 -6.72
C GLY A 55 -0.87 -3.55 -6.20
N VAL A 56 -1.57 -2.88 -7.10
CA VAL A 56 -2.69 -2.04 -6.72
C VAL A 56 -3.77 -2.04 -7.81
N ASN A 57 -4.95 -2.54 -7.47
CA ASN A 57 -6.06 -2.61 -8.40
C ASN A 57 -5.68 -3.42 -9.64
N GLY A 58 -4.78 -4.37 -9.46
CA GLY A 58 -4.35 -5.20 -10.57
C GLY A 58 -3.06 -4.71 -11.21
N ARG A 59 -2.86 -3.40 -11.18
CA ARG A 59 -1.66 -2.80 -11.75
C ARG A 59 -0.43 -3.17 -10.93
N SER A 60 0.64 -3.59 -11.63
CA SER A 60 1.88 -3.97 -10.96
C SER A 60 2.71 -2.75 -10.60
N ILE A 61 3.04 -2.61 -9.32
CA ILE A 61 3.83 -1.48 -8.86
C ILE A 61 5.29 -1.87 -8.64
N LYS A 62 5.69 -3.00 -9.22
CA LYS A 62 7.06 -3.48 -9.09
C LYS A 62 8.05 -2.49 -9.70
N GLY A 63 7.61 -1.79 -10.75
CA GLY A 63 8.46 -0.82 -11.41
C GLY A 63 8.03 0.61 -11.16
N LYS A 64 7.73 0.91 -9.90
CA LYS A 64 7.29 2.25 -9.53
C LYS A 64 7.96 2.70 -8.23
N THR A 65 8.18 4.01 -8.12
CA THR A 65 8.82 4.57 -6.93
C THR A 65 7.79 4.80 -5.82
N LYS A 66 8.28 5.07 -4.61
CA LYS A 66 7.41 5.31 -3.47
C LYS A 66 6.45 6.46 -3.74
N VAL A 67 6.91 7.43 -4.54
CA VAL A 67 6.09 8.59 -4.88
C VAL A 67 5.06 8.23 -5.94
N GLU A 68 5.46 7.35 -6.87
CA GLU A 68 4.57 6.92 -7.94
C GLU A 68 3.42 6.08 -7.39
N VAL A 69 3.75 5.09 -6.58
CA VAL A 69 2.75 4.22 -5.97
C VAL A 69 1.84 5.00 -5.03
N ALA A 70 2.44 5.83 -4.20
CA ALA A 70 1.68 6.64 -3.24
C ALA A 70 0.62 7.47 -3.95
N LYS A 71 1.01 8.12 -5.04
CA LYS A 71 0.08 8.95 -5.81
C LYS A 71 -1.00 8.09 -6.44
N MET A 72 -0.64 6.88 -6.86
CA MET A 72 -1.58 5.95 -7.47
C MET A 72 -2.73 5.64 -6.51
N ILE A 73 -2.40 5.47 -5.24
CA ILE A 73 -3.40 5.16 -4.22
C ILE A 73 -4.24 6.38 -3.89
N GLN A 74 -3.61 7.56 -3.92
CA GLN A 74 -4.29 8.81 -3.62
C GLN A 74 -5.31 9.14 -4.71
N GLU A 75 -5.07 8.64 -5.91
CA GLU A 75 -5.97 8.89 -7.04
C GLU A 75 -7.11 7.88 -7.05
N VAL A 76 -6.77 6.61 -6.97
CA VAL A 76 -7.77 5.54 -6.98
C VAL A 76 -8.78 5.73 -5.84
N LYS A 77 -10.05 5.82 -6.20
CA LYS A 77 -11.11 5.99 -5.21
C LYS A 77 -11.96 4.73 -5.09
N GLY A 78 -12.90 4.73 -4.15
CA GLY A 78 -13.76 3.59 -3.94
C GLY A 78 -13.02 2.40 -3.36
N GLU A 79 -13.51 1.20 -3.65
CA GLU A 79 -12.88 -0.02 -3.15
C GLU A 79 -11.53 -0.26 -3.82
N VAL A 80 -10.46 0.17 -3.16
CA VAL A 80 -9.11 0.01 -3.69
C VAL A 80 -8.54 -1.35 -3.33
N THR A 81 -7.82 -1.96 -4.26
CA THR A 81 -7.22 -3.26 -4.05
C THR A 81 -5.70 -3.17 -4.04
N ILE A 82 -5.07 -3.93 -3.15
CA ILE A 82 -3.61 -3.93 -3.04
C ILE A 82 -3.09 -5.35 -2.86
N HIS A 83 -2.00 -5.67 -3.56
CA HIS A 83 -1.39 -6.99 -3.49
C HIS A 83 -0.14 -6.97 -2.62
N TYR A 84 -0.27 -7.51 -1.41
CA TYR A 84 0.85 -7.55 -0.48
C TYR A 84 1.36 -8.98 -0.30
N ASN A 85 2.54 -9.10 0.30
CA ASN A 85 3.14 -10.40 0.53
C ASN A 85 3.54 -10.57 2.00
N LYS A 86 3.04 -11.64 2.62
CA LYS A 86 3.34 -11.91 4.03
C LYS A 86 4.66 -12.66 4.15
N LEU A 87 5.54 -12.15 5.02
CA LEU A 87 6.85 -12.78 5.23
C LEU A 87 6.92 -13.40 6.62
N GLU B 1 12.30 7.43 6.09
CA GLU B 1 11.66 7.95 4.89
C GLU B 1 10.54 7.02 4.42
N SER B 2 9.31 7.55 4.39
CA SER B 2 8.15 6.77 3.96
C SER B 2 7.00 7.69 3.57
N VAL B 3 6.16 7.20 2.66
CA VAL B 3 5.02 7.98 2.19
C VAL B 3 3.71 7.39 2.73
N LYS B 4 2.94 8.21 3.43
CA LYS B 4 1.67 7.78 3.99
C LYS B 4 0.52 8.09 3.03
N ILE B 5 -0.21 7.05 2.65
CA ILE B 5 -1.34 7.20 1.73
C ILE B 5 -2.53 6.36 2.18
N THR A 1 7.47 -16.17 -1.08
CA THR A 1 6.67 -15.40 -0.12
C THR A 1 5.20 -15.80 -0.22
N VAL A 2 4.39 -15.24 0.68
CA VAL A 2 2.96 -15.54 0.72
C VAL A 2 2.16 -14.43 0.03
N PRO A 3 1.74 -14.63 -1.22
CA PRO A 3 0.97 -13.63 -1.97
C PRO A 3 -0.43 -13.44 -1.39
N GLY A 4 -0.71 -12.24 -0.93
CA GLY A 4 -2.02 -11.94 -0.36
C GLY A 4 -2.51 -10.56 -0.72
N LYS A 5 -3.61 -10.50 -1.47
CA LYS A 5 -4.18 -9.22 -1.88
C LYS A 5 -5.49 -8.94 -1.15
N VAL A 6 -5.68 -7.69 -0.74
CA VAL A 6 -6.88 -7.30 -0.02
C VAL A 6 -7.53 -6.07 -0.66
N THR A 7 -8.84 -6.09 -0.79
CA THR A 7 -9.58 -4.98 -1.38
C THR A 7 -10.17 -4.07 -0.31
N LEU A 8 -9.41 -3.07 0.10
CA LEU A 8 -9.86 -2.13 1.13
C LEU A 8 -10.38 -0.85 0.50
N GLN A 9 -11.49 -0.34 1.04
CA GLN A 9 -12.09 0.89 0.53
C GLN A 9 -11.41 2.11 1.11
N LYS A 10 -11.69 3.28 0.54
CA LYS A 10 -11.10 4.53 1.00
C LYS A 10 -11.85 5.06 2.22
N ASP A 11 -11.18 5.91 2.99
CA ASP A 11 -11.79 6.49 4.18
C ASP A 11 -12.41 7.85 3.87
N ALA A 12 -12.80 8.56 4.93
CA ALA A 12 -13.40 9.89 4.76
C ALA A 12 -12.43 10.87 4.11
N GLN A 13 -11.14 10.67 4.37
CA GLN A 13 -10.11 11.53 3.81
C GLN A 13 -9.46 10.88 2.60
N ASN A 14 -10.22 10.07 1.87
CA ASN A 14 -9.73 9.38 0.68
C ASN A 14 -8.34 8.78 0.92
N LEU A 15 -8.13 8.25 2.11
CA LEU A 15 -6.85 7.65 2.47
C LEU A 15 -7.04 6.35 3.24
N ILE A 16 -6.71 5.23 2.60
CA ILE A 16 -6.84 3.92 3.21
C ILE A 16 -6.09 3.85 4.53
N GLY A 17 -5.00 4.61 4.63
CA GLY A 17 -4.20 4.62 5.85
C GLY A 17 -3.16 3.52 5.88
N ILE A 18 -2.04 3.77 5.20
CA ILE A 18 -0.94 2.80 5.15
C ILE A 18 0.35 3.46 4.67
N SER A 19 1.44 3.22 5.40
CA SER A 19 2.73 3.80 5.05
C SER A 19 3.57 2.79 4.26
N ILE A 20 4.25 3.29 3.23
CA ILE A 20 5.09 2.44 2.39
C ILE A 20 6.48 3.05 2.20
N GLY A 21 7.40 2.25 1.68
CA GLY A 21 8.75 2.72 1.46
C GLY A 21 9.50 1.90 0.43
N GLY A 22 10.20 2.57 -0.48
CA GLY A 22 10.95 1.86 -1.50
C GLY A 22 11.88 2.79 -2.28
N GLY A 23 12.76 2.20 -3.07
CA GLY A 23 13.68 2.99 -3.86
C GLY A 23 13.28 3.08 -5.31
N ALA A 24 14.18 2.70 -6.21
CA ALA A 24 13.92 2.74 -7.64
C ALA A 24 15.07 2.13 -8.44
N GLN A 25 16.29 2.46 -8.03
CA GLN A 25 17.49 1.96 -8.70
C GLN A 25 18.13 0.84 -7.88
N TYR A 26 18.29 1.08 -6.59
CA TYR A 26 18.89 0.09 -5.70
C TYR A 26 17.82 -0.77 -5.02
N CYS A 27 16.65 -0.17 -4.80
CA CYS A 27 15.55 -0.88 -4.16
C CYS A 27 14.23 -0.60 -4.89
N PRO A 28 14.12 -1.03 -6.16
CA PRO A 28 12.92 -0.82 -6.96
C PRO A 28 11.67 -1.39 -6.29
N CYS A 29 11.86 -2.43 -5.49
CA CYS A 29 10.75 -3.07 -4.79
C CYS A 29 10.32 -2.25 -3.57
N LEU A 30 9.02 -2.04 -3.43
CA LEU A 30 8.49 -1.27 -2.31
C LEU A 30 7.95 -2.20 -1.23
N TYR A 31 7.62 -1.64 -0.08
CA TYR A 31 7.10 -2.42 1.04
C TYR A 31 6.38 -1.53 2.04
N ILE A 32 5.50 -2.13 2.83
CA ILE A 32 4.75 -1.39 3.84
C ILE A 32 5.62 -1.08 5.06
N VAL A 33 5.19 -0.09 5.84
CA VAL A 33 5.94 0.30 7.03
C VAL A 33 5.10 0.15 8.29
N GLN A 34 4.10 1.00 8.44
CA GLN A 34 3.23 0.96 9.62
C GLN A 34 1.87 1.57 9.31
N VAL A 35 0.83 1.01 9.93
CA VAL A 35 -0.54 1.52 9.73
C VAL A 35 -0.93 2.49 10.83
N PHE A 36 -2.00 3.23 10.60
CA PHE A 36 -2.48 4.20 11.58
C PHE A 36 -3.85 3.80 12.11
N ASP A 37 -4.21 4.29 13.29
CA ASP A 37 -5.49 3.97 13.90
C ASP A 37 -6.63 4.67 13.17
N ASN A 38 -7.83 4.15 13.35
CA ASN A 38 -9.04 4.72 12.74
C ASN A 38 -8.98 4.65 11.22
N THR A 39 -8.08 3.83 10.68
CA THR A 39 -7.96 3.67 9.23
C THR A 39 -8.62 2.38 8.77
N PRO A 40 -9.20 2.38 7.56
CA PRO A 40 -9.86 1.19 7.01
C PRO A 40 -8.93 -0.01 6.93
N ALA A 41 -7.66 0.26 6.65
CA ALA A 41 -6.65 -0.79 6.55
C ALA A 41 -6.39 -1.45 7.90
N ALA A 42 -6.43 -0.63 8.96
CA ALA A 42 -6.19 -1.14 10.31
C ALA A 42 -7.46 -1.75 10.90
N LEU A 43 -8.57 -1.03 10.79
CA LEU A 43 -9.85 -1.49 11.31
C LEU A 43 -10.19 -2.87 10.78
N ASP A 44 -9.94 -3.09 9.49
CA ASP A 44 -10.21 -4.38 8.87
C ASP A 44 -9.14 -5.40 9.23
N GLY A 45 -7.92 -4.92 9.43
CA GLY A 45 -6.83 -5.80 9.79
C GLY A 45 -6.42 -6.71 8.64
N THR A 46 -5.47 -6.24 7.82
CA THR A 46 -5.00 -7.02 6.68
C THR A 46 -3.59 -6.62 6.30
N VAL A 47 -3.40 -5.32 6.02
CA VAL A 47 -2.10 -4.81 5.63
C VAL A 47 -1.45 -4.05 6.78
N ALA A 48 -0.14 -4.26 6.95
CA ALA A 48 0.60 -3.60 8.02
C ALA A 48 2.08 -3.93 7.94
N ALA A 49 2.84 -3.49 8.94
CA ALA A 49 4.29 -3.74 8.97
C ALA A 49 4.59 -5.23 8.87
N GLY A 50 5.56 -5.57 8.03
CA GLY A 50 5.93 -6.95 7.85
C GLY A 50 5.34 -7.56 6.60
N ASP A 51 5.04 -6.71 5.62
CA ASP A 51 4.47 -7.16 4.35
C ASP A 51 5.23 -6.57 3.17
N GLU A 52 5.05 -7.18 2.00
CA GLU A 52 5.73 -6.72 0.79
C GLU A 52 4.72 -6.32 -0.27
N ILE A 53 4.45 -5.02 -0.37
CA ILE A 53 3.50 -4.51 -1.35
C ILE A 53 4.09 -4.57 -2.76
N THR A 54 3.33 -5.14 -3.70
CA THR A 54 3.78 -5.24 -5.08
C THR A 54 2.61 -5.14 -6.06
N GLY A 55 1.60 -4.38 -5.67
CA GLY A 55 0.43 -4.20 -6.52
C GLY A 55 -0.63 -3.34 -5.88
N VAL A 56 -1.59 -2.88 -6.69
CA VAL A 56 -2.67 -2.04 -6.19
C VAL A 56 -3.81 -1.96 -7.20
N ASN A 57 -5.04 -2.11 -6.72
CA ASN A 57 -6.22 -2.05 -7.57
C ASN A 57 -6.11 -3.03 -8.73
N GLY A 58 -5.37 -4.11 -8.53
CA GLY A 58 -5.20 -5.10 -9.57
C GLY A 58 -3.93 -4.89 -10.37
N ARG A 59 -3.49 -3.65 -10.45
CA ARG A 59 -2.28 -3.31 -11.20
C ARG A 59 -1.03 -3.75 -10.43
N SER A 60 0.13 -3.38 -10.96
CA SER A 60 1.40 -3.73 -10.33
C SER A 60 2.23 -2.48 -10.04
N ILE A 61 2.94 -2.50 -8.92
CA ILE A 61 3.77 -1.36 -8.51
C ILE A 61 5.25 -1.74 -8.49
N LYS A 62 5.58 -2.92 -9.00
CA LYS A 62 6.96 -3.39 -9.03
C LYS A 62 7.83 -2.42 -9.83
N GLY A 63 7.22 -1.74 -10.80
CA GLY A 63 7.97 -0.81 -11.63
C GLY A 63 7.54 0.63 -11.40
N LYS A 64 7.22 0.96 -10.15
CA LYS A 64 6.80 2.30 -9.80
C LYS A 64 7.59 2.84 -8.61
N THR A 65 7.75 4.16 -8.56
CA THR A 65 8.49 4.79 -7.47
C THR A 65 7.58 5.10 -6.28
N LYS A 66 8.18 5.53 -5.18
CA LYS A 66 7.42 5.85 -3.97
C LYS A 66 6.38 6.93 -4.27
N VAL A 67 6.76 7.92 -5.07
CA VAL A 67 5.85 9.00 -5.43
C VAL A 67 4.78 8.53 -6.41
N GLU A 68 5.16 7.61 -7.29
CA GLU A 68 4.23 7.07 -8.28
C GLU A 68 3.15 6.23 -7.61
N VAL A 69 3.57 5.28 -6.79
CA VAL A 69 2.64 4.42 -6.09
C VAL A 69 1.77 5.21 -5.12
N ALA A 70 2.40 6.05 -4.32
CA ALA A 70 1.69 6.88 -3.35
C ALA A 70 0.56 7.66 -4.02
N LYS A 71 0.90 8.35 -5.10
CA LYS A 71 -0.09 9.15 -5.83
C LYS A 71 -1.16 8.25 -6.43
N MET A 72 -0.79 7.03 -6.78
CA MET A 72 -1.72 6.07 -7.35
C MET A 72 -2.85 5.76 -6.37
N ILE A 73 -2.51 5.59 -5.11
CA ILE A 73 -3.50 5.30 -4.08
C ILE A 73 -4.33 6.52 -3.75
N GLN A 74 -3.70 7.69 -3.77
CA GLN A 74 -4.38 8.94 -3.48
C GLN A 74 -5.28 9.36 -4.64
N GLU A 75 -4.90 8.96 -5.85
CA GLU A 75 -5.68 9.28 -7.04
C GLU A 75 -6.83 8.31 -7.23
N VAL A 76 -6.54 7.02 -7.10
CA VAL A 76 -7.55 5.98 -7.25
C VAL A 76 -8.69 6.17 -6.26
N LYS A 77 -9.90 5.80 -6.68
CA LYS A 77 -11.09 5.94 -5.83
C LYS A 77 -11.76 4.59 -5.63
N GLY A 78 -12.91 4.60 -4.96
CA GLY A 78 -13.64 3.37 -4.71
C GLY A 78 -12.82 2.37 -3.91
N GLU A 79 -12.94 1.10 -4.28
CA GLU A 79 -12.20 0.04 -3.60
C GLU A 79 -10.73 0.06 -3.99
N VAL A 80 -9.86 0.15 -3.00
CA VAL A 80 -8.42 0.16 -3.24
C VAL A 80 -7.77 -1.16 -2.84
N THR A 81 -7.37 -1.94 -3.84
CA THR A 81 -6.73 -3.22 -3.58
C THR A 81 -5.24 -3.06 -3.33
N ILE A 82 -4.66 -4.02 -2.61
CA ILE A 82 -3.23 -3.97 -2.29
C ILE A 82 -2.63 -5.37 -2.31
N HIS A 83 -1.65 -5.58 -3.19
CA HIS A 83 -0.98 -6.87 -3.30
C HIS A 83 0.19 -6.97 -2.34
N TYR A 84 -0.09 -7.38 -1.10
CA TYR A 84 0.95 -7.52 -0.09
C TYR A 84 1.39 -8.97 0.06
N ASN A 85 2.68 -9.17 0.31
CA ASN A 85 3.23 -10.51 0.47
C ASN A 85 3.86 -10.68 1.85
N LYS A 86 3.34 -11.64 2.62
CA LYS A 86 3.84 -11.90 3.96
C LYS A 86 5.20 -12.60 3.90
N LEU A 87 6.15 -12.09 4.68
CA LEU A 87 7.49 -12.65 4.72
C LEU A 87 7.71 -13.44 6.01
N GLU B 1 12.02 7.67 5.46
CA GLU B 1 10.89 8.54 5.10
C GLU B 1 9.87 7.77 4.28
N SER B 2 8.83 7.28 4.94
CA SER B 2 7.77 6.52 4.27
C SER B 2 6.61 7.44 3.88
N VAL B 3 6.00 7.16 2.74
CA VAL B 3 4.88 7.95 2.25
C VAL B 3 3.55 7.33 2.66
N LYS B 4 2.77 8.07 3.44
CA LYS B 4 1.47 7.60 3.90
C LYS B 4 0.36 7.99 2.92
N ILE B 5 -0.45 7.02 2.52
CA ILE B 5 -1.54 7.27 1.60
C ILE B 5 -2.74 6.38 1.90
N THR A 1 7.07 -16.01 1.65
CA THR A 1 6.09 -14.92 1.63
C THR A 1 4.71 -15.43 1.25
N VAL A 2 3.69 -14.61 1.49
CA VAL A 2 2.32 -14.98 1.17
C VAL A 2 1.67 -13.94 0.25
N PRO A 3 1.71 -14.18 -1.07
CA PRO A 3 1.12 -13.25 -2.06
C PRO A 3 -0.39 -13.18 -1.94
N GLY A 4 -0.88 -12.15 -1.25
CA GLY A 4 -2.31 -11.97 -1.09
C GLY A 4 -2.77 -10.57 -1.42
N LYS A 5 -3.96 -10.45 -1.99
CA LYS A 5 -4.50 -9.16 -2.36
C LYS A 5 -5.78 -8.85 -1.58
N VAL A 6 -5.78 -7.74 -0.85
CA VAL A 6 -6.93 -7.34 -0.06
C VAL A 6 -7.63 -6.13 -0.68
N THR A 7 -8.95 -6.21 -0.76
CA THR A 7 -9.74 -5.11 -1.33
C THR A 7 -10.23 -4.17 -0.24
N LEU A 8 -9.38 -3.23 0.14
CA LEU A 8 -9.73 -2.25 1.18
C LEU A 8 -10.51 -1.10 0.58
N GLN A 9 -11.06 -0.25 1.44
CA GLN A 9 -11.85 0.90 1.00
C GLN A 9 -11.28 2.19 1.56
N LYS A 10 -11.26 3.24 0.74
CA LYS A 10 -10.75 4.54 1.17
C LYS A 10 -11.63 5.14 2.27
N ASP A 11 -11.00 5.77 3.24
CA ASP A 11 -11.73 6.38 4.35
C ASP A 11 -12.39 7.68 3.90
N ALA A 12 -12.92 8.44 4.86
CA ALA A 12 -13.58 9.70 4.57
C ALA A 12 -12.62 10.69 3.92
N GLN A 13 -11.33 10.54 4.22
CA GLN A 13 -10.31 11.42 3.67
C GLN A 13 -9.62 10.78 2.48
N ASN A 14 -10.37 9.96 1.74
CA ASN A 14 -9.84 9.27 0.57
C ASN A 14 -8.45 8.69 0.83
N LEU A 15 -8.21 8.27 2.07
CA LEU A 15 -6.94 7.70 2.45
C LEU A 15 -7.12 6.42 3.28
N ILE A 16 -6.75 5.29 2.70
CA ILE A 16 -6.87 4.01 3.38
C ILE A 16 -6.08 4.00 4.69
N GLY A 17 -5.01 4.79 4.73
CA GLY A 17 -4.19 4.85 5.93
C GLY A 17 -3.13 3.77 5.98
N ILE A 18 -2.03 4.00 5.28
CA ILE A 18 -0.93 3.04 5.24
C ILE A 18 0.38 3.72 4.89
N SER A 19 1.47 3.28 5.49
CA SER A 19 2.78 3.85 5.24
C SER A 19 3.65 2.88 4.43
N ILE A 20 4.38 3.41 3.45
CA ILE A 20 5.24 2.59 2.62
C ILE A 20 6.58 3.28 2.37
N GLY A 21 7.49 2.57 1.70
CA GLY A 21 8.79 3.13 1.41
C GLY A 21 9.61 2.25 0.49
N GLY A 22 10.18 2.84 -0.56
CA GLY A 22 10.98 2.09 -1.50
C GLY A 22 11.73 2.98 -2.47
N GLY A 23 12.66 2.39 -3.20
CA GLY A 23 13.44 3.15 -4.16
C GLY A 23 12.77 3.24 -5.51
N ALA A 24 13.55 3.05 -6.58
CA ALA A 24 13.03 3.10 -7.93
C ALA A 24 13.95 2.38 -8.91
N GLN A 25 15.24 2.69 -8.83
CA GLN A 25 16.23 2.06 -9.71
C GLN A 25 16.97 0.94 -8.98
N TYR A 26 17.53 1.27 -7.83
CA TYR A 26 18.28 0.29 -7.03
C TYR A 26 17.33 -0.53 -6.16
N CYS A 27 16.22 0.08 -5.76
CA CYS A 27 15.23 -0.60 -4.93
C CYS A 27 13.81 -0.33 -5.44
N PRO A 28 13.49 -0.80 -6.65
CA PRO A 28 12.17 -0.61 -7.26
C PRO A 28 11.05 -1.16 -6.38
N CYS A 29 11.34 -2.25 -5.67
CA CYS A 29 10.36 -2.88 -4.79
C CYS A 29 9.90 -1.92 -3.71
N LEU A 30 8.68 -2.11 -3.23
CA LEU A 30 8.12 -1.26 -2.18
C LEU A 30 7.75 -2.09 -0.95
N TYR A 31 7.95 -1.50 0.22
CA TYR A 31 7.63 -2.19 1.47
C TYR A 31 6.74 -1.32 2.37
N ILE A 32 5.89 -1.97 3.15
CA ILE A 32 4.99 -1.26 4.05
C ILE A 32 5.65 -1.00 5.40
N VAL A 33 5.62 0.26 5.84
CA VAL A 33 6.21 0.64 7.11
C VAL A 33 5.29 0.29 8.28
N GLN A 34 4.07 0.82 8.24
CA GLN A 34 3.09 0.57 9.30
C GLN A 34 1.73 1.14 8.93
N VAL A 35 0.77 0.99 9.84
CA VAL A 35 -0.58 1.50 9.62
C VAL A 35 -0.97 2.50 10.70
N PHE A 36 -1.95 3.34 10.39
CA PHE A 36 -2.43 4.34 11.33
C PHE A 36 -3.76 3.92 11.95
N ASP A 37 -3.96 4.28 13.21
CA ASP A 37 -5.18 3.94 13.92
C ASP A 37 -6.40 4.61 13.30
N ASN A 38 -7.56 4.00 13.48
CA ASN A 38 -8.81 4.54 12.94
C ASN A 38 -8.81 4.54 11.42
N THR A 39 -7.99 3.70 10.82
CA THR A 39 -7.92 3.60 9.36
C THR A 39 -8.53 2.28 8.88
N PRO A 40 -9.13 2.28 7.68
CA PRO A 40 -9.74 1.09 7.11
C PRO A 40 -8.73 -0.06 6.94
N ALA A 41 -7.47 0.30 6.77
CA ALA A 41 -6.40 -0.68 6.59
C ALA A 41 -6.01 -1.29 7.93
N ALA A 42 -6.11 -0.51 8.99
CA ALA A 42 -5.76 -0.97 10.32
C ALA A 42 -6.95 -1.59 11.03
N LEU A 43 -8.15 -1.14 10.67
CA LEU A 43 -9.38 -1.64 11.27
C LEU A 43 -9.77 -2.98 10.65
N ASP A 44 -9.54 -3.11 9.34
CA ASP A 44 -9.86 -4.34 8.62
C ASP A 44 -8.93 -5.47 9.05
N GLY A 45 -7.64 -5.17 9.12
CA GLY A 45 -6.66 -6.16 9.50
C GLY A 45 -6.17 -6.98 8.31
N THR A 46 -5.16 -6.46 7.61
CA THR A 46 -4.61 -7.15 6.46
C THR A 46 -3.23 -6.60 6.11
N VAL A 47 -3.19 -5.32 5.72
CA VAL A 47 -1.94 -4.67 5.36
C VAL A 47 -1.32 -3.96 6.56
N ALA A 48 -0.01 -4.11 6.72
CA ALA A 48 0.71 -3.48 7.82
C ALA A 48 2.20 -3.71 7.72
N ALA A 49 2.94 -3.26 8.73
CA ALA A 49 4.39 -3.42 8.75
C ALA A 49 4.80 -4.88 8.52
N GLY A 50 5.79 -5.07 7.65
CA GLY A 50 6.25 -6.42 7.35
C GLY A 50 5.75 -6.92 6.03
N ASP A 51 4.55 -6.51 5.66
CA ASP A 51 3.95 -6.92 4.38
C ASP A 51 4.60 -6.19 3.22
N GLU A 52 5.00 -6.96 2.20
CA GLU A 52 5.63 -6.38 1.02
C GLU A 52 4.61 -6.13 -0.09
N ILE A 53 4.31 -4.87 -0.34
CA ILE A 53 3.35 -4.50 -1.36
C ILE A 53 3.95 -4.68 -2.75
N THR A 54 3.13 -5.13 -3.70
CA THR A 54 3.58 -5.35 -5.07
C THR A 54 2.40 -5.39 -6.04
N GLY A 55 1.46 -4.49 -5.85
CA GLY A 55 0.29 -4.44 -6.72
C GLY A 55 -0.79 -3.52 -6.18
N VAL A 56 -1.66 -3.06 -7.08
CA VAL A 56 -2.76 -2.17 -6.70
C VAL A 56 -3.83 -2.12 -7.78
N ASN A 57 -5.05 -2.47 -7.39
CA ASN A 57 -6.18 -2.46 -8.33
C ASN A 57 -5.89 -3.35 -9.53
N GLY A 58 -5.05 -4.37 -9.33
CA GLY A 58 -4.71 -5.27 -10.41
C GLY A 58 -3.41 -4.89 -11.09
N ARG A 59 -3.10 -3.60 -11.10
CA ARG A 59 -1.88 -3.11 -11.73
C ARG A 59 -0.64 -3.60 -10.97
N SER A 60 0.47 -3.74 -11.69
CA SER A 60 1.71 -4.20 -11.08
C SER A 60 2.65 -3.03 -10.80
N ILE A 61 2.93 -2.81 -9.52
CA ILE A 61 3.82 -1.72 -9.12
C ILE A 61 5.28 -2.17 -9.05
N LYS A 62 5.56 -3.36 -9.58
CA LYS A 62 6.91 -3.90 -9.56
C LYS A 62 7.82 -3.10 -10.49
N GLY A 63 8.21 -1.91 -10.05
CA GLY A 63 9.07 -1.07 -10.85
C GLY A 63 8.63 0.38 -10.85
N LYS A 64 8.28 0.90 -9.68
CA LYS A 64 7.83 2.28 -9.55
C LYS A 64 8.40 2.91 -8.29
N THR A 65 8.54 4.24 -8.31
CA THR A 65 9.06 4.97 -7.16
C THR A 65 8.01 5.11 -6.07
N LYS A 66 8.46 5.34 -4.84
CA LYS A 66 7.56 5.49 -3.71
C LYS A 66 6.59 6.64 -3.94
N VAL A 67 7.05 7.65 -4.67
CA VAL A 67 6.22 8.82 -4.95
C VAL A 67 5.13 8.48 -5.98
N GLU A 68 5.48 7.66 -6.95
CA GLU A 68 4.54 7.25 -7.99
C GLU A 68 3.46 6.35 -7.41
N VAL A 69 3.88 5.29 -6.73
CA VAL A 69 2.95 4.35 -6.12
C VAL A 69 2.05 5.05 -5.10
N ALA A 70 2.61 6.00 -4.37
CA ALA A 70 1.87 6.75 -3.37
C ALA A 70 0.71 7.51 -4.01
N LYS A 71 1.02 8.28 -5.05
CA LYS A 71 0.00 9.05 -5.76
C LYS A 71 -1.04 8.13 -6.38
N MET A 72 -0.61 6.94 -6.77
CA MET A 72 -1.51 5.97 -7.38
C MET A 72 -2.63 5.59 -6.43
N ILE A 73 -2.26 5.21 -5.20
CA ILE A 73 -3.24 4.82 -4.20
C ILE A 73 -4.15 5.99 -3.85
N GLN A 74 -3.57 7.19 -3.76
CA GLN A 74 -4.32 8.39 -3.44
C GLN A 74 -5.29 8.74 -4.57
N GLU A 75 -4.94 8.35 -5.79
CA GLU A 75 -5.78 8.63 -6.96
C GLU A 75 -6.95 7.66 -7.04
N VAL A 76 -6.70 6.41 -6.63
CA VAL A 76 -7.74 5.39 -6.66
C VAL A 76 -8.93 5.78 -5.79
N LYS A 77 -10.11 5.33 -6.18
CA LYS A 77 -11.33 5.63 -5.44
C LYS A 77 -12.12 4.36 -5.14
N GLY A 78 -13.12 4.48 -4.27
CA GLY A 78 -13.93 3.33 -3.92
C GLY A 78 -13.14 2.25 -3.20
N GLU A 79 -13.45 1.00 -3.50
CA GLU A 79 -12.77 -0.13 -2.88
C GLU A 79 -11.41 -0.36 -3.54
N VAL A 80 -10.36 0.17 -2.93
CA VAL A 80 -9.01 0.02 -3.45
C VAL A 80 -8.41 -1.33 -3.07
N THR A 81 -7.76 -1.98 -4.02
CA THR A 81 -7.15 -3.28 -3.78
C THR A 81 -5.62 -3.18 -3.81
N ILE A 82 -4.96 -3.93 -2.94
CA ILE A 82 -3.51 -3.92 -2.87
C ILE A 82 -2.95 -5.33 -2.68
N HIS A 83 -2.00 -5.70 -3.52
CA HIS A 83 -1.38 -7.03 -3.44
C HIS A 83 -0.16 -7.01 -2.54
N TYR A 84 -0.33 -7.43 -1.30
CA TYR A 84 0.77 -7.45 -0.33
C TYR A 84 1.29 -8.87 -0.13
N ASN A 85 2.46 -8.98 0.49
CA ASN A 85 3.07 -10.29 0.75
C ASN A 85 3.44 -10.42 2.22
N LYS A 86 2.76 -11.32 2.92
CA LYS A 86 3.02 -11.55 4.34
C LYS A 86 4.36 -12.25 4.54
N LEU A 87 5.14 -11.76 5.49
CA LEU A 87 6.44 -12.34 5.79
C LEU A 87 6.61 -12.57 7.29
N GLU B 1 11.97 7.99 4.16
CA GLU B 1 10.74 8.76 4.20
C GLU B 1 9.53 7.90 3.88
N SER B 2 8.72 7.62 4.90
CA SER B 2 7.53 6.80 4.73
C SER B 2 6.35 7.65 4.24
N VAL B 3 5.92 7.41 3.01
CA VAL B 3 4.80 8.14 2.43
C VAL B 3 3.47 7.54 2.84
N LYS B 4 2.71 8.28 3.65
CA LYS B 4 1.41 7.82 4.12
C LYS B 4 0.32 8.16 3.12
N ILE B 5 -0.44 7.15 2.71
CA ILE B 5 -1.53 7.35 1.76
C ILE B 5 -2.72 6.44 2.07
N THR A 1 7.20 -16.56 0.12
CA THR A 1 6.19 -15.56 0.43
C THR A 1 4.79 -16.06 0.06
N VAL A 2 3.77 -15.45 0.66
CA VAL A 2 2.39 -15.83 0.39
C VAL A 2 1.64 -14.72 -0.33
N PRO A 3 1.65 -14.74 -1.67
CA PRO A 3 0.97 -13.72 -2.48
C PRO A 3 -0.49 -13.54 -2.08
N GLY A 4 -0.78 -12.42 -1.43
CA GLY A 4 -2.13 -12.14 -0.99
C GLY A 4 -2.61 -10.77 -1.43
N LYS A 5 -3.93 -10.61 -1.54
CA LYS A 5 -4.52 -9.35 -1.95
C LYS A 5 -5.78 -9.04 -1.14
N VAL A 6 -5.89 -7.79 -0.69
CA VAL A 6 -7.04 -7.37 0.11
C VAL A 6 -7.70 -6.13 -0.50
N THR A 7 -9.02 -6.11 -0.50
CA THR A 7 -9.77 -4.99 -1.05
C THR A 7 -10.24 -4.06 0.06
N LEU A 8 -9.45 -3.04 0.34
CA LEU A 8 -9.78 -2.08 1.38
C LEU A 8 -10.50 -0.86 0.79
N GLN A 9 -11.52 -0.37 1.49
CA GLN A 9 -12.28 0.78 1.04
C GLN A 9 -11.59 2.08 1.44
N LYS A 10 -11.48 3.00 0.48
CA LYS A 10 -10.84 4.28 0.74
C LYS A 10 -11.60 5.08 1.79
N ASP A 11 -10.88 5.81 2.63
CA ASP A 11 -11.50 6.61 3.68
C ASP A 11 -12.14 7.86 3.10
N ALA A 12 -12.55 8.77 3.97
CA ALA A 12 -13.19 10.01 3.55
C ALA A 12 -12.21 10.89 2.78
N GLN A 13 -10.92 10.79 3.13
CA GLN A 13 -9.89 11.58 2.47
C GLN A 13 -9.08 10.71 1.52
N ASN A 14 -9.74 9.75 0.89
CA ASN A 14 -9.08 8.83 -0.05
C ASN A 14 -7.76 8.33 0.51
N LEU A 15 -7.71 8.14 1.82
CA LEU A 15 -6.51 7.66 2.49
C LEU A 15 -6.81 6.44 3.36
N ILE A 16 -6.52 5.26 2.82
CA ILE A 16 -6.76 4.01 3.54
C ILE A 16 -5.99 3.99 4.86
N GLY A 17 -4.90 4.74 4.93
CA GLY A 17 -4.11 4.77 6.15
C GLY A 17 -3.02 3.72 6.17
N ILE A 18 -2.01 3.91 5.33
CA ILE A 18 -0.90 2.97 5.26
C ILE A 18 0.39 3.69 4.87
N SER A 19 1.50 3.23 5.44
CA SER A 19 2.81 3.82 5.17
C SER A 19 3.68 2.87 4.35
N ILE A 20 4.44 3.43 3.42
CA ILE A 20 5.32 2.64 2.57
C ILE A 20 6.64 3.35 2.32
N GLY A 21 7.66 2.58 1.95
CA GLY A 21 8.96 3.16 1.68
C GLY A 21 9.52 2.76 0.33
N GLY A 22 9.99 3.73 -0.44
CA GLY A 22 10.54 3.46 -1.75
C GLY A 22 11.60 4.46 -2.16
N GLY A 23 12.51 4.03 -3.03
CA GLY A 23 13.57 4.92 -3.49
C GLY A 23 14.33 4.34 -4.66
N ALA A 24 13.80 4.53 -5.87
CA ALA A 24 14.45 4.02 -7.07
C ALA A 24 15.86 4.57 -7.22
N GLN A 25 16.51 4.21 -8.32
CA GLN A 25 17.89 4.67 -8.57
C GLN A 25 18.84 4.18 -7.50
N TYR A 26 18.42 3.18 -6.73
CA TYR A 26 19.25 2.62 -5.67
C TYR A 26 18.45 1.61 -4.83
N CYS A 27 17.16 1.89 -4.66
CA CYS A 27 16.29 1.02 -3.88
C CYS A 27 14.87 1.03 -4.45
N PRO A 28 14.66 0.34 -5.58
CA PRO A 28 13.34 0.28 -6.22
C PRO A 28 12.34 -0.54 -5.41
N CYS A 29 12.85 -1.43 -4.57
CA CYS A 29 11.99 -2.28 -3.74
C CYS A 29 11.08 -1.43 -2.86
N LEU A 30 9.80 -1.79 -2.84
CA LEU A 30 8.82 -1.07 -2.03
C LEU A 30 8.54 -1.79 -0.72
N TYR A 31 8.37 -1.03 0.35
CA TYR A 31 8.09 -1.61 1.66
C TYR A 31 6.84 -1.00 2.27
N ILE A 32 6.37 -1.60 3.36
CA ILE A 32 5.17 -1.12 4.04
C ILE A 32 5.42 -0.94 5.53
N VAL A 33 5.34 0.31 5.98
CA VAL A 33 5.56 0.62 7.39
C VAL A 33 4.25 0.55 8.17
N GLN A 34 4.35 0.52 9.50
CA GLN A 34 3.17 0.45 10.36
C GLN A 34 2.10 1.46 9.93
N VAL A 35 0.84 1.08 10.08
CA VAL A 35 -0.26 1.94 9.71
C VAL A 35 -0.66 2.85 10.88
N PHE A 36 -1.72 3.62 10.69
CA PHE A 36 -2.21 4.53 11.73
C PHE A 36 -3.57 4.08 12.25
N ASP A 37 -3.82 4.33 13.53
CA ASP A 37 -5.09 3.94 14.14
C ASP A 37 -6.25 4.69 13.51
N ASN A 38 -7.45 4.13 13.66
CA ASN A 38 -8.66 4.73 13.11
C ASN A 38 -8.67 4.69 11.58
N THR A 39 -7.80 3.88 10.99
CA THR A 39 -7.73 3.76 9.54
C THR A 39 -8.41 2.48 9.07
N PRO A 40 -9.00 2.50 7.87
CA PRO A 40 -9.68 1.33 7.30
C PRO A 40 -8.74 0.14 7.15
N ALA A 41 -7.47 0.43 6.94
CA ALA A 41 -6.47 -0.61 6.77
C ALA A 41 -6.08 -1.22 8.12
N ALA A 42 -6.15 -0.40 9.17
CA ALA A 42 -5.80 -0.84 10.51
C ALA A 42 -7.03 -1.41 11.23
N LEU A 43 -8.20 -0.94 10.84
CA LEU A 43 -9.45 -1.40 11.45
C LEU A 43 -9.83 -2.77 10.93
N ASP A 44 -9.68 -2.97 9.62
CA ASP A 44 -10.00 -4.25 9.01
C ASP A 44 -9.00 -5.33 9.40
N GLY A 45 -7.74 -4.93 9.54
CA GLY A 45 -6.70 -5.87 9.93
C GLY A 45 -6.25 -6.74 8.78
N THR A 46 -5.36 -6.21 7.94
CA THR A 46 -4.86 -6.95 6.79
C THR A 46 -3.48 -6.43 6.37
N VAL A 47 -3.45 -5.19 5.89
CA VAL A 47 -2.20 -4.58 5.46
C VAL A 47 -1.53 -3.83 6.60
N ALA A 48 -0.23 -4.03 6.74
CA ALA A 48 0.54 -3.37 7.80
C ALA A 48 2.02 -3.68 7.68
N ALA A 49 2.79 -3.31 8.70
CA ALA A 49 4.23 -3.54 8.71
C ALA A 49 4.54 -5.03 8.82
N GLY A 50 5.31 -5.54 7.87
CA GLY A 50 5.67 -6.94 7.88
C GLY A 50 5.48 -7.60 6.52
N ASP A 51 4.53 -7.07 5.74
CA ASP A 51 4.25 -7.62 4.42
C ASP A 51 4.97 -6.81 3.34
N GLU A 52 4.76 -7.20 2.09
CA GLU A 52 5.39 -6.51 0.96
C GLU A 52 4.38 -6.31 -0.18
N ILE A 53 4.13 -5.04 -0.51
CA ILE A 53 3.19 -4.71 -1.58
C ILE A 53 3.78 -5.02 -2.94
N THR A 54 2.92 -5.26 -3.92
CA THR A 54 3.36 -5.58 -5.28
C THR A 54 2.22 -5.43 -6.28
N GLY A 55 1.32 -4.50 -5.99
CA GLY A 55 0.19 -4.28 -6.88
C GLY A 55 -0.90 -3.43 -6.24
N VAL A 56 -1.82 -2.94 -7.05
CA VAL A 56 -2.92 -2.12 -6.57
C VAL A 56 -4.04 -2.04 -7.60
N ASN A 57 -5.23 -2.49 -7.20
CA ASN A 57 -6.39 -2.48 -8.09
C ASN A 57 -6.13 -3.31 -9.34
N GLY A 58 -5.30 -4.34 -9.20
CA GLY A 58 -4.99 -5.19 -10.33
C GLY A 58 -3.66 -4.84 -10.99
N ARG A 59 -3.29 -3.56 -10.87
CA ARG A 59 -2.04 -3.09 -11.45
C ARG A 59 -0.84 -3.54 -10.61
N SER A 60 0.35 -3.43 -11.19
CA SER A 60 1.57 -3.83 -10.50
C SER A 60 2.36 -2.60 -10.05
N ILE A 61 3.07 -2.73 -8.93
CA ILE A 61 3.85 -1.64 -8.39
C ILE A 61 5.31 -2.05 -8.17
N LYS A 62 5.67 -3.23 -8.66
CA LYS A 62 7.04 -3.73 -8.51
C LYS A 62 8.04 -2.81 -9.20
N GLY A 63 7.58 -2.14 -10.26
CA GLY A 63 8.45 -1.24 -10.98
C GLY A 63 8.06 0.22 -10.81
N LYS A 64 7.66 0.58 -9.59
CA LYS A 64 7.26 1.95 -9.28
C LYS A 64 7.93 2.45 -8.01
N THR A 65 8.06 3.76 -7.91
CA THR A 65 8.69 4.38 -6.74
C THR A 65 7.63 4.82 -5.73
N LYS A 66 8.09 5.25 -4.56
CA LYS A 66 7.19 5.71 -3.50
C LYS A 66 6.27 6.81 -4.00
N VAL A 67 6.81 7.70 -4.83
CA VAL A 67 6.03 8.81 -5.39
C VAL A 67 4.97 8.29 -6.36
N GLU A 68 5.35 7.31 -7.17
CA GLU A 68 4.44 6.72 -8.15
C GLU A 68 3.31 5.96 -7.44
N VAL A 69 3.68 5.11 -6.50
CA VAL A 69 2.71 4.32 -5.75
C VAL A 69 1.81 5.22 -4.92
N ALA A 70 2.40 6.20 -4.24
CA ALA A 70 1.64 7.12 -3.42
C ALA A 70 0.60 7.87 -4.24
N LYS A 71 0.96 8.23 -5.46
CA LYS A 71 0.06 8.95 -6.36
C LYS A 71 -1.00 8.01 -6.92
N MET A 72 -0.63 6.75 -7.12
CA MET A 72 -1.55 5.76 -7.65
C MET A 72 -2.71 5.53 -6.70
N ILE A 73 -2.42 5.49 -5.40
CA ILE A 73 -3.44 5.27 -4.38
C ILE A 73 -4.23 6.56 -4.12
N GLN A 74 -3.51 7.66 -3.98
CA GLN A 74 -4.13 8.96 -3.73
C GLN A 74 -5.06 9.36 -4.87
N GLU A 75 -4.78 8.83 -6.06
CA GLU A 75 -5.60 9.13 -7.24
C GLU A 75 -6.79 8.19 -7.33
N VAL A 76 -6.52 6.90 -7.31
CA VAL A 76 -7.58 5.90 -7.40
C VAL A 76 -8.63 6.09 -6.30
N LYS A 77 -9.85 5.66 -6.58
CA LYS A 77 -10.95 5.79 -5.62
C LYS A 77 -11.71 4.47 -5.49
N GLY A 78 -12.77 4.48 -4.68
CA GLY A 78 -13.57 3.29 -4.49
C GLY A 78 -12.80 2.17 -3.81
N GLU A 79 -13.36 0.98 -3.79
CA GLU A 79 -12.71 -0.17 -3.17
C GLU A 79 -11.42 -0.52 -3.89
N VAL A 80 -10.30 -0.26 -3.22
CA VAL A 80 -8.99 -0.54 -3.79
C VAL A 80 -8.47 -1.90 -3.32
N THR A 81 -7.78 -2.60 -4.21
CA THR A 81 -7.24 -3.92 -3.88
C THR A 81 -5.71 -3.92 -3.96
N ILE A 82 -5.07 -3.89 -2.80
CA ILE A 82 -3.61 -3.89 -2.73
C ILE A 82 -3.07 -5.31 -2.59
N HIS A 83 -2.15 -5.68 -3.47
CA HIS A 83 -1.55 -7.01 -3.45
C HIS A 83 -0.29 -7.02 -2.59
N TYR A 84 -0.37 -7.67 -1.43
CA TYR A 84 0.76 -7.76 -0.52
C TYR A 84 1.22 -9.20 -0.36
N ASN A 85 2.40 -9.38 0.21
CA ASN A 85 2.95 -10.72 0.44
C ASN A 85 3.35 -10.93 1.89
N LYS A 86 3.01 -12.09 2.43
CA LYS A 86 3.34 -12.41 3.82
C LYS A 86 4.66 -13.16 3.90
N LEU A 87 5.55 -12.68 4.75
CA LEU A 87 6.85 -13.31 4.93
C LEU A 87 7.35 -13.13 6.37
N GLU B 1 12.55 7.57 5.34
CA GLU B 1 11.60 8.36 4.58
C GLU B 1 10.53 7.46 3.95
N SER B 2 9.29 7.62 4.39
CA SER B 2 8.18 6.83 3.87
C SER B 2 6.98 7.72 3.59
N VAL B 3 6.16 7.31 2.62
CA VAL B 3 4.97 8.06 2.25
C VAL B 3 3.70 7.35 2.73
N LYS B 4 2.82 8.09 3.38
CA LYS B 4 1.58 7.54 3.88
C LYS B 4 0.41 7.90 2.98
N ILE B 5 -0.23 6.89 2.40
CA ILE B 5 -1.36 7.10 1.51
C ILE B 5 -2.51 6.16 1.84
N THR A 1 7.67 -15.85 0.69
CA THR A 1 6.70 -14.78 0.59
C THR A 1 5.29 -15.33 0.38
N VAL A 2 4.30 -14.65 0.95
CA VAL A 2 2.91 -15.07 0.83
C VAL A 2 2.09 -14.04 0.05
N PRO A 3 1.87 -14.27 -1.26
CA PRO A 3 1.10 -13.35 -2.10
C PRO A 3 -0.37 -13.30 -1.69
N GLY A 4 -0.82 -12.11 -1.31
CA GLY A 4 -2.20 -11.93 -0.90
C GLY A 4 -2.76 -10.57 -1.28
N LYS A 5 -3.85 -10.56 -2.03
CA LYS A 5 -4.48 -9.32 -2.45
C LYS A 5 -5.72 -9.00 -1.62
N VAL A 6 -5.70 -7.86 -0.94
CA VAL A 6 -6.83 -7.46 -0.11
C VAL A 6 -7.51 -6.22 -0.70
N THR A 7 -8.84 -6.21 -0.64
CA THR A 7 -9.61 -5.10 -1.17
C THR A 7 -10.10 -4.19 -0.04
N LEU A 8 -9.33 -3.15 0.25
CA LEU A 8 -9.69 -2.20 1.30
C LEU A 8 -10.51 -1.05 0.75
N GLN A 9 -11.20 -0.34 1.63
CA GLN A 9 -12.04 0.79 1.22
C GLN A 9 -11.38 2.10 1.60
N LYS A 10 -11.32 3.03 0.64
CA LYS A 10 -10.72 4.34 0.88
C LYS A 10 -11.53 5.13 1.89
N ASP A 11 -10.85 5.69 2.88
CA ASP A 11 -11.50 6.47 3.92
C ASP A 11 -12.11 7.74 3.34
N ALA A 12 -12.55 8.64 4.22
CA ALA A 12 -13.16 9.89 3.79
C ALA A 12 -12.13 10.79 3.12
N GLN A 13 -10.87 10.66 3.51
CA GLN A 13 -9.80 11.46 2.94
C GLN A 13 -9.06 10.70 1.84
N ASN A 14 -9.80 9.85 1.13
CA ASN A 14 -9.22 9.05 0.05
C ASN A 14 -7.88 8.44 0.45
N LEU A 15 -7.74 8.16 1.75
CA LEU A 15 -6.50 7.58 2.26
C LEU A 15 -6.81 6.35 3.12
N ILE A 16 -6.50 5.17 2.59
CA ILE A 16 -6.73 3.93 3.31
C ILE A 16 -5.99 3.91 4.64
N GLY A 17 -4.90 4.67 4.72
CA GLY A 17 -4.12 4.73 5.95
C GLY A 17 -3.04 3.67 6.00
N ILE A 18 -1.99 3.86 5.21
CA ILE A 18 -0.88 2.91 5.17
C ILE A 18 0.41 3.60 4.78
N SER A 19 1.52 3.13 5.36
CA SER A 19 2.83 3.71 5.07
C SER A 19 3.68 2.75 4.24
N ILE A 20 4.57 3.31 3.44
CA ILE A 20 5.44 2.50 2.58
C ILE A 20 6.78 3.19 2.36
N GLY A 21 7.83 2.39 2.18
CA GLY A 21 9.15 2.94 1.97
C GLY A 21 9.90 2.22 0.87
N GLY A 22 10.10 2.89 -0.26
CA GLY A 22 10.81 2.29 -1.38
C GLY A 22 11.36 3.32 -2.34
N GLY A 23 12.23 2.87 -3.23
CA GLY A 23 12.82 3.79 -4.20
C GLY A 23 12.71 3.27 -5.63
N ALA A 24 13.85 3.20 -6.31
CA ALA A 24 13.88 2.72 -7.69
C ALA A 24 15.30 2.43 -8.15
N GLN A 25 15.43 1.59 -9.18
CA GLN A 25 16.74 1.23 -9.71
C GLN A 25 17.54 0.41 -8.71
N TYR A 26 17.97 1.05 -7.63
CA TYR A 26 18.75 0.37 -6.59
C TYR A 26 17.82 -0.25 -5.54
N CYS A 27 16.76 0.47 -5.19
CA CYS A 27 15.81 -0.01 -4.19
C CYS A 27 14.39 0.02 -4.76
N PRO A 28 14.08 -0.87 -5.73
CA PRO A 28 12.76 -0.94 -6.35
C PRO A 28 11.72 -1.53 -5.40
N CYS A 29 12.17 -2.42 -4.52
CA CYS A 29 11.28 -3.06 -3.56
C CYS A 29 10.61 -2.03 -2.66
N LEU A 30 9.35 -2.29 -2.29
CA LEU A 30 8.60 -1.38 -1.43
C LEU A 30 8.22 -2.06 -0.12
N TYR A 31 8.70 -1.52 0.99
CA TYR A 31 8.42 -2.08 2.30
C TYR A 31 7.28 -1.32 2.98
N ILE A 32 6.26 -2.05 3.39
CA ILE A 32 5.10 -1.45 4.05
C ILE A 32 5.37 -1.20 5.52
N VAL A 33 5.08 0.01 5.98
CA VAL A 33 5.30 0.37 7.37
C VAL A 33 3.98 0.37 8.14
N GLN A 34 4.07 0.43 9.47
CA GLN A 34 2.89 0.43 10.32
C GLN A 34 1.85 1.43 9.84
N VAL A 35 0.57 1.12 10.07
CA VAL A 35 -0.52 1.99 9.65
C VAL A 35 -0.93 2.91 10.79
N PHE A 36 -1.98 3.69 10.56
CA PHE A 36 -2.47 4.62 11.57
C PHE A 36 -3.85 4.20 12.07
N ASP A 37 -4.14 4.49 13.33
CA ASP A 37 -5.42 4.14 13.93
C ASP A 37 -6.57 4.86 13.25
N ASN A 38 -7.77 4.31 13.38
CA ASN A 38 -8.96 4.91 12.79
C ASN A 38 -8.92 4.83 11.26
N THR A 39 -8.06 3.97 10.72
CA THR A 39 -7.95 3.82 9.28
C THR A 39 -8.60 2.52 8.83
N PRO A 40 -9.13 2.48 7.59
CA PRO A 40 -9.79 1.29 7.04
C PRO A 40 -8.84 0.11 6.93
N ALA A 41 -7.55 0.40 6.74
CA ALA A 41 -6.54 -0.64 6.61
C ALA A 41 -6.16 -1.20 7.99
N ALA A 42 -6.14 -0.34 8.99
CA ALA A 42 -5.79 -0.74 10.35
C ALA A 42 -7.01 -1.30 11.08
N LEU A 43 -8.19 -0.81 10.71
CA LEU A 43 -9.43 -1.26 11.34
C LEU A 43 -9.83 -2.64 10.81
N ASP A 44 -9.65 -2.84 9.51
CA ASP A 44 -10.00 -4.11 8.88
C ASP A 44 -9.01 -5.20 9.27
N GLY A 45 -7.76 -4.81 9.49
CA GLY A 45 -6.74 -5.76 9.87
C GLY A 45 -6.31 -6.64 8.72
N THR A 46 -5.56 -6.08 7.79
CA THR A 46 -5.09 -6.82 6.63
C THR A 46 -3.71 -6.34 6.18
N VAL A 47 -3.63 -5.06 5.83
CA VAL A 47 -2.37 -4.47 5.39
C VAL A 47 -1.73 -3.65 6.50
N ALA A 48 -0.44 -3.86 6.71
CA ALA A 48 0.30 -3.15 7.75
C ALA A 48 1.78 -3.51 7.71
N ALA A 49 2.51 -3.10 8.74
CA ALA A 49 3.94 -3.38 8.83
C ALA A 49 4.20 -4.88 8.82
N GLY A 50 5.14 -5.30 7.97
CA GLY A 50 5.47 -6.71 7.88
C GLY A 50 4.97 -7.33 6.59
N ASP A 51 4.82 -6.52 5.55
CA ASP A 51 4.35 -7.00 4.26
C ASP A 51 5.10 -6.33 3.12
N GLU A 52 4.88 -6.80 1.90
CA GLU A 52 5.54 -6.25 0.72
C GLU A 52 4.53 -5.95 -0.38
N ILE A 53 4.20 -4.67 -0.54
CA ILE A 53 3.24 -4.25 -1.56
C ILE A 53 3.82 -4.42 -2.95
N THR A 54 2.97 -4.83 -3.90
CA THR A 54 3.40 -5.02 -5.28
C THR A 54 2.20 -5.11 -6.21
N GLY A 55 1.18 -4.29 -5.96
CA GLY A 55 -0.01 -4.30 -6.80
C GLY A 55 -1.10 -3.42 -6.24
N VAL A 56 -1.95 -2.90 -7.13
CA VAL A 56 -3.06 -2.05 -6.74
C VAL A 56 -4.21 -2.16 -7.72
N ASN A 57 -5.41 -2.44 -7.20
CA ASN A 57 -6.61 -2.57 -8.03
C ASN A 57 -6.33 -3.41 -9.28
N GLY A 58 -5.40 -4.36 -9.15
CA GLY A 58 -5.06 -5.22 -10.28
C GLY A 58 -3.81 -4.76 -11.00
N ARG A 59 -3.58 -3.45 -11.02
CA ARG A 59 -2.41 -2.88 -11.68
C ARG A 59 -1.14 -3.29 -10.95
N SER A 60 -0.01 -3.26 -11.67
CA SER A 60 1.27 -3.63 -11.10
C SER A 60 2.08 -2.39 -10.73
N ILE A 61 2.83 -2.48 -9.63
CA ILE A 61 3.64 -1.36 -9.17
C ILE A 61 5.08 -1.79 -8.94
N LYS A 62 5.46 -2.94 -9.50
CA LYS A 62 6.82 -3.45 -9.33
C LYS A 62 7.85 -2.47 -9.88
N GLY A 63 7.47 -1.76 -10.95
CA GLY A 63 8.36 -0.79 -11.55
C GLY A 63 7.97 0.64 -11.24
N LYS A 64 7.67 0.90 -9.97
CA LYS A 64 7.28 2.24 -9.54
C LYS A 64 7.96 2.61 -8.22
N THR A 65 8.18 3.91 -8.03
CA THR A 65 8.82 4.39 -6.80
C THR A 65 7.79 4.70 -5.73
N LYS A 66 8.27 5.01 -4.53
CA LYS A 66 7.38 5.33 -3.41
C LYS A 66 6.45 6.48 -3.75
N VAL A 67 6.98 7.45 -4.51
CA VAL A 67 6.19 8.62 -4.91
C VAL A 67 5.16 8.24 -5.97
N GLU A 68 5.55 7.32 -6.85
CA GLU A 68 4.65 6.87 -7.92
C GLU A 68 3.50 6.04 -7.34
N VAL A 69 3.83 5.07 -6.51
CA VAL A 69 2.83 4.21 -5.89
C VAL A 69 1.92 5.01 -4.98
N ALA A 70 2.49 6.00 -4.29
CA ALA A 70 1.72 6.84 -3.38
C ALA A 70 0.63 7.59 -4.12
N LYS A 71 1.03 8.28 -5.19
CA LYS A 71 0.09 9.06 -5.99
C LYS A 71 -0.97 8.13 -6.62
N MET A 72 -0.56 6.91 -6.92
CA MET A 72 -1.45 5.93 -7.53
C MET A 72 -2.66 5.67 -6.62
N ILE A 73 -2.38 5.23 -5.40
CA ILE A 73 -3.44 4.93 -4.43
C ILE A 73 -4.32 6.16 -4.20
N GLN A 74 -3.69 7.31 -3.98
CA GLN A 74 -4.42 8.55 -3.74
C GLN A 74 -5.33 8.88 -4.93
N GLU A 75 -4.93 8.43 -6.12
CA GLU A 75 -5.70 8.68 -7.32
C GLU A 75 -6.91 7.75 -7.40
N VAL A 76 -6.74 6.53 -6.90
CA VAL A 76 -7.82 5.55 -6.91
C VAL A 76 -9.00 6.01 -6.06
N LYS A 77 -10.17 5.44 -6.31
CA LYS A 77 -11.37 5.79 -5.56
C LYS A 77 -12.20 4.56 -5.26
N GLY A 78 -12.81 4.53 -4.07
CA GLY A 78 -13.63 3.41 -3.69
C GLY A 78 -12.83 2.29 -3.05
N GLU A 79 -13.14 1.04 -3.40
CA GLU A 79 -12.44 -0.11 -2.86
C GLU A 79 -11.17 -0.39 -3.64
N VAL A 80 -10.03 -0.29 -2.95
CA VAL A 80 -8.74 -0.54 -3.59
C VAL A 80 -8.21 -1.93 -3.25
N THR A 81 -7.70 -2.62 -4.26
CA THR A 81 -7.16 -3.96 -4.07
C THR A 81 -5.64 -3.95 -4.12
N ILE A 82 -5.01 -3.87 -2.95
CA ILE A 82 -3.55 -3.85 -2.87
C ILE A 82 -2.99 -5.25 -2.67
N HIS A 83 -2.02 -5.62 -3.49
CA HIS A 83 -1.40 -6.94 -3.40
C HIS A 83 -0.12 -6.88 -2.59
N TYR A 84 -0.16 -7.43 -1.39
CA TYR A 84 1.00 -7.44 -0.51
C TYR A 84 1.48 -8.86 -0.23
N ASN A 85 2.77 -9.02 -0.05
CA ASN A 85 3.35 -10.33 0.21
C ASN A 85 3.83 -10.44 1.66
N LYS A 86 3.27 -11.39 2.40
CA LYS A 86 3.64 -11.59 3.79
C LYS A 86 5.05 -12.16 3.91
N LEU A 87 5.75 -11.78 4.97
CA LEU A 87 7.12 -12.25 5.19
C LEU A 87 7.32 -12.62 6.66
N GLU B 1 11.82 7.96 5.09
CA GLU B 1 10.76 8.79 4.53
C GLU B 1 9.68 7.93 3.88
N SER B 2 8.78 7.39 4.69
CA SER B 2 7.71 6.54 4.19
C SER B 2 6.49 7.38 3.80
N VAL B 3 6.14 7.35 2.52
CA VAL B 3 5.00 8.10 2.02
C VAL B 3 3.69 7.50 2.51
N LYS B 4 2.98 8.24 3.35
CA LYS B 4 1.71 7.77 3.89
C LYS B 4 0.56 8.13 2.95
N ILE B 5 -0.26 7.13 2.65
CA ILE B 5 -1.40 7.33 1.75
C ILE B 5 -2.65 6.63 2.29
N THR A 1 7.05 -16.95 -0.11
CA THR A 1 6.18 -15.89 0.39
C THR A 1 4.71 -16.24 0.17
N VAL A 2 3.82 -15.44 0.76
CA VAL A 2 2.39 -15.67 0.63
C VAL A 2 1.71 -14.51 -0.11
N PRO A 3 1.60 -14.62 -1.45
CA PRO A 3 0.97 -13.58 -2.27
C PRO A 3 -0.53 -13.46 -2.02
N GLY A 4 -0.93 -12.39 -1.35
CA GLY A 4 -2.33 -12.19 -1.05
C GLY A 4 -2.80 -10.78 -1.37
N LYS A 5 -3.98 -10.66 -1.95
CA LYS A 5 -4.53 -9.37 -2.32
C LYS A 5 -5.77 -9.05 -1.48
N VAL A 6 -5.82 -7.83 -0.95
CA VAL A 6 -6.94 -7.40 -0.12
C VAL A 6 -7.60 -6.15 -0.70
N THR A 7 -8.92 -6.10 -0.63
CA THR A 7 -9.67 -4.96 -1.15
C THR A 7 -10.05 -3.99 -0.03
N LEU A 8 -9.20 -2.98 0.17
CA LEU A 8 -9.44 -1.98 1.20
C LEU A 8 -10.02 -0.71 0.61
N GLN A 9 -11.04 -0.17 1.26
CA GLN A 9 -11.69 1.05 0.79
C GLN A 9 -11.10 2.28 1.48
N LYS A 10 -11.01 3.38 0.73
CA LYS A 10 -10.46 4.62 1.26
C LYS A 10 -11.29 5.11 2.44
N ASP A 11 -10.68 5.95 3.29
CA ASP A 11 -11.36 6.49 4.45
C ASP A 11 -12.08 7.79 4.11
N ALA A 12 -12.57 8.48 5.13
CA ALA A 12 -13.28 9.74 4.95
C ALA A 12 -12.39 10.76 4.23
N GLN A 13 -11.09 10.68 4.45
CA GLN A 13 -10.14 11.60 3.83
C GLN A 13 -9.48 10.95 2.62
N ASN A 14 -10.16 9.99 2.01
CA ASN A 14 -9.63 9.31 0.83
C ASN A 14 -8.25 8.73 1.13
N LEU A 15 -8.01 8.40 2.39
CA LEU A 15 -6.72 7.84 2.80
C LEU A 15 -6.91 6.53 3.56
N ILE A 16 -6.60 5.42 2.88
CA ILE A 16 -6.75 4.10 3.50
C ILE A 16 -5.97 4.01 4.80
N GLY A 17 -4.91 4.81 4.92
CA GLY A 17 -4.10 4.80 6.12
C GLY A 17 -3.04 3.71 6.12
N ILE A 18 -1.96 3.94 5.38
CA ILE A 18 -0.87 2.97 5.31
C ILE A 18 0.42 3.65 4.86
N SER A 19 1.50 3.37 5.57
CA SER A 19 2.80 3.95 5.24
C SER A 19 3.64 2.97 4.42
N ILE A 20 4.55 3.51 3.61
CA ILE A 20 5.40 2.67 2.79
C ILE A 20 6.79 3.28 2.67
N GLY A 21 7.74 2.48 2.16
CA GLY A 21 9.11 2.96 1.99
C GLY A 21 9.88 2.16 0.96
N GLY A 22 10.29 2.81 -0.11
CA GLY A 22 11.04 2.13 -1.15
C GLY A 22 11.62 3.09 -2.17
N GLY A 23 12.56 2.61 -2.96
CA GLY A 23 13.18 3.45 -3.98
C GLY A 23 12.52 3.31 -5.33
N ALA A 24 13.28 2.88 -6.32
CA ALA A 24 12.76 2.70 -7.67
C ALA A 24 13.82 2.09 -8.60
N GLN A 25 14.89 2.84 -8.83
CA GLN A 25 15.97 2.37 -9.70
C GLN A 25 16.92 1.46 -8.93
N TYR A 26 17.67 2.03 -8.00
CA TYR A 26 18.62 1.25 -7.20
C TYR A 26 17.89 0.37 -6.20
N CYS A 27 16.93 0.96 -5.50
CA CYS A 27 16.15 0.21 -4.50
C CYS A 27 14.68 0.13 -4.91
N PRO A 28 14.37 -0.72 -5.90
CA PRO A 28 12.99 -0.89 -6.39
C PRO A 28 12.10 -1.58 -5.36
N CYS A 29 12.72 -2.32 -4.43
CA CYS A 29 11.97 -3.03 -3.40
C CYS A 29 11.11 -2.07 -2.59
N LEU A 30 9.81 -2.33 -2.57
CA LEU A 30 8.88 -1.49 -1.82
C LEU A 30 8.34 -2.23 -0.61
N TYR A 31 8.45 -1.60 0.57
CA TYR A 31 7.98 -2.20 1.80
C TYR A 31 6.85 -1.38 2.42
N ILE A 32 6.20 -1.95 3.43
CA ILE A 32 5.11 -1.27 4.11
C ILE A 32 5.43 -1.03 5.58
N VAL A 33 5.11 0.16 6.07
CA VAL A 33 5.37 0.52 7.46
C VAL A 33 4.08 0.52 8.27
N GLN A 34 4.21 0.57 9.59
CA GLN A 34 3.05 0.57 10.49
C GLN A 34 1.98 1.54 10.01
N VAL A 35 0.72 1.19 10.26
CA VAL A 35 -0.40 2.04 9.86
C VAL A 35 -0.86 2.92 11.01
N PHE A 36 -1.95 3.66 10.79
CA PHE A 36 -2.49 4.54 11.81
C PHE A 36 -3.85 4.03 12.28
N ASP A 37 -4.15 4.26 13.55
CA ASP A 37 -5.41 3.81 14.13
C ASP A 37 -6.59 4.53 13.47
N ASN A 38 -7.78 3.94 13.60
CA ASN A 38 -9.00 4.52 13.02
C ASN A 38 -8.96 4.51 11.50
N THR A 39 -8.04 3.72 10.93
CA THR A 39 -7.93 3.63 9.47
C THR A 39 -8.53 2.32 8.97
N PRO A 40 -9.03 2.31 7.73
CA PRO A 40 -9.64 1.10 7.14
C PRO A 40 -8.64 -0.04 7.05
N ALA A 41 -7.36 0.30 6.85
CA ALA A 41 -6.31 -0.71 6.75
C ALA A 41 -5.99 -1.31 8.11
N ALA A 42 -6.02 -0.47 9.14
CA ALA A 42 -5.73 -0.93 10.49
C ALA A 42 -6.92 -1.66 11.10
N LEU A 43 -8.09 -1.07 10.97
CA LEU A 43 -9.32 -1.68 11.49
C LEU A 43 -9.55 -3.05 10.88
N ASP A 44 -9.47 -3.13 9.56
CA ASP A 44 -9.68 -4.38 8.85
C ASP A 44 -8.62 -5.42 9.25
N GLY A 45 -7.41 -4.93 9.52
CA GLY A 45 -6.33 -5.82 9.90
C GLY A 45 -5.85 -6.68 8.75
N THR A 46 -5.16 -6.06 7.80
CA THR A 46 -4.65 -6.77 6.63
C THR A 46 -3.27 -6.26 6.25
N VAL A 47 -3.20 -4.99 5.87
CA VAL A 47 -1.94 -4.37 5.47
C VAL A 47 -1.32 -3.60 6.64
N ALA A 48 -0.01 -3.81 6.85
CA ALA A 48 0.70 -3.13 7.92
C ALA A 48 2.20 -3.37 7.81
N ALA A 49 2.93 -2.98 8.84
CA ALA A 49 4.38 -3.14 8.87
C ALA A 49 4.76 -4.62 8.88
N GLY A 50 5.41 -5.06 7.81
CA GLY A 50 5.82 -6.45 7.72
C GLY A 50 5.54 -7.04 6.36
N ASP A 51 4.38 -6.72 5.79
CA ASP A 51 3.99 -7.22 4.48
C ASP A 51 4.67 -6.44 3.37
N GLU A 52 4.78 -7.05 2.19
CA GLU A 52 5.40 -6.40 1.05
C GLU A 52 4.39 -6.15 -0.07
N ILE A 53 4.14 -4.88 -0.36
CA ILE A 53 3.20 -4.51 -1.41
C ILE A 53 3.74 -4.85 -2.79
N THR A 54 2.84 -5.16 -3.72
CA THR A 54 3.24 -5.51 -5.07
C THR A 54 2.02 -5.52 -6.01
N GLY A 55 1.12 -4.57 -5.80
CA GLY A 55 -0.07 -4.49 -6.63
C GLY A 55 -1.09 -3.51 -6.10
N VAL A 56 -1.85 -2.90 -7.00
CA VAL A 56 -2.87 -1.93 -6.62
C VAL A 56 -3.97 -1.85 -7.67
N ASN A 57 -5.18 -2.23 -7.29
CA ASN A 57 -6.32 -2.21 -8.20
C ASN A 57 -6.07 -3.11 -9.41
N GLY A 58 -5.26 -4.14 -9.22
CA GLY A 58 -4.96 -5.07 -10.29
C GLY A 58 -3.68 -4.72 -11.02
N ARG A 59 -3.32 -3.44 -11.00
CA ARG A 59 -2.11 -2.98 -11.67
C ARG A 59 -0.87 -3.38 -10.87
N SER A 60 0.29 -3.36 -11.54
CA SER A 60 1.54 -3.72 -10.89
C SER A 60 2.31 -2.48 -10.45
N ILE A 61 2.93 -2.55 -9.28
CA ILE A 61 3.69 -1.42 -8.74
C ILE A 61 5.19 -1.74 -8.70
N LYS A 62 5.53 -3.02 -8.81
CA LYS A 62 6.92 -3.45 -8.79
C LYS A 62 7.71 -2.83 -9.93
N GLY A 63 8.15 -1.58 -9.74
CA GLY A 63 8.91 -0.90 -10.77
C GLY A 63 8.78 0.61 -10.67
N LYS A 64 7.67 1.08 -10.11
CA LYS A 64 7.43 2.51 -9.95
C LYS A 64 8.15 3.05 -8.72
N THR A 65 8.18 4.38 -8.61
CA THR A 65 8.84 5.03 -7.48
C THR A 65 7.87 5.22 -6.32
N LYS A 66 8.38 5.72 -5.20
CA LYS A 66 7.56 5.95 -4.01
C LYS A 66 6.44 6.92 -4.32
N VAL A 67 6.77 8.04 -4.94
CA VAL A 67 5.79 9.06 -5.30
C VAL A 67 4.78 8.52 -6.30
N GLU A 68 5.27 7.75 -7.26
CA GLU A 68 4.42 7.16 -8.30
C GLU A 68 3.38 6.23 -7.67
N VAL A 69 3.85 5.37 -6.76
CA VAL A 69 2.96 4.42 -6.09
C VAL A 69 1.93 5.15 -5.22
N ALA A 70 2.44 5.99 -4.31
CA ALA A 70 1.57 6.74 -3.41
C ALA A 70 0.44 7.44 -4.18
N LYS A 71 0.82 8.23 -5.17
CA LYS A 71 -0.16 8.95 -5.98
C LYS A 71 -1.14 7.98 -6.64
N MET A 72 -0.63 6.82 -7.04
CA MET A 72 -1.44 5.80 -7.68
C MET A 72 -2.58 5.35 -6.76
N ILE A 73 -2.27 5.25 -5.47
CA ILE A 73 -3.26 4.83 -4.48
C ILE A 73 -4.34 5.89 -4.30
N GLN A 74 -3.90 7.14 -4.12
CA GLN A 74 -4.83 8.25 -3.94
C GLN A 74 -5.68 8.48 -5.19
N GLU A 75 -5.19 7.99 -6.32
CA GLU A 75 -5.91 8.16 -7.59
C GLU A 75 -7.01 7.11 -7.74
N VAL A 76 -6.71 5.87 -7.39
CA VAL A 76 -7.68 4.78 -7.50
C VAL A 76 -8.86 4.98 -6.55
N LYS A 77 -9.74 5.91 -6.89
CA LYS A 77 -10.91 6.20 -6.07
C LYS A 77 -11.78 4.96 -5.90
N GLY A 78 -12.33 4.78 -4.71
CA GLY A 78 -13.17 3.63 -4.44
C GLY A 78 -12.45 2.54 -3.67
N GLU A 79 -12.92 1.31 -3.82
CA GLU A 79 -12.31 0.18 -3.14
C GLU A 79 -10.92 -0.12 -3.71
N VAL A 80 -9.90 0.25 -2.96
CA VAL A 80 -8.52 0.02 -3.38
C VAL A 80 -8.06 -1.39 -3.02
N THR A 81 -7.61 -2.13 -4.03
CA THR A 81 -7.15 -3.50 -3.82
C THR A 81 -5.62 -3.57 -3.93
N ILE A 82 -4.95 -3.74 -2.79
CA ILE A 82 -3.50 -3.82 -2.76
C ILE A 82 -3.04 -5.27 -2.64
N HIS A 83 -2.06 -5.64 -3.47
CA HIS A 83 -1.53 -7.00 -3.44
C HIS A 83 -0.25 -7.07 -2.62
N TYR A 84 -0.39 -7.52 -1.37
CA TYR A 84 0.76 -7.62 -0.48
C TYR A 84 1.24 -9.07 -0.37
N ASN A 85 2.46 -9.25 0.10
CA ASN A 85 3.04 -10.59 0.25
C ASN A 85 3.61 -10.78 1.64
N LYS A 86 2.99 -11.67 2.42
CA LYS A 86 3.46 -11.94 3.77
C LYS A 86 4.78 -12.69 3.76
N LEU A 87 5.76 -12.17 4.49
CA LEU A 87 7.08 -12.78 4.57
C LEU A 87 7.33 -13.36 5.95
N GLU B 1 12.00 8.20 5.26
CA GLU B 1 10.95 8.87 4.50
C GLU B 1 9.91 7.88 4.03
N SER B 2 8.76 7.88 4.69
CA SER B 2 7.67 6.96 4.34
C SER B 2 6.40 7.74 4.02
N VAL B 3 5.93 7.63 2.79
CA VAL B 3 4.71 8.32 2.36
C VAL B 3 3.47 7.63 2.92
N LYS B 4 2.59 8.41 3.53
CA LYS B 4 1.37 7.88 4.10
C LYS B 4 0.16 8.22 3.23
N ILE B 5 -0.51 7.19 2.73
CA ILE B 5 -1.68 7.37 1.88
C ILE B 5 -2.83 6.49 2.33
N THR A 1 8.06 -15.47 0.82
CA THR A 1 7.01 -14.44 0.76
C THR A 1 5.72 -15.02 0.19
N VAL A 2 4.63 -14.81 0.91
CA VAL A 2 3.32 -15.31 0.48
C VAL A 2 2.45 -14.17 -0.04
N PRO A 3 1.96 -14.28 -1.29
CA PRO A 3 1.11 -13.24 -1.90
C PRO A 3 -0.24 -13.12 -1.19
N GLY A 4 -0.76 -11.90 -1.14
CA GLY A 4 -2.04 -11.66 -0.50
C GLY A 4 -2.73 -10.41 -1.03
N LYS A 5 -3.90 -10.61 -1.64
CA LYS A 5 -4.66 -9.50 -2.20
C LYS A 5 -5.88 -9.19 -1.34
N VAL A 6 -6.00 -7.93 -0.92
CA VAL A 6 -7.13 -7.51 -0.10
C VAL A 6 -7.79 -6.26 -0.68
N THR A 7 -9.11 -6.30 -0.79
CA THR A 7 -9.86 -5.17 -1.33
C THR A 7 -10.34 -4.25 -0.22
N LEU A 8 -9.60 -3.16 0.00
CA LEU A 8 -9.95 -2.18 1.03
C LEU A 8 -10.45 -0.89 0.41
N GLN A 9 -11.52 -0.34 0.97
CA GLN A 9 -12.10 0.90 0.48
C GLN A 9 -11.39 2.11 1.08
N LYS A 10 -11.66 3.28 0.50
CA LYS A 10 -11.05 4.52 0.97
C LYS A 10 -11.78 5.06 2.20
N ASP A 11 -11.06 5.82 3.02
CA ASP A 11 -11.65 6.39 4.23
C ASP A 11 -12.34 7.71 3.92
N ALA A 12 -12.83 8.38 4.97
CA ALA A 12 -13.51 9.66 4.81
C ALA A 12 -12.59 10.69 4.16
N GLN A 13 -11.29 10.55 4.38
CA GLN A 13 -10.31 11.46 3.83
C GLN A 13 -9.67 10.89 2.57
N ASN A 14 -10.36 9.95 1.92
CA ASN A 14 -9.86 9.33 0.70
C ASN A 14 -8.46 8.74 0.93
N LEU A 15 -8.23 8.21 2.13
CA LEU A 15 -6.94 7.62 2.46
C LEU A 15 -7.12 6.40 3.36
N ILE A 16 -6.74 5.23 2.84
CA ILE A 16 -6.86 3.99 3.60
C ILE A 16 -6.03 4.04 4.88
N GLY A 17 -4.95 4.81 4.84
CA GLY A 17 -4.09 4.94 6.01
C GLY A 17 -3.01 3.87 6.06
N ILE A 18 -1.95 4.08 5.29
CA ILE A 18 -0.83 3.14 5.25
C ILE A 18 0.45 3.82 4.79
N SER A 19 1.58 3.28 5.23
CA SER A 19 2.88 3.84 4.86
C SER A 19 3.71 2.82 4.08
N ILE A 20 4.42 3.30 3.06
CA ILE A 20 5.26 2.43 2.25
C ILE A 20 6.64 3.04 2.04
N GLY A 21 7.61 2.19 1.69
CA GLY A 21 8.95 2.66 1.46
C GLY A 21 9.73 1.78 0.50
N GLY A 22 10.13 2.35 -0.63
CA GLY A 22 10.88 1.58 -1.61
C GLY A 22 11.45 2.47 -2.72
N GLY A 23 12.65 2.12 -3.17
CA GLY A 23 13.29 2.89 -4.22
C GLY A 23 12.65 2.66 -5.58
N ALA A 24 13.48 2.36 -6.57
CA ALA A 24 13.00 2.11 -7.92
C ALA A 24 14.12 1.63 -8.83
N GLN A 25 15.30 2.23 -8.68
CA GLN A 25 16.45 1.85 -9.49
C GLN A 25 17.39 0.95 -8.70
N TYR A 26 17.46 1.16 -7.40
CA TYR A 26 18.32 0.37 -6.53
C TYR A 26 17.50 -0.53 -5.62
N CYS A 27 16.31 -0.07 -5.25
CA CYS A 27 15.42 -0.83 -4.39
C CYS A 27 13.99 -0.82 -4.93
N PRO A 28 13.76 -1.41 -6.12
CA PRO A 28 12.44 -1.46 -6.74
C PRO A 28 11.39 -2.09 -5.82
N CYS A 29 11.84 -2.99 -4.95
CA CYS A 29 10.94 -3.66 -4.02
C CYS A 29 10.38 -2.68 -3.00
N LEU A 30 9.06 -2.61 -2.92
CA LEU A 30 8.39 -1.71 -1.98
C LEU A 30 7.89 -2.48 -0.76
N TYR A 31 8.05 -1.88 0.43
CA TYR A 31 7.61 -2.51 1.66
C TYR A 31 6.76 -1.54 2.48
N ILE A 32 5.88 -2.10 3.31
CA ILE A 32 5.01 -1.29 4.16
C ILE A 32 5.67 -1.00 5.50
N VAL A 33 5.48 0.23 5.98
CA VAL A 33 6.06 0.64 7.26
C VAL A 33 5.13 0.29 8.41
N GLN A 34 3.95 0.89 8.44
CA GLN A 34 2.98 0.65 9.49
C GLN A 34 1.62 1.24 9.15
N VAL A 35 0.63 0.99 9.99
CA VAL A 35 -0.72 1.49 9.77
C VAL A 35 -1.11 2.49 10.85
N PHE A 36 -2.10 3.32 10.55
CA PHE A 36 -2.57 4.32 11.49
C PHE A 36 -3.89 3.89 12.13
N ASP A 37 -4.07 4.21 13.40
CA ASP A 37 -5.27 3.84 14.12
C ASP A 37 -6.50 4.53 13.54
N ASN A 38 -7.67 3.92 13.73
CA ASN A 38 -8.92 4.47 13.23
C ASN A 38 -8.96 4.50 11.71
N THR A 39 -8.14 3.66 11.08
CA THR A 39 -8.10 3.60 9.61
C THR A 39 -8.66 2.27 9.12
N PRO A 40 -9.18 2.25 7.87
CA PRO A 40 -9.75 1.03 7.29
C PRO A 40 -8.71 -0.08 7.14
N ALA A 41 -7.44 0.32 6.99
CA ALA A 41 -6.34 -0.63 6.84
C ALA A 41 -5.97 -1.24 8.19
N ALA A 42 -6.03 -0.43 9.24
CA ALA A 42 -5.70 -0.89 10.58
C ALA A 42 -6.90 -1.52 11.27
N LEU A 43 -8.09 -1.09 10.87
CA LEU A 43 -9.33 -1.62 11.45
C LEU A 43 -9.67 -2.98 10.87
N ASP A 44 -9.45 -3.14 9.57
CA ASP A 44 -9.73 -4.40 8.89
C ASP A 44 -8.80 -5.50 9.38
N GLY A 45 -7.50 -5.23 9.32
CA GLY A 45 -6.51 -6.21 9.75
C GLY A 45 -6.00 -7.06 8.61
N THR A 46 -5.26 -6.44 7.68
CA THR A 46 -4.71 -7.15 6.54
C THR A 46 -3.34 -6.59 6.17
N VAL A 47 -3.31 -5.34 5.75
CA VAL A 47 -2.06 -4.69 5.35
C VAL A 47 -1.47 -3.90 6.51
N ALA A 48 -0.21 -4.16 6.81
CA ALA A 48 0.48 -3.47 7.90
C ALA A 48 1.99 -3.65 7.81
N ALA A 49 2.70 -3.28 8.88
CA ALA A 49 4.15 -3.39 8.91
C ALA A 49 4.60 -4.82 8.61
N GLY A 50 5.66 -4.95 7.84
CA GLY A 50 6.18 -6.26 7.49
C GLY A 50 5.70 -6.74 6.13
N ASP A 51 4.53 -6.27 5.73
CA ASP A 51 3.95 -6.66 4.45
C ASP A 51 4.65 -5.93 3.31
N GLU A 52 4.73 -6.60 2.16
CA GLU A 52 5.38 -6.02 0.98
C GLU A 52 4.36 -5.72 -0.11
N ILE A 53 4.13 -4.44 -0.37
CA ILE A 53 3.19 -4.02 -1.40
C ILE A 53 3.77 -4.21 -2.80
N THR A 54 3.00 -4.82 -3.68
CA THR A 54 3.45 -5.06 -5.05
C THR A 54 2.25 -5.16 -6.00
N GLY A 55 1.22 -4.37 -5.72
CA GLY A 55 0.03 -4.39 -6.56
C GLY A 55 -1.05 -3.47 -6.04
N VAL A 56 -1.75 -2.80 -6.96
CA VAL A 56 -2.82 -1.88 -6.59
C VAL A 56 -3.87 -1.80 -7.69
N ASN A 57 -5.06 -2.31 -7.40
CA ASN A 57 -6.17 -2.30 -8.36
C ASN A 57 -5.79 -3.10 -9.61
N GLY A 58 -4.91 -4.08 -9.45
CA GLY A 58 -4.49 -4.90 -10.57
C GLY A 58 -3.21 -4.40 -11.21
N ARG A 59 -2.97 -3.10 -11.10
CA ARG A 59 -1.76 -2.51 -11.68
C ARG A 59 -0.52 -2.97 -10.94
N SER A 60 0.55 -3.22 -11.69
CA SER A 60 1.82 -3.66 -11.11
C SER A 60 2.67 -2.47 -10.68
N ILE A 61 2.82 -2.31 -9.36
CA ILE A 61 3.61 -1.21 -8.82
C ILE A 61 5.07 -1.63 -8.59
N LYS A 62 5.46 -2.76 -9.18
CA LYS A 62 6.82 -3.25 -9.04
C LYS A 62 7.81 -2.33 -9.75
N GLY A 63 7.36 -1.68 -10.81
CA GLY A 63 8.21 -0.77 -11.56
C GLY A 63 7.92 0.68 -11.25
N LYS A 64 7.52 0.96 -10.02
CA LYS A 64 7.21 2.32 -9.61
C LYS A 64 7.90 2.65 -8.29
N THR A 65 8.15 3.94 -8.06
CA THR A 65 8.80 4.39 -6.84
C THR A 65 7.77 4.61 -5.73
N LYS A 66 8.26 4.91 -4.53
CA LYS A 66 7.39 5.13 -3.38
C LYS A 66 6.44 6.30 -3.65
N VAL A 67 6.93 7.32 -4.33
CA VAL A 67 6.12 8.49 -4.66
C VAL A 67 5.10 8.16 -5.74
N GLU A 68 5.48 7.30 -6.67
CA GLU A 68 4.61 6.90 -7.77
C GLU A 68 3.41 6.11 -7.23
N VAL A 69 3.70 5.08 -6.43
CA VAL A 69 2.66 4.24 -5.87
C VAL A 69 1.73 5.05 -4.96
N ALA A 70 2.31 5.85 -4.08
CA ALA A 70 1.54 6.67 -3.15
C ALA A 70 0.50 7.50 -3.91
N LYS A 71 0.95 8.25 -4.91
CA LYS A 71 0.06 9.09 -5.70
C LYS A 71 -1.01 8.25 -6.37
N MET A 72 -0.64 7.04 -6.78
CA MET A 72 -1.58 6.13 -7.44
C MET A 72 -2.75 5.80 -6.52
N ILE A 73 -2.44 5.52 -5.26
CA ILE A 73 -3.47 5.19 -4.28
C ILE A 73 -4.42 6.37 -4.07
N GLN A 74 -3.87 7.52 -3.72
CA GLN A 74 -4.67 8.72 -3.49
C GLN A 74 -5.52 9.05 -4.71
N GLU A 75 -5.06 8.64 -5.89
CA GLU A 75 -5.79 8.90 -7.12
C GLU A 75 -6.98 7.96 -7.28
N VAL A 76 -6.71 6.66 -7.20
CA VAL A 76 -7.76 5.65 -7.33
C VAL A 76 -8.85 5.85 -6.29
N LYS A 77 -10.07 5.45 -6.62
CA LYS A 77 -11.20 5.58 -5.71
C LYS A 77 -11.91 4.24 -5.54
N GLY A 78 -13.00 4.27 -4.77
CA GLY A 78 -13.76 3.04 -4.53
C GLY A 78 -12.93 1.96 -3.86
N GLU A 79 -13.43 0.73 -3.88
CA GLU A 79 -12.72 -0.39 -3.27
C GLU A 79 -11.34 -0.57 -3.89
N VAL A 80 -10.30 -0.25 -3.12
CA VAL A 80 -8.93 -0.39 -3.60
C VAL A 80 -8.32 -1.71 -3.16
N THR A 81 -7.84 -2.48 -4.13
CA THR A 81 -7.24 -3.78 -3.85
C THR A 81 -5.72 -3.70 -3.94
N ILE A 82 -5.05 -4.04 -2.84
CA ILE A 82 -3.60 -4.01 -2.79
C ILE A 82 -3.03 -5.42 -2.64
N HIS A 83 -2.02 -5.72 -3.43
CA HIS A 83 -1.38 -7.04 -3.40
C HIS A 83 -0.17 -7.03 -2.46
N TYR A 84 -0.41 -7.39 -1.21
CA TYR A 84 0.65 -7.42 -0.21
C TYR A 84 1.24 -8.83 -0.08
N ASN A 85 2.46 -8.91 0.43
CA ASN A 85 3.13 -10.19 0.62
C ASN A 85 3.69 -10.32 2.03
N LYS A 86 3.12 -11.23 2.81
CA LYS A 86 3.57 -11.45 4.17
C LYS A 86 4.95 -12.08 4.21
N LEU A 87 5.81 -11.58 5.10
CA LEU A 87 7.16 -12.10 5.23
C LEU A 87 7.30 -12.96 6.49
N GLU B 1 12.47 7.91 4.81
CA GLU B 1 11.43 8.71 4.18
C GLU B 1 10.37 7.81 3.55
N SER B 2 9.33 7.51 4.31
CA SER B 2 8.24 6.67 3.81
C SER B 2 6.98 7.49 3.56
N VAL B 3 6.42 7.35 2.37
CA VAL B 3 5.21 8.08 2.00
C VAL B 3 3.98 7.46 2.65
N LYS B 4 3.05 8.31 3.08
CA LYS B 4 1.82 7.84 3.72
C LYS B 4 0.60 8.23 2.89
N ILE B 5 -0.33 7.30 2.74
CA ILE B 5 -1.54 7.54 1.98
C ILE B 5 -2.74 6.87 2.63
N THR A 1 6.56 -17.13 0.09
CA THR A 1 5.82 -16.03 0.72
C THR A 1 4.32 -16.31 0.68
N VAL A 2 3.53 -15.32 1.07
CA VAL A 2 2.08 -15.47 1.09
C VAL A 2 1.40 -14.43 0.20
N PRO A 3 1.39 -14.67 -1.13
CA PRO A 3 0.78 -13.76 -2.09
C PRO A 3 -0.70 -13.53 -1.81
N GLY A 4 -1.03 -12.31 -1.39
CA GLY A 4 -2.42 -11.99 -1.09
C GLY A 4 -2.79 -10.58 -1.50
N LYS A 5 -4.03 -10.41 -1.97
CA LYS A 5 -4.50 -9.10 -2.39
C LYS A 5 -5.84 -8.77 -1.73
N VAL A 6 -5.83 -7.74 -0.87
CA VAL A 6 -7.04 -7.32 -0.18
C VAL A 6 -7.64 -6.07 -0.82
N THR A 7 -8.96 -5.95 -0.72
CA THR A 7 -9.66 -4.81 -1.29
C THR A 7 -10.18 -3.88 -0.19
N LEU A 8 -9.32 -2.94 0.23
CA LEU A 8 -9.69 -1.99 1.28
C LEU A 8 -10.22 -0.70 0.67
N GLN A 9 -11.24 -0.13 1.31
CA GLN A 9 -11.84 1.11 0.83
C GLN A 9 -11.14 2.32 1.45
N LYS A 10 -11.46 3.50 0.94
CA LYS A 10 -10.87 4.74 1.43
C LYS A 10 -11.69 5.32 2.58
N ASP A 11 -11.10 6.25 3.33
CA ASP A 11 -11.78 6.88 4.45
C ASP A 11 -12.31 8.25 4.06
N ALA A 12 -12.78 9.01 5.04
CA ALA A 12 -13.33 10.34 4.79
C ALA A 12 -12.30 11.24 4.10
N GLN A 13 -11.03 10.98 4.36
CA GLN A 13 -9.95 11.77 3.77
C GLN A 13 -9.41 11.09 2.52
N ASN A 14 -10.18 10.18 1.94
CA ASN A 14 -9.78 9.46 0.74
C ASN A 14 -8.41 8.81 0.94
N LEU A 15 -8.20 8.23 2.12
CA LEU A 15 -6.94 7.58 2.44
C LEU A 15 -7.17 6.28 3.22
N ILE A 16 -6.80 5.16 2.62
CA ILE A 16 -6.97 3.86 3.26
C ILE A 16 -6.19 3.79 4.57
N GLY A 17 -5.09 4.54 4.64
CA GLY A 17 -4.29 4.55 5.84
C GLY A 17 -3.22 3.49 5.85
N ILE A 18 -2.08 3.79 5.21
CA ILE A 18 -0.96 2.86 5.14
C ILE A 18 0.30 3.56 4.64
N SER A 19 1.42 3.29 5.29
CA SER A 19 2.69 3.90 4.89
C SER A 19 3.54 2.92 4.10
N ILE A 20 4.19 3.41 3.05
CA ILE A 20 5.04 2.58 2.22
C ILE A 20 6.46 3.13 2.14
N GLY A 21 7.39 2.31 1.68
CA GLY A 21 8.77 2.74 1.58
C GLY A 21 9.47 2.18 0.35
N GLY A 22 9.99 3.06 -0.50
CA GLY A 22 10.67 2.63 -1.70
C GLY A 22 11.40 3.76 -2.39
N GLY A 23 12.41 3.41 -3.18
CA GLY A 23 13.18 4.41 -3.89
C GLY A 23 13.00 4.33 -5.39
N ALA A 24 14.12 4.28 -6.11
CA ALA A 24 14.07 4.19 -7.57
C ALA A 24 15.43 3.76 -8.14
N GLN A 25 15.40 3.03 -9.24
CA GLN A 25 16.62 2.55 -9.88
C GLN A 25 17.36 1.57 -8.98
N TYR A 26 18.02 2.09 -7.96
CA TYR A 26 18.77 1.26 -7.02
C TYR A 26 17.83 0.57 -6.03
N CYS A 27 16.76 1.26 -5.66
CA CYS A 27 15.78 0.72 -4.72
C CYS A 27 14.37 0.88 -5.25
N PRO A 28 14.07 0.27 -6.41
CA PRO A 28 12.73 0.35 -7.03
C PRO A 28 11.70 -0.52 -6.31
N CYS A 29 12.17 -1.32 -5.35
CA CYS A 29 11.27 -2.19 -4.60
C CYS A 29 10.48 -1.41 -3.56
N LEU A 30 9.17 -1.57 -3.58
CA LEU A 30 8.30 -0.88 -2.63
C LEU A 30 7.71 -1.86 -1.61
N TYR A 31 7.61 -1.42 -0.36
CA TYR A 31 7.08 -2.26 0.70
C TYR A 31 6.35 -1.42 1.74
N ILE A 32 5.70 -2.11 2.69
CA ILE A 32 4.97 -1.43 3.75
C ILE A 32 5.84 -1.23 4.99
N VAL A 33 5.53 -0.19 5.76
CA VAL A 33 6.29 0.10 6.97
C VAL A 33 5.42 0.00 8.21
N GLN A 34 4.22 0.58 8.15
CA GLN A 34 3.30 0.54 9.29
C GLN A 34 1.94 1.11 8.89
N VAL A 35 1.03 1.14 9.86
CA VAL A 35 -0.32 1.66 9.62
C VAL A 35 -0.69 2.72 10.65
N PHE A 36 -1.75 3.47 10.36
CA PHE A 36 -2.22 4.51 11.27
C PHE A 36 -3.47 4.06 12.00
N ASP A 37 -3.74 4.67 13.14
CA ASP A 37 -4.91 4.32 13.94
C ASP A 37 -6.17 4.94 13.37
N ASN A 38 -7.30 4.30 13.62
CA ASN A 38 -8.60 4.79 13.15
C ASN A 38 -8.67 4.78 11.62
N THR A 39 -7.88 3.92 10.99
CA THR A 39 -7.89 3.82 9.53
C THR A 39 -8.59 2.56 9.08
N PRO A 40 -9.26 2.59 7.90
CA PRO A 40 -9.97 1.43 7.37
C PRO A 40 -9.06 0.22 7.21
N ALA A 41 -7.78 0.47 6.95
CA ALA A 41 -6.81 -0.60 6.78
C ALA A 41 -6.46 -1.23 8.12
N ALA A 42 -6.42 -0.41 9.17
CA ALA A 42 -6.10 -0.89 10.51
C ALA A 42 -7.34 -1.43 11.20
N LEU A 43 -8.50 -0.92 10.84
CA LEU A 43 -9.76 -1.34 11.44
C LEU A 43 -10.17 -2.71 10.89
N ASP A 44 -9.88 -2.94 9.61
CA ASP A 44 -10.22 -4.21 8.97
C ASP A 44 -9.25 -5.30 9.38
N GLY A 45 -7.96 -5.01 9.29
CA GLY A 45 -6.94 -5.99 9.66
C GLY A 45 -6.50 -6.83 8.49
N THR A 46 -5.51 -6.34 7.74
CA THR A 46 -4.99 -7.07 6.58
C THR A 46 -3.60 -6.56 6.21
N VAL A 47 -3.53 -5.31 5.77
CA VAL A 47 -2.27 -4.70 5.38
C VAL A 47 -1.60 -3.97 6.55
N ALA A 48 -0.31 -4.20 6.72
CA ALA A 48 0.44 -3.57 7.80
C ALA A 48 1.92 -3.91 7.72
N ALA A 49 2.68 -3.48 8.72
CA ALA A 49 4.12 -3.74 8.76
C ALA A 49 4.41 -5.23 8.70
N GLY A 50 5.54 -5.59 8.09
CA GLY A 50 5.90 -6.99 7.99
C GLY A 50 5.62 -7.55 6.61
N ASP A 51 4.60 -7.01 5.95
CA ASP A 51 4.22 -7.46 4.62
C ASP A 51 4.98 -6.70 3.54
N GLU A 52 4.93 -7.20 2.31
CA GLU A 52 5.62 -6.56 1.20
C GLU A 52 4.67 -6.34 0.03
N ILE A 53 4.32 -5.08 -0.20
CA ILE A 53 3.42 -4.72 -1.29
C ILE A 53 4.08 -4.93 -2.65
N THR A 54 3.29 -5.35 -3.63
CA THR A 54 3.81 -5.59 -4.98
C THR A 54 2.71 -5.44 -6.01
N GLY A 55 1.70 -4.62 -5.70
CA GLY A 55 0.61 -4.41 -6.63
C GLY A 55 -0.49 -3.56 -6.03
N VAL A 56 -1.39 -3.07 -6.89
CA VAL A 56 -2.49 -2.23 -6.45
C VAL A 56 -3.61 -2.20 -7.49
N ASN A 57 -4.79 -2.68 -7.10
CA ASN A 57 -5.93 -2.71 -8.01
C ASN A 57 -5.63 -3.54 -9.25
N GLY A 58 -4.76 -4.53 -9.10
CA GLY A 58 -4.40 -5.38 -10.22
C GLY A 58 -3.12 -4.94 -10.90
N ARG A 59 -2.83 -3.64 -10.82
CA ARG A 59 -1.63 -3.09 -11.43
C ARG A 59 -0.39 -3.48 -10.65
N SER A 60 0.78 -3.35 -11.28
CA SER A 60 2.04 -3.71 -10.65
C SER A 60 2.76 -2.46 -10.14
N ILE A 61 3.33 -2.55 -8.94
CA ILE A 61 4.04 -1.43 -8.34
C ILE A 61 5.54 -1.72 -8.24
N LYS A 62 5.90 -3.00 -8.30
CA LYS A 62 7.31 -3.40 -8.21
C LYS A 62 8.12 -2.80 -9.35
N GLY A 63 8.55 -1.55 -9.17
CA GLY A 63 9.34 -0.89 -10.19
C GLY A 63 9.21 0.62 -10.13
N LYS A 64 8.08 1.09 -9.61
CA LYS A 64 7.84 2.53 -9.49
C LYS A 64 8.49 3.08 -8.23
N THR A 65 8.34 4.39 -8.03
CA THR A 65 8.92 5.05 -6.85
C THR A 65 7.87 5.22 -5.76
N LYS A 66 8.34 5.51 -4.54
CA LYS A 66 7.44 5.70 -3.40
C LYS A 66 6.42 6.80 -3.69
N VAL A 67 6.86 7.81 -4.43
CA VAL A 67 5.98 8.93 -4.77
C VAL A 67 4.96 8.52 -5.83
N GLU A 68 5.41 7.73 -6.80
CA GLU A 68 4.53 7.27 -7.87
C GLU A 68 3.43 6.38 -7.33
N VAL A 69 3.82 5.37 -6.55
CA VAL A 69 2.86 4.45 -5.96
C VAL A 69 1.86 5.19 -5.07
N ALA A 70 2.37 6.07 -4.21
CA ALA A 70 1.52 6.83 -3.31
C ALA A 70 0.46 7.60 -4.08
N LYS A 71 0.85 8.17 -5.22
CA LYS A 71 -0.07 8.92 -6.05
C LYS A 71 -1.11 8.01 -6.69
N MET A 72 -0.72 6.77 -6.96
CA MET A 72 -1.61 5.80 -7.57
C MET A 72 -2.74 5.43 -6.61
N ILE A 73 -2.40 5.20 -5.36
CA ILE A 73 -3.39 4.84 -4.35
C ILE A 73 -4.35 6.00 -4.10
N GLN A 74 -3.80 7.20 -3.95
CA GLN A 74 -4.62 8.39 -3.71
C GLN A 74 -5.50 8.69 -4.92
N GLU A 75 -5.02 8.32 -6.10
CA GLU A 75 -5.78 8.55 -7.33
C GLU A 75 -7.01 7.66 -7.38
N VAL A 76 -6.84 6.40 -6.99
CA VAL A 76 -7.94 5.44 -6.99
C VAL A 76 -9.08 5.91 -6.09
N LYS A 77 -10.30 5.56 -6.47
CA LYS A 77 -11.48 5.94 -5.70
C LYS A 77 -12.35 4.73 -5.39
N GLY A 78 -12.90 4.69 -4.18
CA GLY A 78 -13.74 3.58 -3.78
C GLY A 78 -12.95 2.46 -3.13
N GLU A 79 -13.28 1.23 -3.51
CA GLU A 79 -12.59 0.06 -2.95
C GLU A 79 -11.24 -0.15 -3.62
N VAL A 80 -10.18 0.19 -2.89
CA VAL A 80 -8.82 0.05 -3.41
C VAL A 80 -8.24 -1.32 -3.06
N THR A 81 -7.55 -1.93 -4.01
CA THR A 81 -6.94 -3.23 -3.81
C THR A 81 -5.43 -3.12 -3.66
N ILE A 82 -4.88 -3.89 -2.72
CA ILE A 82 -3.44 -3.88 -2.47
C ILE A 82 -2.88 -5.30 -2.46
N HIS A 83 -1.81 -5.51 -3.23
CA HIS A 83 -1.17 -6.82 -3.32
C HIS A 83 -0.02 -6.93 -2.32
N TYR A 84 -0.30 -7.52 -1.16
CA TYR A 84 0.71 -7.68 -0.12
C TYR A 84 1.20 -9.13 -0.08
N ASN A 85 2.46 -9.31 0.31
CA ASN A 85 3.05 -10.64 0.40
C ASN A 85 3.76 -10.82 1.74
N LYS A 86 3.25 -11.75 2.54
CA LYS A 86 3.84 -12.03 3.84
C LYS A 86 5.17 -12.77 3.71
N LEU A 87 6.17 -12.33 4.46
CA LEU A 87 7.49 -12.94 4.42
C LEU A 87 7.79 -13.69 5.72
N GLU B 1 12.33 7.64 4.40
CA GLU B 1 11.33 8.37 3.64
C GLU B 1 10.17 7.46 3.27
N SER B 2 9.16 7.40 4.13
CA SER B 2 7.99 6.56 3.90
C SER B 2 6.75 7.42 3.64
N VAL B 3 6.19 7.29 2.44
CA VAL B 3 5.00 8.05 2.08
C VAL B 3 3.74 7.42 2.65
N LYS B 4 2.87 8.24 3.21
CA LYS B 4 1.62 7.76 3.79
C LYS B 4 0.43 8.13 2.91
N ILE B 5 -0.36 7.12 2.55
CA ILE B 5 -1.54 7.34 1.71
C ILE B 5 -2.72 6.50 2.19
N THR A 1 7.43 -16.09 1.09
CA THR A 1 6.35 -15.13 1.28
C THR A 1 5.00 -15.74 0.92
N VAL A 2 3.94 -14.94 1.03
CA VAL A 2 2.59 -15.41 0.73
C VAL A 2 1.82 -14.36 -0.07
N PRO A 3 1.90 -14.41 -1.42
CA PRO A 3 1.20 -13.47 -2.28
C PRO A 3 -0.28 -13.35 -1.95
N GLY A 4 -0.65 -12.25 -1.32
CA GLY A 4 -2.03 -12.03 -0.95
C GLY A 4 -2.49 -10.61 -1.20
N LYS A 5 -3.65 -10.46 -1.83
CA LYS A 5 -4.19 -9.15 -2.15
C LYS A 5 -5.51 -8.91 -1.41
N VAL A 6 -5.69 -7.70 -0.89
CA VAL A 6 -6.90 -7.35 -0.17
C VAL A 6 -7.60 -6.16 -0.80
N THR A 7 -8.93 -6.18 -0.81
CA THR A 7 -9.72 -5.10 -1.40
C THR A 7 -10.15 -4.10 -0.34
N LEU A 8 -9.24 -3.20 0.02
CA LEU A 8 -9.53 -2.18 1.03
C LEU A 8 -10.42 -1.09 0.45
N GLN A 9 -10.92 -0.22 1.33
CA GLN A 9 -11.79 0.87 0.91
C GLN A 9 -11.24 2.22 1.36
N LYS A 10 -11.51 3.26 0.59
CA LYS A 10 -11.04 4.60 0.93
C LYS A 10 -11.76 5.14 2.15
N ASP A 11 -11.01 5.79 3.04
CA ASP A 11 -11.58 6.36 4.26
C ASP A 11 -12.27 7.68 3.97
N ALA A 12 -12.76 8.32 5.02
CA ALA A 12 -13.44 9.61 4.88
C ALA A 12 -12.55 10.65 4.22
N GLN A 13 -11.24 10.47 4.36
CA GLN A 13 -10.27 11.39 3.76
C GLN A 13 -9.66 10.80 2.49
N ASN A 14 -10.39 9.87 1.87
CA ASN A 14 -9.92 9.23 0.64
C ASN A 14 -8.53 8.62 0.84
N LEU A 15 -8.24 8.21 2.08
CA LEU A 15 -6.95 7.62 2.40
C LEU A 15 -7.13 6.35 3.23
N ILE A 16 -6.83 5.21 2.63
CA ILE A 16 -6.96 3.93 3.32
C ILE A 16 -6.11 3.91 4.60
N GLY A 17 -5.04 4.68 4.61
CA GLY A 17 -4.18 4.75 5.77
C GLY A 17 -3.15 3.64 5.81
N ILE A 18 -2.03 3.85 5.11
CA ILE A 18 -0.96 2.85 5.07
C ILE A 18 0.36 3.49 4.62
N SER A 19 1.38 3.38 5.46
CA SER A 19 2.68 3.95 5.15
C SER A 19 3.54 2.93 4.39
N ILE A 20 4.19 3.40 3.33
CA ILE A 20 5.04 2.54 2.53
C ILE A 20 6.49 2.99 2.58
N GLY A 21 7.37 2.27 1.90
CA GLY A 21 8.78 2.61 1.88
C GLY A 21 9.50 2.04 0.67
N GLY A 22 10.01 2.92 -0.18
CA GLY A 22 10.72 2.49 -1.36
C GLY A 22 11.44 3.63 -2.07
N GLY A 23 12.27 3.28 -3.04
CA GLY A 23 13.00 4.30 -3.78
C GLY A 23 13.16 3.95 -5.24
N ALA A 24 14.40 3.77 -5.68
CA ALA A 24 14.69 3.43 -7.07
C ALA A 24 16.15 3.04 -7.26
N GLN A 25 16.38 1.93 -7.95
CA GLN A 25 17.73 1.45 -8.20
C GLN A 25 18.39 0.96 -6.91
N TYR A 26 18.68 1.89 -6.02
CA TYR A 26 19.31 1.56 -4.75
C TYR A 26 18.35 0.79 -3.85
N CYS A 27 17.06 1.13 -3.94
CA CYS A 27 16.04 0.47 -3.14
C CYS A 27 14.68 0.52 -3.84
N PRO A 28 14.55 -0.24 -4.95
CA PRO A 28 13.30 -0.28 -5.72
C PRO A 28 12.20 -1.06 -5.00
N CYS A 29 12.61 -1.97 -4.12
CA CYS A 29 11.66 -2.78 -3.37
C CYS A 29 10.76 -1.92 -2.50
N LEU A 30 9.47 -1.92 -2.81
CA LEU A 30 8.49 -1.13 -2.06
C LEU A 30 7.70 -2.02 -1.11
N TYR A 31 7.64 -1.62 0.16
CA TYR A 31 6.91 -2.39 1.16
C TYR A 31 6.29 -1.48 2.22
N ILE A 32 5.32 -2.01 2.94
CA ILE A 32 4.65 -1.25 3.99
C ILE A 32 5.55 -1.10 5.22
N VAL A 33 5.30 -0.06 6.01
CA VAL A 33 6.12 0.19 7.20
C VAL A 33 5.26 0.19 8.48
N GLN A 34 4.14 0.90 8.44
CA GLN A 34 3.27 0.98 9.61
C GLN A 34 1.92 1.60 9.26
N VAL A 35 0.87 1.14 9.93
CA VAL A 35 -0.47 1.66 9.70
C VAL A 35 -0.88 2.62 10.81
N PHE A 36 -1.93 3.39 10.56
CA PHE A 36 -2.42 4.35 11.53
C PHE A 36 -3.79 3.93 12.08
N ASP A 37 -4.10 4.38 13.29
CA ASP A 37 -5.37 4.04 13.93
C ASP A 37 -6.54 4.73 13.22
N ASN A 38 -7.74 4.20 13.43
CA ASN A 38 -8.95 4.75 12.84
C ASN A 38 -8.92 4.68 11.32
N THR A 39 -8.04 3.83 10.77
CA THR A 39 -7.94 3.68 9.33
C THR A 39 -8.53 2.33 8.90
N PRO A 40 -9.08 2.26 7.68
CA PRO A 40 -9.68 1.03 7.15
C PRO A 40 -8.68 -0.12 7.08
N ALA A 41 -7.41 0.22 6.87
CA ALA A 41 -6.35 -0.77 6.77
C ALA A 41 -6.03 -1.37 8.14
N ALA A 42 -6.03 -0.53 9.16
CA ALA A 42 -5.74 -0.97 10.52
C ALA A 42 -7.00 -1.50 11.22
N LEU A 43 -8.15 -1.01 10.80
CA LEU A 43 -9.42 -1.42 11.38
C LEU A 43 -9.81 -2.81 10.87
N ASP A 44 -9.45 -3.10 9.62
CA ASP A 44 -9.76 -4.39 9.02
C ASP A 44 -8.76 -5.45 9.45
N GLY A 45 -7.48 -5.10 9.43
CA GLY A 45 -6.45 -6.04 9.83
C GLY A 45 -5.99 -6.92 8.70
N THR A 46 -5.38 -6.31 7.68
CA THR A 46 -4.89 -7.05 6.53
C THR A 46 -3.49 -6.61 6.14
N VAL A 47 -3.33 -5.31 5.88
CA VAL A 47 -2.04 -4.76 5.50
C VAL A 47 -1.43 -3.94 6.63
N ALA A 48 -0.14 -4.15 6.89
CA ALA A 48 0.55 -3.43 7.96
C ALA A 48 2.04 -3.77 7.96
N ALA A 49 2.72 -3.37 9.04
CA ALA A 49 4.15 -3.64 9.18
C ALA A 49 4.44 -5.13 9.08
N GLY A 50 5.26 -5.49 8.10
CA GLY A 50 5.62 -6.89 7.91
C GLY A 50 5.26 -7.39 6.53
N ASP A 51 4.27 -6.77 5.90
CA ASP A 51 3.84 -7.16 4.57
C ASP A 51 4.62 -6.39 3.50
N GLU A 52 4.64 -6.94 2.28
CA GLU A 52 5.35 -6.30 1.18
C GLU A 52 4.39 -5.97 0.04
N ILE A 53 4.07 -4.69 -0.12
CA ILE A 53 3.18 -4.25 -1.18
C ILE A 53 3.83 -4.39 -2.55
N THR A 54 3.06 -4.84 -3.53
CA THR A 54 3.57 -5.03 -4.88
C THR A 54 2.43 -5.11 -5.90
N GLY A 55 1.41 -4.27 -5.70
CA GLY A 55 0.28 -4.26 -6.60
C GLY A 55 -0.86 -3.39 -6.10
N VAL A 56 -1.63 -2.84 -7.03
CA VAL A 56 -2.76 -1.99 -6.68
C VAL A 56 -3.83 -2.01 -7.77
N ASN A 57 -5.06 -2.35 -7.37
CA ASN A 57 -6.18 -2.43 -8.31
C ASN A 57 -5.87 -3.40 -9.44
N GLY A 58 -5.07 -4.42 -9.15
CA GLY A 58 -4.73 -5.40 -10.16
C GLY A 58 -3.39 -5.10 -10.83
N ARG A 59 -3.05 -3.82 -10.91
CA ARG A 59 -1.80 -3.41 -11.54
C ARG A 59 -0.61 -3.69 -10.61
N SER A 60 0.59 -3.63 -11.17
CA SER A 60 1.80 -3.87 -10.40
C SER A 60 2.49 -2.56 -10.03
N ILE A 61 3.10 -2.53 -8.85
CA ILE A 61 3.79 -1.34 -8.38
C ILE A 61 5.27 -1.61 -8.09
N LYS A 62 5.68 -2.86 -8.25
CA LYS A 62 7.07 -3.25 -8.00
C LYS A 62 8.02 -2.46 -8.90
N GLY A 63 7.54 -2.09 -10.09
CA GLY A 63 8.36 -1.34 -11.01
C GLY A 63 8.23 0.16 -10.83
N LYS A 64 7.09 0.60 -10.30
CA LYS A 64 6.85 2.01 -10.07
C LYS A 64 7.65 2.52 -8.88
N THR A 65 7.84 3.84 -8.82
CA THR A 65 8.60 4.45 -7.74
C THR A 65 7.69 4.76 -6.55
N LYS A 66 8.30 5.01 -5.39
CA LYS A 66 7.55 5.32 -4.18
C LYS A 66 6.58 6.47 -4.42
N VAL A 67 7.03 7.46 -5.19
CA VAL A 67 6.20 8.62 -5.49
C VAL A 67 5.04 8.24 -6.40
N GLU A 68 5.30 7.31 -7.32
CA GLU A 68 4.27 6.87 -8.25
C GLU A 68 3.18 6.08 -7.54
N VAL A 69 3.59 5.10 -6.73
CA VAL A 69 2.65 4.27 -5.99
C VAL A 69 1.81 5.12 -5.04
N ALA A 70 2.47 5.98 -4.27
CA ALA A 70 1.79 6.84 -3.31
C ALA A 70 0.68 7.65 -4.01
N LYS A 71 1.06 8.41 -5.02
CA LYS A 71 0.11 9.23 -5.76
C LYS A 71 -0.97 8.36 -6.40
N MET A 72 -0.60 7.13 -6.77
CA MET A 72 -1.54 6.21 -7.39
C MET A 72 -2.68 5.87 -6.45
N ILE A 73 -2.34 5.39 -5.26
CA ILE A 73 -3.34 5.03 -4.26
C ILE A 73 -4.25 6.22 -3.95
N GLN A 74 -3.65 7.39 -3.75
CA GLN A 74 -4.39 8.59 -3.44
C GLN A 74 -5.32 8.96 -4.59
N GLU A 75 -4.94 8.57 -5.81
CA GLU A 75 -5.73 8.86 -6.99
C GLU A 75 -6.90 7.89 -7.12
N VAL A 76 -6.66 6.63 -6.74
CA VAL A 76 -7.68 5.60 -6.81
C VAL A 76 -8.91 5.98 -5.98
N LYS A 77 -10.09 5.56 -6.44
CA LYS A 77 -11.33 5.84 -5.74
C LYS A 77 -12.14 4.58 -5.52
N GLY A 78 -12.84 4.51 -4.40
CA GLY A 78 -13.65 3.35 -4.10
C GLY A 78 -12.84 2.23 -3.47
N GLU A 79 -13.36 1.00 -3.58
CA GLU A 79 -12.67 -0.16 -3.03
C GLU A 79 -11.29 -0.34 -3.66
N VAL A 80 -10.28 0.19 -2.99
CA VAL A 80 -8.91 0.08 -3.49
C VAL A 80 -8.28 -1.26 -3.10
N THR A 81 -7.75 -1.96 -4.10
CA THR A 81 -7.13 -3.26 -3.87
C THR A 81 -5.61 -3.13 -3.85
N ILE A 82 -4.97 -3.94 -3.01
CA ILE A 82 -3.51 -3.91 -2.89
C ILE A 82 -2.95 -5.33 -2.76
N HIS A 83 -1.93 -5.62 -3.56
CA HIS A 83 -1.29 -6.93 -3.54
C HIS A 83 -0.07 -6.93 -2.63
N TYR A 84 -0.23 -7.51 -1.44
CA TYR A 84 0.86 -7.57 -0.47
C TYR A 84 1.38 -9.00 -0.33
N ASN A 85 2.55 -9.15 0.30
CA ASN A 85 3.15 -10.46 0.51
C ASN A 85 3.50 -10.67 1.97
N LYS A 86 2.87 -11.67 2.58
CA LYS A 86 3.12 -11.98 3.98
C LYS A 86 4.45 -12.73 4.16
N LEU A 87 5.24 -12.32 5.14
CA LEU A 87 6.53 -12.94 5.40
C LEU A 87 6.66 -13.31 6.88
N GLU B 1 12.65 7.57 3.59
CA GLU B 1 11.48 8.43 3.73
C GLU B 1 10.22 7.70 3.32
N SER B 2 9.38 7.38 4.30
CA SER B 2 8.12 6.67 4.05
C SER B 2 7.02 7.65 3.69
N VAL B 3 6.17 7.24 2.74
CA VAL B 3 5.06 8.08 2.31
C VAL B 3 3.73 7.51 2.78
N LYS B 4 3.01 8.30 3.57
CA LYS B 4 1.70 7.88 4.09
C LYS B 4 0.61 8.12 3.06
N ILE B 5 -0.15 7.08 2.75
CA ILE B 5 -1.24 7.17 1.78
C ILE B 5 -2.40 6.27 2.15
N THR A 1 6.97 -16.22 1.19
CA THR A 1 5.97 -15.16 1.10
C THR A 1 4.59 -15.73 0.80
N VAL A 2 3.56 -15.11 1.35
CA VAL A 2 2.18 -15.55 1.14
C VAL A 2 1.40 -14.53 0.32
N PRO A 3 1.40 -14.69 -1.02
CA PRO A 3 0.67 -13.77 -1.92
C PRO A 3 -0.78 -13.56 -1.50
N GLY A 4 -1.13 -12.32 -1.17
CA GLY A 4 -2.48 -12.02 -0.77
C GLY A 4 -2.95 -10.66 -1.26
N LYS A 5 -4.13 -10.64 -1.86
CA LYS A 5 -4.69 -9.39 -2.38
C LYS A 5 -5.97 -9.01 -1.64
N VAL A 6 -5.94 -7.85 -0.98
CA VAL A 6 -7.10 -7.38 -0.22
C VAL A 6 -7.72 -6.16 -0.88
N THR A 7 -9.04 -6.04 -0.78
CA THR A 7 -9.77 -4.92 -1.37
C THR A 7 -10.34 -4.02 -0.28
N LEU A 8 -9.57 -3.00 0.11
CA LEU A 8 -10.02 -2.07 1.14
C LEU A 8 -10.56 -0.78 0.51
N GLN A 9 -11.60 -0.23 1.12
CA GLN A 9 -12.21 1.00 0.62
C GLN A 9 -11.67 2.21 1.37
N LYS A 10 -11.52 3.33 0.65
CA LYS A 10 -11.01 4.55 1.24
C LYS A 10 -11.91 5.02 2.38
N ASP A 11 -11.35 5.82 3.29
CA ASP A 11 -12.09 6.34 4.41
C ASP A 11 -12.62 7.74 4.13
N ALA A 12 -13.16 8.39 5.15
CA ALA A 12 -13.70 9.74 5.01
C ALA A 12 -12.63 10.70 4.48
N GLN A 13 -11.38 10.43 4.81
CA GLN A 13 -10.27 11.28 4.36
C GLN A 13 -9.65 10.74 3.07
N ASN A 14 -10.38 9.86 2.38
CA ASN A 14 -9.90 9.30 1.12
C ASN A 14 -8.51 8.68 1.32
N LEU A 15 -8.23 8.23 2.54
CA LEU A 15 -6.94 7.63 2.85
C LEU A 15 -7.11 6.37 3.69
N ILE A 16 -6.79 5.22 3.10
CA ILE A 16 -6.93 3.94 3.79
C ILE A 16 -6.07 3.92 5.06
N GLY A 17 -4.98 4.68 5.05
CA GLY A 17 -4.10 4.74 6.21
C GLY A 17 -3.01 3.70 6.16
N ILE A 18 -1.98 3.97 5.37
CA ILE A 18 -0.85 3.04 5.24
C ILE A 18 0.38 3.76 4.71
N SER A 19 1.53 3.52 5.34
CA SER A 19 2.78 4.14 4.92
C SER A 19 3.58 3.21 4.03
N ILE A 20 4.35 3.78 3.11
CA ILE A 20 5.16 2.99 2.19
C ILE A 20 6.53 3.63 1.98
N GLY A 21 7.51 2.82 1.61
CA GLY A 21 8.85 3.33 1.38
C GLY A 21 9.62 2.50 0.37
N GLY A 22 10.34 3.19 -0.52
CA GLY A 22 11.11 2.49 -1.53
C GLY A 22 12.04 3.42 -2.29
N GLY A 23 12.94 2.84 -3.08
CA GLY A 23 13.87 3.64 -3.85
C GLY A 23 13.42 3.84 -5.29
N ALA A 24 14.28 3.46 -6.23
CA ALA A 24 13.97 3.60 -7.65
C ALA A 24 15.06 2.99 -8.52
N GLN A 25 16.30 3.44 -8.30
CA GLN A 25 17.43 2.94 -9.07
C GLN A 25 18.12 1.79 -8.35
N TYR A 26 18.65 2.07 -7.16
CA TYR A 26 19.33 1.06 -6.36
C TYR A 26 18.32 0.16 -5.64
N CYS A 27 17.12 0.69 -5.40
CA CYS A 27 16.08 -0.08 -4.72
C CYS A 27 14.70 0.29 -5.26
N PRO A 28 14.35 -0.17 -6.47
CA PRO A 28 13.06 0.12 -7.10
C PRO A 28 11.90 -0.56 -6.36
N CYS A 29 12.20 -1.66 -5.69
CA CYS A 29 11.19 -2.41 -4.95
C CYS A 29 10.60 -1.55 -3.82
N LEU A 30 9.27 -1.56 -3.72
CA LEU A 30 8.58 -0.79 -2.70
C LEU A 30 8.24 -1.67 -1.50
N TYR A 31 7.96 -1.05 -0.37
CA TYR A 31 7.62 -1.77 0.85
C TYR A 31 6.69 -0.96 1.75
N ILE A 32 6.06 -1.63 2.71
CA ILE A 32 5.14 -0.97 3.63
C ILE A 32 5.84 -0.62 4.94
N VAL A 33 5.26 0.32 5.68
CA VAL A 33 5.84 0.74 6.95
C VAL A 33 4.98 0.29 8.13
N GLN A 34 3.77 0.85 8.23
CA GLN A 34 2.86 0.50 9.31
C GLN A 34 1.46 1.03 9.02
N VAL A 35 0.54 0.80 9.97
CA VAL A 35 -0.83 1.25 9.82
C VAL A 35 -1.21 2.23 10.92
N PHE A 36 -2.31 2.94 10.72
CA PHE A 36 -2.79 3.91 11.70
C PHE A 36 -4.02 3.38 12.43
N ASP A 37 -4.26 3.88 13.63
CA ASP A 37 -5.41 3.45 14.41
C ASP A 37 -6.70 4.07 13.89
N ASN A 38 -7.80 3.37 14.09
CA ASN A 38 -9.11 3.85 13.65
C ASN A 38 -9.16 4.02 12.13
N THR A 39 -8.36 3.23 11.43
CA THR A 39 -8.31 3.28 9.98
C THR A 39 -8.90 2.01 9.35
N PRO A 40 -9.40 2.09 8.12
CA PRO A 40 -9.98 0.94 7.43
C PRO A 40 -8.97 -0.18 7.21
N ALA A 41 -7.70 0.19 7.06
CA ALA A 41 -6.64 -0.77 6.86
C ALA A 41 -6.34 -1.55 8.14
N ALA A 42 -6.37 -0.84 9.26
CA ALA A 42 -6.11 -1.45 10.56
C ALA A 42 -7.32 -2.21 11.07
N LEU A 43 -8.48 -1.57 11.01
CA LEU A 43 -9.73 -2.18 11.46
C LEU A 43 -10.01 -3.47 10.71
N ASP A 44 -9.79 -3.44 9.40
CA ASP A 44 -10.01 -4.62 8.56
C ASP A 44 -9.00 -5.70 8.86
N GLY A 45 -7.80 -5.30 9.26
CA GLY A 45 -6.75 -6.24 9.58
C GLY A 45 -6.30 -7.03 8.36
N THR A 46 -5.35 -6.48 7.61
CA THR A 46 -4.84 -7.14 6.41
C THR A 46 -3.42 -6.67 6.10
N VAL A 47 -3.29 -5.39 5.74
CA VAL A 47 -1.98 -4.83 5.41
C VAL A 47 -1.38 -4.11 6.62
N ALA A 48 -0.05 -4.20 6.74
CA ALA A 48 0.64 -3.55 7.85
C ALA A 48 2.15 -3.69 7.70
N ALA A 49 2.88 -3.32 8.75
CA ALA A 49 4.33 -3.41 8.74
C ALA A 49 4.80 -4.82 8.40
N GLY A 50 5.79 -4.91 7.52
CA GLY A 50 6.31 -6.19 7.12
C GLY A 50 5.69 -6.70 5.83
N ASP A 51 4.40 -6.44 5.65
CA ASP A 51 3.69 -6.88 4.46
C ASP A 51 4.31 -6.26 3.21
N GLU A 52 4.94 -7.10 2.39
CA GLU A 52 5.57 -6.64 1.16
C GLU A 52 4.54 -6.37 0.07
N ILE A 53 4.32 -5.10 -0.24
CA ILE A 53 3.36 -4.73 -1.26
C ILE A 53 3.94 -4.96 -2.67
N THR A 54 3.13 -5.56 -3.54
CA THR A 54 3.57 -5.85 -4.90
C THR A 54 2.40 -5.81 -5.87
N GLY A 55 1.53 -4.82 -5.72
CA GLY A 55 0.38 -4.70 -6.60
C GLY A 55 -0.71 -3.82 -6.02
N VAL A 56 -1.45 -3.15 -6.90
CA VAL A 56 -2.53 -2.26 -6.49
C VAL A 56 -3.58 -2.14 -7.58
N ASN A 57 -4.85 -2.26 -7.19
CA ASN A 57 -5.97 -2.16 -8.14
C ASN A 57 -5.68 -2.93 -9.43
N GLY A 58 -4.91 -4.00 -9.31
CA GLY A 58 -4.57 -4.80 -10.48
C GLY A 58 -3.49 -4.18 -11.31
N ARG A 59 -2.52 -3.55 -10.65
CA ARG A 59 -1.41 -2.91 -11.35
C ARG A 59 -0.08 -3.22 -10.66
N SER A 60 0.99 -3.27 -11.45
CA SER A 60 2.32 -3.56 -10.91
C SER A 60 2.93 -2.32 -10.28
N ILE A 61 3.39 -2.47 -9.05
CA ILE A 61 4.00 -1.36 -8.32
C ILE A 61 5.49 -1.60 -8.09
N LYS A 62 5.90 -2.87 -8.10
CA LYS A 62 7.30 -3.23 -7.90
C LYS A 62 8.21 -2.46 -8.83
N GLY A 63 7.69 -2.11 -10.01
CA GLY A 63 8.49 -1.37 -10.98
C GLY A 63 8.35 0.13 -10.83
N LYS A 64 7.25 0.57 -10.23
CA LYS A 64 7.00 2.00 -10.02
C LYS A 64 7.82 2.53 -8.85
N THR A 65 7.99 3.85 -8.80
CA THR A 65 8.75 4.48 -7.73
C THR A 65 7.88 4.71 -6.51
N LYS A 66 8.50 5.13 -5.41
CA LYS A 66 7.77 5.39 -4.18
C LYS A 66 6.70 6.46 -4.39
N VAL A 67 7.06 7.51 -5.12
CA VAL A 67 6.13 8.59 -5.41
C VAL A 67 5.00 8.11 -6.31
N GLU A 68 5.32 7.18 -7.19
CA GLU A 68 4.32 6.63 -8.12
C GLU A 68 3.27 5.83 -7.37
N VAL A 69 3.72 4.90 -6.54
CA VAL A 69 2.81 4.07 -5.75
C VAL A 69 1.95 4.90 -4.83
N ALA A 70 2.58 5.85 -4.13
CA ALA A 70 1.87 6.72 -3.20
C ALA A 70 0.75 7.47 -3.91
N LYS A 71 1.08 8.14 -5.01
CA LYS A 71 0.10 8.89 -5.77
C LYS A 71 -0.98 7.96 -6.34
N MET A 72 -0.58 6.74 -6.67
CA MET A 72 -1.50 5.76 -7.23
C MET A 72 -2.63 5.48 -6.24
N ILE A 73 -2.28 5.11 -5.02
CA ILE A 73 -3.27 4.82 -3.99
C ILE A 73 -4.18 6.01 -3.75
N GLN A 74 -3.58 7.18 -3.58
CA GLN A 74 -4.33 8.40 -3.35
C GLN A 74 -5.19 8.76 -4.55
N GLU A 75 -4.78 8.30 -5.73
CA GLU A 75 -5.52 8.56 -6.95
C GLU A 75 -6.70 7.61 -7.10
N VAL A 76 -6.50 6.35 -6.71
CA VAL A 76 -7.55 5.35 -6.79
C VAL A 76 -8.76 5.76 -5.96
N LYS A 77 -9.95 5.46 -6.47
CA LYS A 77 -11.19 5.80 -5.78
C LYS A 77 -12.04 4.56 -5.56
N GLY A 78 -12.97 4.65 -4.60
CA GLY A 78 -13.85 3.53 -4.31
C GLY A 78 -13.13 2.44 -3.53
N GLU A 79 -13.42 1.19 -3.87
CA GLU A 79 -12.80 0.05 -3.20
C GLU A 79 -11.42 -0.24 -3.77
N VAL A 80 -10.39 0.26 -3.09
CA VAL A 80 -9.02 0.06 -3.54
C VAL A 80 -8.50 -1.32 -3.14
N THR A 81 -7.65 -1.89 -3.98
CA THR A 81 -7.09 -3.21 -3.71
C THR A 81 -5.56 -3.18 -3.77
N ILE A 82 -4.93 -3.93 -2.87
CA ILE A 82 -3.47 -3.99 -2.81
C ILE A 82 -2.98 -5.42 -2.61
N HIS A 83 -2.06 -5.85 -3.45
CA HIS A 83 -1.51 -7.19 -3.37
C HIS A 83 -0.30 -7.23 -2.43
N TYR A 84 -0.54 -7.56 -1.16
CA TYR A 84 0.52 -7.63 -0.18
C TYR A 84 1.09 -9.04 -0.07
N ASN A 85 2.24 -9.16 0.59
CA ASN A 85 2.88 -10.46 0.77
C ASN A 85 3.37 -10.62 2.20
N LYS A 86 2.78 -11.58 2.92
CA LYS A 86 3.16 -11.84 4.30
C LYS A 86 4.52 -12.51 4.38
N LEU A 87 5.31 -12.12 5.37
CA LEU A 87 6.65 -12.68 5.56
C LEU A 87 6.92 -12.94 7.04
N GLU B 1 12.56 8.61 4.62
CA GLU B 1 11.58 9.40 3.90
C GLU B 1 10.46 8.52 3.35
N SER B 2 9.42 8.32 4.16
CA SER B 2 8.29 7.48 3.75
C SER B 2 7.08 8.35 3.41
N VAL B 3 6.35 7.97 2.38
CA VAL B 3 5.16 8.70 1.95
C VAL B 3 3.89 8.06 2.50
N LYS B 4 3.18 8.81 3.35
CA LYS B 4 1.95 8.32 3.94
C LYS B 4 0.78 8.44 2.96
N ILE B 5 -0.04 7.40 2.89
CA ILE B 5 -1.19 7.39 2.00
C ILE B 5 -2.32 6.54 2.55
N THR A 1 6.44 -17.13 1.48
CA THR A 1 5.62 -15.95 1.75
C THR A 1 4.17 -16.18 1.32
N VAL A 2 3.31 -15.23 1.63
CA VAL A 2 1.90 -15.33 1.28
C VAL A 2 1.44 -14.13 0.46
N PRO A 3 1.62 -14.18 -0.87
CA PRO A 3 1.23 -13.09 -1.77
C PRO A 3 -0.28 -13.01 -1.94
N GLY A 4 -0.95 -12.33 -1.00
CA GLY A 4 -2.39 -12.19 -1.08
C GLY A 4 -2.83 -10.78 -1.37
N LYS A 5 -4.04 -10.62 -1.89
CA LYS A 5 -4.57 -9.31 -2.22
C LYS A 5 -5.80 -8.99 -1.37
N VAL A 6 -5.93 -7.74 -0.97
CA VAL A 6 -7.06 -7.31 -0.16
C VAL A 6 -7.72 -6.05 -0.72
N THR A 7 -9.04 -6.07 -0.83
CA THR A 7 -9.78 -4.94 -1.37
C THR A 7 -10.23 -4.00 -0.24
N LEU A 8 -9.39 -3.02 0.07
CA LEU A 8 -9.71 -2.06 1.13
C LEU A 8 -10.54 -0.91 0.58
N GLN A 9 -11.45 -0.40 1.41
CA GLN A 9 -12.30 0.72 1.01
C GLN A 9 -11.69 2.05 1.41
N LYS A 10 -11.54 2.95 0.44
CA LYS A 10 -10.95 4.26 0.70
C LYS A 10 -11.78 5.03 1.74
N ASP A 11 -11.08 5.75 2.61
CA ASP A 11 -11.75 6.52 3.65
C ASP A 11 -12.32 7.82 3.09
N ALA A 12 -12.75 8.71 3.97
CA ALA A 12 -13.32 9.99 3.56
C ALA A 12 -12.26 10.89 2.94
N GLN A 13 -11.02 10.73 3.38
CA GLN A 13 -9.91 11.54 2.86
C GLN A 13 -9.14 10.77 1.80
N ASN A 14 -9.84 9.88 1.08
CA ASN A 14 -9.22 9.08 0.02
C ASN A 14 -7.86 8.54 0.45
N LEU A 15 -7.78 8.05 1.68
CA LEU A 15 -6.54 7.49 2.21
C LEU A 15 -6.81 6.31 3.12
N ILE A 16 -6.64 5.10 2.60
CA ILE A 16 -6.86 3.89 3.36
C ILE A 16 -6.02 3.88 4.65
N GLY A 17 -4.89 4.58 4.62
CA GLY A 17 -4.04 4.65 5.78
C GLY A 17 -3.02 3.52 5.83
N ILE A 18 -1.91 3.69 5.12
CA ILE A 18 -0.85 2.70 5.08
C ILE A 18 0.45 3.29 4.54
N SER A 19 1.51 3.20 5.33
CA SER A 19 2.81 3.73 4.91
C SER A 19 3.57 2.70 4.09
N ILE A 20 4.45 3.19 3.21
CA ILE A 20 5.24 2.32 2.35
C ILE A 20 6.58 2.95 2.02
N GLY A 21 7.59 2.11 1.79
CA GLY A 21 8.91 2.61 1.46
C GLY A 21 9.53 1.89 0.27
N GLY A 22 9.37 2.46 -0.91
CA GLY A 22 9.92 1.86 -2.10
C GLY A 22 9.85 2.77 -3.31
N GLY A 23 10.92 2.79 -4.11
CA GLY A 23 10.95 3.64 -5.29
C GLY A 23 12.13 3.34 -6.18
N ALA A 24 13.33 3.57 -5.66
CA ALA A 24 14.56 3.33 -6.42
C ALA A 24 15.77 3.25 -5.50
N GLN A 25 16.96 3.36 -6.08
CA GLN A 25 18.20 3.32 -5.31
C GLN A 25 18.37 1.94 -4.66
N TYR A 26 18.43 0.90 -5.50
CA TYR A 26 18.60 -0.46 -5.02
C TYR A 26 17.43 -0.88 -4.15
N CYS A 27 16.26 -0.31 -4.41
CA CYS A 27 15.06 -0.63 -3.64
C CYS A 27 13.80 -0.48 -4.49
N PRO A 28 13.66 -1.30 -5.55
CA PRO A 28 12.50 -1.26 -6.44
C PRO A 28 11.21 -1.61 -5.73
N CYS A 29 11.24 -2.70 -4.96
CA CYS A 29 10.07 -3.15 -4.21
C CYS A 29 9.63 -2.10 -3.19
N LEU A 30 8.46 -2.31 -2.61
CA LEU A 30 7.92 -1.38 -1.62
C LEU A 30 7.63 -2.11 -0.31
N TYR A 31 8.08 -1.53 0.80
CA TYR A 31 7.86 -2.12 2.11
C TYR A 31 6.89 -1.29 2.94
N ILE A 32 5.84 -1.93 3.45
CA ILE A 32 4.84 -1.24 4.26
C ILE A 32 5.36 -0.98 5.67
N VAL A 33 5.08 0.23 6.17
CA VAL A 33 5.51 0.60 7.51
C VAL A 33 4.36 0.52 8.50
N GLN A 34 4.58 1.01 9.71
CA GLN A 34 3.53 0.99 10.74
C GLN A 34 2.32 1.79 10.30
N VAL A 35 1.15 1.15 10.32
CA VAL A 35 -0.09 1.81 9.93
C VAL A 35 -0.58 2.75 11.01
N PHE A 36 -1.51 3.63 10.65
CA PHE A 36 -2.07 4.58 11.60
C PHE A 36 -3.37 4.05 12.19
N ASP A 37 -3.67 4.48 13.41
CA ASP A 37 -4.89 4.04 14.09
C ASP A 37 -6.12 4.69 13.49
N ASN A 38 -7.28 4.06 13.70
CA ASN A 38 -8.54 4.58 13.18
C ASN A 38 -8.57 4.57 11.65
N THR A 39 -7.73 3.74 11.05
CA THR A 39 -7.68 3.64 9.60
C THR A 39 -8.41 2.39 9.11
N PRO A 40 -9.00 2.45 7.91
CA PRO A 40 -9.74 1.30 7.35
C PRO A 40 -8.83 0.10 7.13
N ALA A 41 -7.54 0.36 6.91
CA ALA A 41 -6.58 -0.71 6.70
C ALA A 41 -6.19 -1.36 8.02
N ALA A 42 -6.19 -0.58 9.09
CA ALA A 42 -5.85 -1.07 10.41
C ALA A 42 -7.06 -1.66 11.12
N LEU A 43 -8.24 -1.11 10.81
CA LEU A 43 -9.49 -1.57 11.42
C LEU A 43 -9.95 -2.87 10.77
N ASP A 44 -9.68 -3.01 9.47
CA ASP A 44 -10.07 -4.21 8.74
C ASP A 44 -9.14 -5.38 9.08
N GLY A 45 -7.85 -5.08 9.18
CA GLY A 45 -6.88 -6.12 9.50
C GLY A 45 -6.52 -6.96 8.28
N THR A 46 -5.51 -6.52 7.53
CA THR A 46 -5.07 -7.24 6.35
C THR A 46 -3.64 -6.88 6.00
N VAL A 47 -3.34 -5.59 5.98
CA VAL A 47 -2.00 -5.10 5.66
C VAL A 47 -1.46 -4.21 6.76
N ALA A 48 -0.19 -4.41 7.11
CA ALA A 48 0.45 -3.62 8.16
C ALA A 48 1.97 -3.79 8.12
N ALA A 49 2.66 -3.17 9.07
CA ALA A 49 4.11 -3.25 9.16
C ALA A 49 4.56 -4.70 9.27
N GLY A 50 4.82 -5.32 8.12
CA GLY A 50 5.27 -6.71 8.12
C GLY A 50 5.16 -7.33 6.73
N ASP A 51 4.20 -6.88 5.95
CA ASP A 51 4.00 -7.40 4.60
C ASP A 51 4.79 -6.59 3.58
N GLU A 52 4.73 -7.02 2.32
CA GLU A 52 5.44 -6.33 1.25
C GLU A 52 4.51 -6.05 0.07
N ILE A 53 4.13 -4.78 -0.08
CA ILE A 53 3.24 -4.39 -1.17
C ILE A 53 3.94 -4.47 -2.52
N THR A 54 3.18 -4.80 -3.56
CA THR A 54 3.72 -4.92 -4.90
C THR A 54 2.62 -5.02 -5.94
N GLY A 55 1.51 -4.33 -5.67
CA GLY A 55 0.38 -4.35 -6.60
C GLY A 55 -0.78 -3.51 -6.11
N VAL A 56 -1.49 -2.88 -7.04
CA VAL A 56 -2.64 -2.05 -6.68
C VAL A 56 -3.63 -1.98 -7.85
N ASN A 57 -4.87 -2.37 -7.59
CA ASN A 57 -5.91 -2.34 -8.61
C ASN A 57 -5.53 -3.21 -9.81
N GLY A 58 -4.88 -4.32 -9.53
CA GLY A 58 -4.46 -5.22 -10.59
C GLY A 58 -3.28 -4.70 -11.38
N ARG A 59 -2.65 -3.63 -10.87
CA ARG A 59 -1.50 -3.04 -11.55
C ARG A 59 -0.21 -3.32 -10.77
N SER A 60 0.87 -3.55 -11.51
CA SER A 60 2.17 -3.83 -10.89
C SER A 60 2.87 -2.54 -10.49
N ILE A 61 3.08 -2.35 -9.20
CA ILE A 61 3.74 -1.16 -8.70
C ILE A 61 5.25 -1.39 -8.52
N LYS A 62 5.76 -2.47 -9.12
CA LYS A 62 7.17 -2.78 -9.03
C LYS A 62 8.00 -1.81 -9.86
N GLY A 63 7.41 -1.30 -10.94
CA GLY A 63 8.12 -0.37 -11.80
C GLY A 63 7.66 1.06 -11.59
N LYS A 64 7.58 1.47 -10.33
CA LYS A 64 7.16 2.83 -9.99
C LYS A 64 7.94 3.36 -8.80
N THR A 65 8.10 4.68 -8.75
CA THR A 65 8.84 5.32 -7.66
C THR A 65 7.94 5.50 -6.44
N LYS A 66 8.54 5.92 -5.33
CA LYS A 66 7.80 6.13 -4.09
C LYS A 66 6.67 7.14 -4.30
N VAL A 67 7.01 8.29 -4.87
CA VAL A 67 6.03 9.34 -5.12
C VAL A 67 4.98 8.87 -6.12
N GLU A 68 5.38 7.98 -7.02
CA GLU A 68 4.48 7.46 -8.04
C GLU A 68 3.42 6.54 -7.41
N VAL A 69 3.89 5.58 -6.62
CA VAL A 69 3.00 4.64 -5.94
C VAL A 69 2.03 5.36 -5.03
N ALA A 70 2.55 6.28 -4.23
CA ALA A 70 1.74 7.05 -3.30
C ALA A 70 0.66 7.84 -4.03
N LYS A 71 1.03 8.41 -5.17
CA LYS A 71 0.09 9.18 -5.98
C LYS A 71 -1.02 8.30 -6.52
N MET A 72 -0.66 7.08 -6.90
CA MET A 72 -1.63 6.13 -7.45
C MET A 72 -2.71 5.81 -6.43
N ILE A 73 -2.28 5.41 -5.24
CA ILE A 73 -3.20 5.06 -4.16
C ILE A 73 -4.03 6.27 -3.74
N GLN A 74 -3.44 7.46 -3.87
CA GLN A 74 -4.13 8.70 -3.49
C GLN A 74 -5.14 9.10 -4.57
N GLU A 75 -4.92 8.64 -5.79
CA GLU A 75 -5.81 8.97 -6.90
C GLU A 75 -7.01 8.02 -6.92
N VAL A 76 -6.73 6.72 -6.97
CA VAL A 76 -7.79 5.72 -7.01
C VAL A 76 -8.69 5.83 -5.78
N LYS A 77 -9.99 5.69 -6.00
CA LYS A 77 -10.96 5.76 -4.91
C LYS A 77 -11.77 4.47 -4.81
N GLY A 78 -12.78 4.48 -3.94
CA GLY A 78 -13.61 3.30 -3.76
C GLY A 78 -12.82 2.09 -3.32
N GLU A 79 -13.45 0.92 -3.37
CA GLU A 79 -12.81 -0.32 -2.96
C GLU A 79 -11.56 -0.57 -3.80
N VAL A 80 -10.39 -0.39 -3.20
CA VAL A 80 -9.13 -0.61 -3.90
C VAL A 80 -8.45 -1.88 -3.42
N THR A 81 -7.83 -2.60 -4.35
CA THR A 81 -7.13 -3.84 -4.02
C THR A 81 -5.63 -3.64 -4.04
N ILE A 82 -4.94 -4.29 -3.09
CA ILE A 82 -3.50 -4.18 -2.98
C ILE A 82 -2.87 -5.56 -2.79
N HIS A 83 -1.83 -5.84 -3.56
CA HIS A 83 -1.14 -7.12 -3.49
C HIS A 83 0.01 -7.05 -2.49
N TYR A 84 -0.18 -7.66 -1.32
CA TYR A 84 0.84 -7.66 -0.28
C TYR A 84 1.40 -9.06 -0.08
N ASN A 85 2.66 -9.14 0.33
CA ASN A 85 3.30 -10.43 0.56
C ASN A 85 3.73 -10.57 2.03
N LYS A 86 3.30 -11.65 2.66
CA LYS A 86 3.63 -11.90 4.06
C LYS A 86 4.95 -12.67 4.17
N LEU A 87 5.86 -12.13 4.98
CA LEU A 87 7.17 -12.77 5.18
C LEU A 87 7.34 -13.26 6.61
N GLU B 1 12.45 7.40 5.38
CA GLU B 1 11.65 8.33 4.59
C GLU B 1 10.61 7.57 3.77
N SER B 2 9.50 7.23 4.41
CA SER B 2 8.42 6.50 3.74
C SER B 2 7.25 7.43 3.42
N VAL B 3 6.36 6.98 2.55
CA VAL B 3 5.20 7.78 2.16
C VAL B 3 3.91 7.17 2.73
N LYS B 4 3.14 8.01 3.42
CA LYS B 4 1.88 7.56 4.01
C LYS B 4 0.71 7.90 3.10
N ILE B 5 0.00 6.87 2.66
CA ILE B 5 -1.16 7.04 1.78
C ILE B 5 -2.30 6.13 2.18
N THR A 1 7.45 -15.35 -0.29
CA THR A 1 6.46 -14.30 -0.44
C THR A 1 5.09 -14.87 -0.78
N VAL A 2 4.14 -14.71 0.13
CA VAL A 2 2.79 -15.22 -0.09
C VAL A 2 1.92 -14.17 -0.79
N PRO A 3 1.61 -14.37 -2.08
CA PRO A 3 0.78 -13.43 -2.84
C PRO A 3 -0.64 -13.34 -2.30
N GLY A 4 -0.95 -12.23 -1.64
CA GLY A 4 -2.28 -12.04 -1.08
C GLY A 4 -2.85 -10.67 -1.39
N LYS A 5 -3.99 -10.66 -2.07
CA LYS A 5 -4.64 -9.39 -2.43
C LYS A 5 -5.83 -9.11 -1.52
N VAL A 6 -5.98 -7.85 -1.13
CA VAL A 6 -7.09 -7.45 -0.27
C VAL A 6 -7.74 -6.17 -0.77
N THR A 7 -9.07 -6.18 -0.86
CA THR A 7 -9.81 -5.01 -1.33
C THR A 7 -10.19 -4.11 -0.16
N LEU A 8 -9.41 -3.06 0.05
CA LEU A 8 -9.68 -2.11 1.13
C LEU A 8 -10.22 -0.79 0.58
N GLN A 9 -11.24 -0.27 1.24
CA GLN A 9 -11.85 0.98 0.83
C GLN A 9 -11.07 2.18 1.36
N LYS A 10 -11.38 3.37 0.84
CA LYS A 10 -10.70 4.59 1.26
C LYS A 10 -11.43 5.25 2.42
N ASP A 11 -10.66 5.78 3.37
CA ASP A 11 -11.24 6.43 4.53
C ASP A 11 -11.99 7.70 4.12
N ALA A 12 -12.43 8.46 5.11
CA ALA A 12 -13.16 9.70 4.85
C ALA A 12 -12.29 10.72 4.14
N GLN A 13 -10.98 10.65 4.37
CA GLN A 13 -10.03 11.57 3.76
C GLN A 13 -9.41 10.95 2.51
N ASN A 14 -10.12 10.01 1.89
CA ASN A 14 -9.62 9.35 0.69
C ASN A 14 -8.23 8.75 0.90
N LEU A 15 -8.00 8.24 2.11
CA LEU A 15 -6.71 7.65 2.45
C LEU A 15 -6.90 6.39 3.29
N ILE A 16 -6.64 5.23 2.67
CA ILE A 16 -6.78 3.95 3.36
C ILE A 16 -5.97 3.93 4.65
N GLY A 17 -4.91 4.72 4.69
CA GLY A 17 -4.06 4.77 5.87
C GLY A 17 -3.02 3.67 5.90
N ILE A 18 -1.92 3.87 5.18
CA ILE A 18 -0.85 2.88 5.12
C ILE A 18 0.43 3.50 4.58
N SER A 19 1.47 3.51 5.39
CA SER A 19 2.75 4.08 4.98
C SER A 19 3.57 3.05 4.21
N ILE A 20 4.25 3.51 3.15
CA ILE A 20 5.06 2.62 2.33
C ILE A 20 6.41 3.25 2.00
N GLY A 21 7.29 2.48 1.37
CA GLY A 21 8.60 2.98 1.01
C GLY A 21 9.17 2.26 -0.19
N GLY A 22 9.67 3.04 -1.16
CA GLY A 22 10.25 2.45 -2.35
C GLY A 22 11.41 3.26 -2.90
N GLY A 23 12.12 2.69 -3.86
CA GLY A 23 13.26 3.37 -4.45
C GLY A 23 13.23 3.37 -5.96
N ALA A 24 12.79 2.26 -6.55
CA ALA A 24 12.71 2.15 -8.00
C ALA A 24 14.11 2.19 -8.62
N GLN A 25 14.21 1.68 -9.86
CA GLN A 25 15.48 1.66 -10.57
C GLN A 25 16.44 0.66 -9.95
N TYR A 26 16.86 0.92 -8.71
CA TYR A 26 17.77 0.04 -8.00
C TYR A 26 17.07 -0.74 -6.91
N CYS A 27 16.03 -0.14 -6.34
CA CYS A 27 15.26 -0.78 -5.27
C CYS A 27 13.77 -0.57 -5.47
N PRO A 28 13.20 -1.14 -6.54
CA PRO A 28 11.77 -1.02 -6.83
C PRO A 28 10.90 -1.75 -5.82
N CYS A 29 11.45 -2.79 -5.21
CA CYS A 29 10.73 -3.58 -4.21
C CYS A 29 10.26 -2.69 -3.06
N LEU A 30 9.00 -2.26 -3.12
CA LEU A 30 8.42 -1.42 -2.09
C LEU A 30 8.09 -2.24 -0.85
N TYR A 31 7.76 -1.56 0.25
CA TYR A 31 7.41 -2.23 1.49
C TYR A 31 6.63 -1.31 2.42
N ILE A 32 5.68 -1.89 3.15
CA ILE A 32 4.87 -1.12 4.08
C ILE A 32 5.67 -0.73 5.32
N VAL A 33 5.20 0.28 6.05
CA VAL A 33 5.89 0.75 7.24
C VAL A 33 5.04 0.57 8.48
N GLN A 34 3.96 1.33 8.58
CA GLN A 34 3.07 1.26 9.74
C GLN A 34 1.70 1.86 9.42
N VAL A 35 0.67 1.30 10.04
CA VAL A 35 -0.71 1.77 9.84
C VAL A 35 -1.13 2.71 10.97
N PHE A 36 -2.15 3.51 10.70
CA PHE A 36 -2.65 4.46 11.70
C PHE A 36 -4.02 4.02 12.20
N ASP A 37 -4.27 4.26 13.48
CA ASP A 37 -5.54 3.88 14.09
C ASP A 37 -6.71 4.62 13.44
N ASN A 38 -7.88 4.01 13.51
CA ASN A 38 -9.10 4.61 12.93
C ASN A 38 -9.06 4.58 11.41
N THR A 39 -8.19 3.76 10.84
CA THR A 39 -8.08 3.65 9.39
C THR A 39 -8.64 2.31 8.91
N PRO A 40 -9.16 2.28 7.68
CA PRO A 40 -9.73 1.05 7.09
C PRO A 40 -8.72 -0.09 7.05
N ALA A 41 -7.44 0.27 6.93
CA ALA A 41 -6.37 -0.73 6.87
C ALA A 41 -6.07 -1.27 8.26
N ALA A 42 -6.19 -0.43 9.28
CA ALA A 42 -5.93 -0.84 10.65
C ALA A 42 -7.19 -1.44 11.29
N LEU A 43 -8.35 -1.03 10.81
CA LEU A 43 -9.61 -1.54 11.34
C LEU A 43 -9.90 -2.94 10.82
N ASP A 44 -9.62 -3.17 9.54
CA ASP A 44 -9.85 -4.47 8.93
C ASP A 44 -8.82 -5.49 9.41
N GLY A 45 -7.55 -5.11 9.34
CA GLY A 45 -6.49 -6.01 9.77
C GLY A 45 -5.95 -6.85 8.64
N THR A 46 -5.29 -6.22 7.68
CA THR A 46 -4.73 -6.93 6.53
C THR A 46 -3.32 -6.44 6.23
N VAL A 47 -3.22 -5.20 5.77
CA VAL A 47 -1.93 -4.61 5.44
C VAL A 47 -1.40 -3.77 6.60
N ALA A 48 -0.11 -3.93 6.90
CA ALA A 48 0.52 -3.19 7.99
C ALA A 48 2.02 -3.48 8.06
N ALA A 49 2.67 -2.97 9.10
CA ALA A 49 4.10 -3.17 9.29
C ALA A 49 4.45 -4.65 9.29
N GLY A 50 4.86 -5.16 8.13
CA GLY A 50 5.22 -6.55 8.01
C GLY A 50 4.94 -7.11 6.63
N ASP A 51 3.89 -6.60 5.99
CA ASP A 51 3.51 -7.05 4.66
C ASP A 51 4.29 -6.29 3.59
N GLU A 52 4.51 -6.94 2.44
CA GLU A 52 5.23 -6.33 1.34
C GLU A 52 4.31 -5.99 0.18
N ILE A 53 4.07 -4.70 -0.02
CA ILE A 53 3.19 -4.25 -1.11
C ILE A 53 3.84 -4.48 -2.47
N THR A 54 3.13 -5.20 -3.33
CA THR A 54 3.64 -5.50 -4.66
C THR A 54 2.51 -5.48 -5.70
N GLY A 55 1.54 -4.61 -5.48
CA GLY A 55 0.42 -4.49 -6.40
C GLY A 55 -0.64 -3.53 -5.92
N VAL A 56 -1.59 -3.20 -6.80
CA VAL A 56 -2.66 -2.28 -6.45
C VAL A 56 -3.78 -2.32 -7.50
N ASN A 57 -4.95 -2.80 -7.09
CA ASN A 57 -6.09 -2.90 -7.99
C ASN A 57 -5.76 -3.74 -9.22
N GLY A 58 -4.80 -4.64 -9.07
CA GLY A 58 -4.40 -5.49 -10.19
C GLY A 58 -3.10 -5.04 -10.82
N ARG A 59 -2.82 -3.75 -10.73
CA ARG A 59 -1.59 -3.19 -11.30
C ARG A 59 -0.37 -3.65 -10.51
N SER A 60 0.77 -3.71 -11.19
CA SER A 60 2.02 -4.13 -10.55
C SER A 60 2.86 -2.92 -10.15
N ILE A 61 3.11 -2.80 -8.85
CA ILE A 61 3.90 -1.70 -8.33
C ILE A 61 5.38 -2.05 -8.23
N LYS A 62 5.77 -3.16 -8.87
CA LYS A 62 7.16 -3.60 -8.85
C LYS A 62 8.05 -2.63 -9.61
N GLY A 63 7.47 -1.94 -10.59
CA GLY A 63 8.24 -0.99 -11.38
C GLY A 63 7.79 0.44 -11.15
N LYS A 64 7.69 0.83 -9.89
CA LYS A 64 7.28 2.19 -9.54
C LYS A 64 8.09 2.72 -8.35
N THR A 65 8.08 4.03 -8.18
CA THR A 65 8.81 4.67 -7.09
C THR A 65 7.88 4.99 -5.93
N LYS A 66 8.46 5.52 -4.84
CA LYS A 66 7.67 5.87 -3.67
C LYS A 66 6.70 7.00 -3.98
N VAL A 67 7.10 7.90 -4.86
CA VAL A 67 6.26 9.03 -5.23
C VAL A 67 5.13 8.57 -6.16
N GLU A 68 5.47 7.75 -7.14
CA GLU A 68 4.50 7.23 -8.09
C GLU A 68 3.46 6.37 -7.38
N VAL A 69 3.93 5.44 -6.56
CA VAL A 69 3.03 4.55 -5.83
C VAL A 69 2.10 5.33 -4.91
N ALA A 70 2.66 6.28 -4.18
CA ALA A 70 1.87 7.10 -3.27
C ALA A 70 0.77 7.86 -4.02
N LYS A 71 1.09 8.27 -5.24
CA LYS A 71 0.13 9.00 -6.06
C LYS A 71 -0.92 8.06 -6.65
N MET A 72 -0.49 6.86 -7.04
CA MET A 72 -1.40 5.89 -7.62
C MET A 72 -2.51 5.52 -6.63
N ILE A 73 -2.14 5.36 -5.37
CA ILE A 73 -3.11 5.02 -4.34
C ILE A 73 -4.01 6.21 -4.01
N GLN A 74 -3.40 7.38 -3.82
CA GLN A 74 -4.14 8.59 -3.52
C GLN A 74 -5.13 8.92 -4.64
N GLU A 75 -4.82 8.44 -5.84
CA GLU A 75 -5.69 8.68 -7.00
C GLU A 75 -6.88 7.73 -7.00
N VAL A 76 -6.61 6.45 -6.73
CA VAL A 76 -7.66 5.44 -6.70
C VAL A 76 -8.75 5.81 -5.70
N LYS A 77 -9.99 5.48 -6.03
CA LYS A 77 -11.12 5.77 -5.15
C LYS A 77 -11.97 4.52 -4.93
N GLY A 78 -12.88 4.60 -3.97
CA GLY A 78 -13.74 3.48 -3.67
C GLY A 78 -12.99 2.30 -3.07
N GLU A 79 -13.30 1.10 -3.53
CA GLU A 79 -12.65 -0.11 -3.02
C GLU A 79 -11.26 -0.27 -3.65
N VAL A 80 -10.23 0.11 -2.92
CA VAL A 80 -8.86 0.00 -3.41
C VAL A 80 -8.23 -1.32 -2.99
N THR A 81 -7.74 -2.07 -3.97
CA THR A 81 -7.12 -3.36 -3.70
C THR A 81 -5.60 -3.24 -3.64
N ILE A 82 -4.98 -4.02 -2.75
CA ILE A 82 -3.52 -3.99 -2.60
C ILE A 82 -2.98 -5.41 -2.46
N HIS A 83 -2.05 -5.77 -3.34
CA HIS A 83 -1.45 -7.10 -3.32
C HIS A 83 -0.21 -7.11 -2.40
N TYR A 84 -0.40 -7.63 -1.19
CA TYR A 84 0.69 -7.71 -0.23
C TYR A 84 1.29 -9.11 -0.19
N ASN A 85 2.59 -9.19 0.07
CA ASN A 85 3.28 -10.47 0.13
C ASN A 85 3.71 -10.78 1.57
N LYS A 86 3.23 -11.91 2.09
CA LYS A 86 3.58 -12.32 3.44
C LYS A 86 5.01 -12.83 3.51
N LEU A 87 5.84 -12.13 4.29
CA LEU A 87 7.24 -12.52 4.45
C LEU A 87 7.53 -12.95 5.88
N GLU B 1 12.75 7.53 4.16
CA GLU B 1 11.58 8.35 3.84
C GLU B 1 10.36 7.47 3.59
N SER B 2 9.24 7.81 4.22
CA SER B 2 8.01 7.05 4.06
C SER B 2 6.86 7.96 3.60
N VAL B 3 5.86 7.36 2.97
CA VAL B 3 4.71 8.11 2.48
C VAL B 3 3.41 7.45 2.92
N LYS B 4 2.63 8.18 3.72
CA LYS B 4 1.36 7.66 4.21
C LYS B 4 0.22 7.97 3.23
N ILE B 5 -0.39 6.92 2.70
CA ILE B 5 -1.47 7.08 1.74
C ILE B 5 -2.60 6.08 2.02
#